data_2GBZ
# 
_entry.id   2GBZ 
# 
_audit_conform.dict_name       mmcif_pdbx.dic 
_audit_conform.dict_version    5.398 
_audit_conform.dict_location   http://mmcif.pdb.org/dictionaries/ascii/mmcif_pdbx.dic 
# 
loop_
_database_2.database_id 
_database_2.database_code 
_database_2.pdbx_database_accession 
_database_2.pdbx_DOI 
PDB   2GBZ         pdb_00002gbz 10.2210/pdb2gbz/pdb 
RCSB  RCSB036936   ?            ?                   
WWPDB D_1000036936 ?            ?                   
# 
loop_
_pdbx_audit_revision_history.ordinal 
_pdbx_audit_revision_history.data_content_type 
_pdbx_audit_revision_history.major_revision 
_pdbx_audit_revision_history.minor_revision 
_pdbx_audit_revision_history.revision_date 
1 'Structure model' 1 0 2007-01-16 
2 'Structure model' 1 1 2008-05-01 
3 'Structure model' 1 2 2011-07-13 
4 'Structure model' 1 3 2017-10-18 
5 'Structure model' 1 4 2024-11-13 
# 
_pdbx_audit_revision_details.ordinal             1 
_pdbx_audit_revision_details.revision_ordinal    1 
_pdbx_audit_revision_details.data_content_type   'Structure model' 
_pdbx_audit_revision_details.provider            repository 
_pdbx_audit_revision_details.type                'Initial release' 
_pdbx_audit_revision_details.description         ? 
_pdbx_audit_revision_details.details             ? 
# 
loop_
_pdbx_audit_revision_group.ordinal 
_pdbx_audit_revision_group.revision_ordinal 
_pdbx_audit_revision_group.data_content_type 
_pdbx_audit_revision_group.group 
1 2 'Structure model' 'Version format compliance' 
2 3 'Structure model' 'Derived calculations'      
3 3 'Structure model' 'Version format compliance' 
4 4 'Structure model' 'Refinement description'    
5 5 'Structure model' 'Data collection'           
6 5 'Structure model' 'Database references'       
7 5 'Structure model' 'Derived calculations'      
8 5 'Structure model' 'Structure summary'         
# 
loop_
_pdbx_audit_revision_category.ordinal 
_pdbx_audit_revision_category.revision_ordinal 
_pdbx_audit_revision_category.data_content_type 
_pdbx_audit_revision_category.category 
1 4 'Structure model' software                  
2 5 'Structure model' chem_comp_atom            
3 5 'Structure model' chem_comp_bond            
4 5 'Structure model' database_2                
5 5 'Structure model' pdbx_entry_details        
6 5 'Structure model' pdbx_modification_feature 
7 5 'Structure model' struct_conn               
8 5 'Structure model' struct_ref_seq_dif        
9 5 'Structure model' struct_site               
# 
loop_
_pdbx_audit_revision_item.ordinal 
_pdbx_audit_revision_item.revision_ordinal 
_pdbx_audit_revision_item.data_content_type 
_pdbx_audit_revision_item.item 
1  5 'Structure model' '_database_2.pdbx_DOI'                
2  5 'Structure model' '_database_2.pdbx_database_accession' 
3  5 'Structure model' '_struct_conn.ptnr1_auth_comp_id'     
4  5 'Structure model' '_struct_conn.ptnr1_auth_seq_id'      
5  5 'Structure model' '_struct_conn.ptnr1_label_asym_id'    
6  5 'Structure model' '_struct_conn.ptnr1_label_atom_id'    
7  5 'Structure model' '_struct_conn.ptnr1_label_comp_id'    
8  5 'Structure model' '_struct_conn.ptnr1_label_seq_id'     
9  5 'Structure model' '_struct_conn.ptnr2_auth_comp_id'     
10 5 'Structure model' '_struct_conn.ptnr2_auth_seq_id'      
11 5 'Structure model' '_struct_conn.ptnr2_label_asym_id'    
12 5 'Structure model' '_struct_conn.ptnr2_label_atom_id'    
13 5 'Structure model' '_struct_conn.ptnr2_label_comp_id'    
14 5 'Structure model' '_struct_conn.ptnr2_label_seq_id'     
15 5 'Structure model' '_struct_ref_seq_dif.details'         
16 5 'Structure model' '_struct_site.pdbx_auth_asym_id'      
17 5 'Structure model' '_struct_site.pdbx_auth_comp_id'      
18 5 'Structure model' '_struct_site.pdbx_auth_seq_id'       
# 
_pdbx_database_status.status_code                     REL 
_pdbx_database_status.entry_id                        2GBZ 
_pdbx_database_status.recvd_initial_deposition_date   2006-03-12 
_pdbx_database_status.deposit_site                    RCSB 
_pdbx_database_status.process_site                    PDBJ 
_pdbx_database_status.status_code_sf                  ? 
_pdbx_database_status.status_code_mr                  ? 
_pdbx_database_status.SG_entry                        ? 
_pdbx_database_status.pdb_format_compatible           Y 
_pdbx_database_status.status_code_cs                  ? 
_pdbx_database_status.methods_development_category    ? 
_pdbx_database_status.status_code_nmr_data            ? 
# 
loop_
_audit_author.name 
_audit_author.pdbx_ordinal 
'Chin, K.H.'   1 
'Yang, C.Y.'   2 
'Chou, C.C.'   3 
'Wang, A.H.J.' 4 
'Chou, S.H.'   5 
# 
_citation.id                        primary 
_citation.title                     
;The crystal structure of XC847 from Xanthomonas campestris: a 3'-5' oligoribonuclease of DnaQ fold family with a novel opposingly shifted helix
;
_citation.journal_abbrev            Proteins 
_citation.journal_volume            65 
_citation.page_first                1036 
_citation.page_last                 1040 
_citation.year                      2006 
_citation.journal_id_ASTM           PSFGEY 
_citation.country                   US 
_citation.journal_id_ISSN           0887-3585 
_citation.journal_id_CSD            0867 
_citation.book_publisher            ? 
_citation.pdbx_database_id_PubMed   17029243 
_citation.pdbx_database_id_DOI      10.1002/prot.21148 
# 
loop_
_citation_author.citation_id 
_citation_author.name 
_citation_author.ordinal 
_citation_author.identifier_ORCID 
primary 'Chin, K.H.'   1 ? 
primary 'Yang, C.Y.'   2 ? 
primary 'Chou, C.C.'   3 ? 
primary 'Wang, A.H.J.' 4 ? 
primary 'Chou, S.H.'   5 ? 
# 
loop_
_entity.id 
_entity.type 
_entity.src_method 
_entity.pdbx_description 
_entity.formula_weight 
_entity.pdbx_number_of_molecules 
_entity.pdbx_ec 
_entity.pdbx_mutation 
_entity.pdbx_fragment 
_entity.details 
1 polymer     man Oligoribonuclease 21805.336 1  3.1.-.- ? ? ? 
2 non-polymer syn 'MAGNESIUM ION'   24.305    1  ?       ? ? ? 
3 water       nat water             18.015    70 ?       ? ? ? 
# 
_entity_poly.entity_id                      1 
_entity_poly.type                           'polypeptide(L)' 
_entity_poly.nstd_linkage                   no 
_entity_poly.nstd_monomer                   no 
_entity_poly.pdbx_seq_one_letter_code       
;MADNVAGNDRLIWIDLEMTGLDTDRDSIIEIATIVTDAQLNVLAEGPELAIAHSLETLEAMDEWNRNQHRRSGLWQRVLD
SQVTHAQAEAQTVAFLGEWIRAGASPMCGNSICQDRRFLHRQMSRLERYFHYRNLDVSTIKELARRWAPAVASGFAKSSA
HTALSDVRDSIDELRHYRQFMGTLGGDNGGGVQN
;
_entity_poly.pdbx_seq_one_letter_code_can   
;MADNVAGNDRLIWIDLEMTGLDTDRDSIIEIATIVTDAQLNVLAEGPELAIAHSLETLEAMDEWNRNQHRRSGLWQRVLD
SQVTHAQAEAQTVAFLGEWIRAGASPMCGNSICQDRRFLHRQMSRLERYFHYRNLDVSTIKELARRWAPAVASGFAKSSA
HTALSDVRDSIDELRHYRQFMGTLGGDNGGGVQN
;
_entity_poly.pdbx_strand_id                 A 
_entity_poly.pdbx_target_identifier         ? 
# 
loop_
_pdbx_entity_nonpoly.entity_id 
_pdbx_entity_nonpoly.name 
_pdbx_entity_nonpoly.comp_id 
2 'MAGNESIUM ION' MG  
3 water           HOH 
# 
loop_
_entity_poly_seq.entity_id 
_entity_poly_seq.num 
_entity_poly_seq.mon_id 
_entity_poly_seq.hetero 
1 1   MET n 
1 2   ALA n 
1 3   ASP n 
1 4   ASN n 
1 5   VAL n 
1 6   ALA n 
1 7   GLY n 
1 8   ASN n 
1 9   ASP n 
1 10  ARG n 
1 11  LEU n 
1 12  ILE n 
1 13  TRP n 
1 14  ILE n 
1 15  ASP n 
1 16  LEU n 
1 17  GLU n 
1 18  MET n 
1 19  THR n 
1 20  GLY n 
1 21  LEU n 
1 22  ASP n 
1 23  THR n 
1 24  ASP n 
1 25  ARG n 
1 26  ASP n 
1 27  SER n 
1 28  ILE n 
1 29  ILE n 
1 30  GLU n 
1 31  ILE n 
1 32  ALA n 
1 33  THR n 
1 34  ILE n 
1 35  VAL n 
1 36  THR n 
1 37  ASP n 
1 38  ALA n 
1 39  GLN n 
1 40  LEU n 
1 41  ASN n 
1 42  VAL n 
1 43  LEU n 
1 44  ALA n 
1 45  GLU n 
1 46  GLY n 
1 47  PRO n 
1 48  GLU n 
1 49  LEU n 
1 50  ALA n 
1 51  ILE n 
1 52  ALA n 
1 53  HIS n 
1 54  SER n 
1 55  LEU n 
1 56  GLU n 
1 57  THR n 
1 58  LEU n 
1 59  GLU n 
1 60  ALA n 
1 61  MET n 
1 62  ASP n 
1 63  GLU n 
1 64  TRP n 
1 65  ASN n 
1 66  ARG n 
1 67  ASN n 
1 68  GLN n 
1 69  HIS n 
1 70  ARG n 
1 71  ARG n 
1 72  SER n 
1 73  GLY n 
1 74  LEU n 
1 75  TRP n 
1 76  GLN n 
1 77  ARG n 
1 78  VAL n 
1 79  LEU n 
1 80  ASP n 
1 81  SER n 
1 82  GLN n 
1 83  VAL n 
1 84  THR n 
1 85  HIS n 
1 86  ALA n 
1 87  GLN n 
1 88  ALA n 
1 89  GLU n 
1 90  ALA n 
1 91  GLN n 
1 92  THR n 
1 93  VAL n 
1 94  ALA n 
1 95  PHE n 
1 96  LEU n 
1 97  GLY n 
1 98  GLU n 
1 99  TRP n 
1 100 ILE n 
1 101 ARG n 
1 102 ALA n 
1 103 GLY n 
1 104 ALA n 
1 105 SER n 
1 106 PRO n 
1 107 MET n 
1 108 CYS n 
1 109 GLY n 
1 110 ASN n 
1 111 SER n 
1 112 ILE n 
1 113 CYS n 
1 114 GLN n 
1 115 ASP n 
1 116 ARG n 
1 117 ARG n 
1 118 PHE n 
1 119 LEU n 
1 120 HIS n 
1 121 ARG n 
1 122 GLN n 
1 123 MET n 
1 124 SER n 
1 125 ARG n 
1 126 LEU n 
1 127 GLU n 
1 128 ARG n 
1 129 TYR n 
1 130 PHE n 
1 131 HIS n 
1 132 TYR n 
1 133 ARG n 
1 134 ASN n 
1 135 LEU n 
1 136 ASP n 
1 137 VAL n 
1 138 SER n 
1 139 THR n 
1 140 ILE n 
1 141 LYS n 
1 142 GLU n 
1 143 LEU n 
1 144 ALA n 
1 145 ARG n 
1 146 ARG n 
1 147 TRP n 
1 148 ALA n 
1 149 PRO n 
1 150 ALA n 
1 151 VAL n 
1 152 ALA n 
1 153 SER n 
1 154 GLY n 
1 155 PHE n 
1 156 ALA n 
1 157 LYS n 
1 158 SER n 
1 159 SER n 
1 160 ALA n 
1 161 HIS n 
1 162 THR n 
1 163 ALA n 
1 164 LEU n 
1 165 SER n 
1 166 ASP n 
1 167 VAL n 
1 168 ARG n 
1 169 ASP n 
1 170 SER n 
1 171 ILE n 
1 172 ASP n 
1 173 GLU n 
1 174 LEU n 
1 175 ARG n 
1 176 HIS n 
1 177 TYR n 
1 178 ARG n 
1 179 GLN n 
1 180 PHE n 
1 181 MET n 
1 182 GLY n 
1 183 THR n 
1 184 LEU n 
1 185 GLY n 
1 186 GLY n 
1 187 ASP n 
1 188 ASN n 
1 189 GLY n 
1 190 GLY n 
1 191 GLY n 
1 192 VAL n 
1 193 GLN n 
1 194 ASN n 
# 
_entity_src_gen.entity_id                          1 
_entity_src_gen.pdbx_src_id                        1 
_entity_src_gen.pdbx_alt_source_flag               sample 
_entity_src_gen.pdbx_seq_type                      ? 
_entity_src_gen.pdbx_beg_seq_num                   ? 
_entity_src_gen.pdbx_end_seq_num                   ? 
_entity_src_gen.gene_src_common_name               ? 
_entity_src_gen.gene_src_genus                     Xanthomonas 
_entity_src_gen.pdbx_gene_src_gene                 ? 
_entity_src_gen.gene_src_species                   'Xanthomonas campestris' 
_entity_src_gen.gene_src_strain                    'pv. campestris' 
_entity_src_gen.gene_src_tissue                    ? 
_entity_src_gen.gene_src_tissue_fraction           ? 
_entity_src_gen.gene_src_details                   ? 
_entity_src_gen.pdbx_gene_src_fragment             ? 
_entity_src_gen.pdbx_gene_src_scientific_name      'Xanthomonas campestris pv. campestris' 
_entity_src_gen.pdbx_gene_src_ncbi_taxonomy_id     340 
_entity_src_gen.pdbx_gene_src_variant              ? 
_entity_src_gen.pdbx_gene_src_cell_line            ? 
_entity_src_gen.pdbx_gene_src_atcc                 ? 
_entity_src_gen.pdbx_gene_src_organ                ? 
_entity_src_gen.pdbx_gene_src_organelle            ? 
_entity_src_gen.pdbx_gene_src_cell                 ? 
_entity_src_gen.pdbx_gene_src_cellular_location    ? 
_entity_src_gen.host_org_common_name               ? 
_entity_src_gen.pdbx_host_org_scientific_name      'Escherichia coli' 
_entity_src_gen.pdbx_host_org_ncbi_taxonomy_id     562 
_entity_src_gen.host_org_genus                     Escherichia 
_entity_src_gen.pdbx_host_org_gene                 ? 
_entity_src_gen.pdbx_host_org_organ                ? 
_entity_src_gen.host_org_species                   ? 
_entity_src_gen.pdbx_host_org_tissue               ? 
_entity_src_gen.pdbx_host_org_tissue_fraction      ? 
_entity_src_gen.pdbx_host_org_strain               ? 
_entity_src_gen.pdbx_host_org_variant              ? 
_entity_src_gen.pdbx_host_org_cell_line            ? 
_entity_src_gen.pdbx_host_org_atcc                 ? 
_entity_src_gen.pdbx_host_org_culture_collection   ? 
_entity_src_gen.pdbx_host_org_cell                 ? 
_entity_src_gen.pdbx_host_org_organelle            ? 
_entity_src_gen.pdbx_host_org_cellular_location    ? 
_entity_src_gen.pdbx_host_org_vector_type          ? 
_entity_src_gen.pdbx_host_org_vector               ? 
_entity_src_gen.host_org_details                   ? 
_entity_src_gen.expression_system_id               ? 
_entity_src_gen.plasmid_name                       ? 
_entity_src_gen.plasmid_details                    ? 
_entity_src_gen.pdbx_description                   ? 
# 
loop_
_chem_comp.id 
_chem_comp.type 
_chem_comp.mon_nstd_flag 
_chem_comp.name 
_chem_comp.pdbx_synonyms 
_chem_comp.formula 
_chem_comp.formula_weight 
ALA 'L-peptide linking' y ALANINE         ? 'C3 H7 N O2'     89.093  
ARG 'L-peptide linking' y ARGININE        ? 'C6 H15 N4 O2 1' 175.209 
ASN 'L-peptide linking' y ASPARAGINE      ? 'C4 H8 N2 O3'    132.118 
ASP 'L-peptide linking' y 'ASPARTIC ACID' ? 'C4 H7 N O4'     133.103 
CYS 'L-peptide linking' y CYSTEINE        ? 'C3 H7 N O2 S'   121.158 
GLN 'L-peptide linking' y GLUTAMINE       ? 'C5 H10 N2 O3'   146.144 
GLU 'L-peptide linking' y 'GLUTAMIC ACID' ? 'C5 H9 N O4'     147.129 
GLY 'peptide linking'   y GLYCINE         ? 'C2 H5 N O2'     75.067  
HIS 'L-peptide linking' y HISTIDINE       ? 'C6 H10 N3 O2 1' 156.162 
HOH non-polymer         . WATER           ? 'H2 O'           18.015  
ILE 'L-peptide linking' y ISOLEUCINE      ? 'C6 H13 N O2'    131.173 
LEU 'L-peptide linking' y LEUCINE         ? 'C6 H13 N O2'    131.173 
LYS 'L-peptide linking' y LYSINE          ? 'C6 H15 N2 O2 1' 147.195 
MET 'L-peptide linking' y METHIONINE      ? 'C5 H11 N O2 S'  149.211 
MG  non-polymer         . 'MAGNESIUM ION' ? 'Mg 2'           24.305  
PHE 'L-peptide linking' y PHENYLALANINE   ? 'C9 H11 N O2'    165.189 
PRO 'L-peptide linking' y PROLINE         ? 'C5 H9 N O2'     115.130 
SER 'L-peptide linking' y SERINE          ? 'C3 H7 N O3'     105.093 
THR 'L-peptide linking' y THREONINE       ? 'C4 H9 N O3'     119.119 
TRP 'L-peptide linking' y TRYPTOPHAN      ? 'C11 H12 N2 O2'  204.225 
TYR 'L-peptide linking' y TYROSINE        ? 'C9 H11 N O3'    181.189 
VAL 'L-peptide linking' y VALINE          ? 'C5 H11 N O2'    117.146 
# 
loop_
_pdbx_poly_seq_scheme.asym_id 
_pdbx_poly_seq_scheme.entity_id 
_pdbx_poly_seq_scheme.seq_id 
_pdbx_poly_seq_scheme.mon_id 
_pdbx_poly_seq_scheme.ndb_seq_num 
_pdbx_poly_seq_scheme.pdb_seq_num 
_pdbx_poly_seq_scheme.auth_seq_num 
_pdbx_poly_seq_scheme.pdb_mon_id 
_pdbx_poly_seq_scheme.auth_mon_id 
_pdbx_poly_seq_scheme.pdb_strand_id 
_pdbx_poly_seq_scheme.pdb_ins_code 
_pdbx_poly_seq_scheme.hetero 
A 1 1   MET 1   1   ?   ?   ?   A . n 
A 1 2   ALA 2   2   ?   ?   ?   A . n 
A 1 3   ASP 3   3   ?   ?   ?   A . n 
A 1 4   ASN 4   4   ?   ?   ?   A . n 
A 1 5   VAL 5   5   ?   ?   ?   A . n 
A 1 6   ALA 6   6   ?   ?   ?   A . n 
A 1 7   GLY 7   7   ?   ?   ?   A . n 
A 1 8   ASN 8   8   8   ASN ASN A . n 
A 1 9   ASP 9   9   9   ASP ASP A . n 
A 1 10  ARG 10  10  10  ARG ARG A . n 
A 1 11  LEU 11  11  11  LEU LEU A . n 
A 1 12  ILE 12  12  12  ILE ILE A . n 
A 1 13  TRP 13  13  13  TRP TRP A . n 
A 1 14  ILE 14  14  14  ILE ILE A . n 
A 1 15  ASP 15  15  15  ASP ASP A . n 
A 1 16  LEU 16  16  16  LEU LEU A . n 
A 1 17  GLU 17  17  17  GLU GLU A . n 
A 1 18  MET 18  18  18  MET MET A . n 
A 1 19  THR 19  19  19  THR THR A . n 
A 1 20  GLY 20  20  20  GLY GLY A . n 
A 1 21  LEU 21  21  21  LEU LEU A . n 
A 1 22  ASP 22  22  22  ASP ASP A . n 
A 1 23  THR 23  23  23  THR THR A . n 
A 1 24  ASP 24  24  24  ASP ASP A . n 
A 1 25  ARG 25  25  25  ARG ARG A . n 
A 1 26  ASP 26  26  26  ASP ASP A . n 
A 1 27  SER 27  27  27  SER SER A . n 
A 1 28  ILE 28  28  28  ILE ILE A . n 
A 1 29  ILE 29  29  29  ILE ILE A . n 
A 1 30  GLU 30  30  30  GLU GLU A . n 
A 1 31  ILE 31  31  31  ILE ILE A . n 
A 1 32  ALA 32  32  32  ALA ALA A . n 
A 1 33  THR 33  33  33  THR THR A . n 
A 1 34  ILE 34  34  34  ILE ILE A . n 
A 1 35  VAL 35  35  35  VAL VAL A . n 
A 1 36  THR 36  36  36  THR THR A . n 
A 1 37  ASP 37  37  37  ASP ASP A . n 
A 1 38  ALA 38  38  38  ALA ALA A . n 
A 1 39  GLN 39  39  39  GLN GLN A . n 
A 1 40  LEU 40  40  40  LEU LEU A . n 
A 1 41  ASN 41  41  41  ASN ASN A . n 
A 1 42  VAL 42  42  42  VAL VAL A . n 
A 1 43  LEU 43  43  43  LEU LEU A . n 
A 1 44  ALA 44  44  44  ALA ALA A . n 
A 1 45  GLU 45  45  45  GLU GLU A . n 
A 1 46  GLY 46  46  46  GLY GLY A . n 
A 1 47  PRO 47  47  47  PRO PRO A . n 
A 1 48  GLU 48  48  48  GLU GLU A . n 
A 1 49  LEU 49  49  49  LEU LEU A . n 
A 1 50  ALA 50  50  50  ALA ALA A . n 
A 1 51  ILE 51  51  51  ILE ILE A . n 
A 1 52  ALA 52  52  52  ALA ALA A . n 
A 1 53  HIS 53  53  53  HIS HIS A . n 
A 1 54  SER 54  54  54  SER SER A . n 
A 1 55  LEU 55  55  55  LEU LEU A . n 
A 1 56  GLU 56  56  56  GLU GLU A . n 
A 1 57  THR 57  57  57  THR THR A . n 
A 1 58  LEU 58  58  58  LEU LEU A . n 
A 1 59  GLU 59  59  59  GLU GLU A . n 
A 1 60  ALA 60  60  60  ALA ALA A . n 
A 1 61  MET 61  61  61  MET MET A . n 
A 1 62  ASP 62  62  62  ASP ASP A . n 
A 1 63  GLU 63  63  63  GLU GLU A . n 
A 1 64  TRP 64  64  64  TRP TRP A . n 
A 1 65  ASN 65  65  65  ASN ASN A . n 
A 1 66  ARG 66  66  66  ARG ARG A . n 
A 1 67  ASN 67  67  67  ASN ASN A . n 
A 1 68  GLN 68  68  68  GLN GLN A . n 
A 1 69  HIS 69  69  69  HIS HIS A . n 
A 1 70  ARG 70  70  70  ARG ARG A . n 
A 1 71  ARG 71  71  71  ARG ARG A . n 
A 1 72  SER 72  72  72  SER SER A . n 
A 1 73  GLY 73  73  73  GLY GLY A . n 
A 1 74  LEU 74  74  74  LEU LEU A . n 
A 1 75  TRP 75  75  75  TRP TRP A . n 
A 1 76  GLN 76  76  76  GLN GLN A . n 
A 1 77  ARG 77  77  77  ARG ARG A . n 
A 1 78  VAL 78  78  78  VAL VAL A . n 
A 1 79  LEU 79  79  79  LEU LEU A . n 
A 1 80  ASP 80  80  80  ASP ASP A . n 
A 1 81  SER 81  81  81  SER SER A . n 
A 1 82  GLN 82  82  82  GLN GLN A . n 
A 1 83  VAL 83  83  83  VAL VAL A . n 
A 1 84  THR 84  84  84  THR THR A . n 
A 1 85  HIS 85  85  85  HIS HIS A . n 
A 1 86  ALA 86  86  86  ALA ALA A . n 
A 1 87  GLN 87  87  87  GLN GLN A . n 
A 1 88  ALA 88  88  88  ALA ALA A . n 
A 1 89  GLU 89  89  89  GLU GLU A . n 
A 1 90  ALA 90  90  90  ALA ALA A . n 
A 1 91  GLN 91  91  91  GLN GLN A . n 
A 1 92  THR 92  92  92  THR THR A . n 
A 1 93  VAL 93  93  93  VAL VAL A . n 
A 1 94  ALA 94  94  94  ALA ALA A . n 
A 1 95  PHE 95  95  95  PHE PHE A . n 
A 1 96  LEU 96  96  96  LEU LEU A . n 
A 1 97  GLY 97  97  97  GLY GLY A . n 
A 1 98  GLU 98  98  98  GLU GLU A . n 
A 1 99  TRP 99  99  99  TRP TRP A . n 
A 1 100 ILE 100 100 100 ILE ILE A . n 
A 1 101 ARG 101 101 101 ARG ARG A . n 
A 1 102 ALA 102 102 102 ALA ALA A . n 
A 1 103 GLY 103 103 103 GLY GLY A . n 
A 1 104 ALA 104 104 104 ALA ALA A . n 
A 1 105 SER 105 105 105 SER SER A . n 
A 1 106 PRO 106 106 106 PRO PRO A . n 
A 1 107 MET 107 107 107 MET MET A . n 
A 1 108 CYS 108 108 108 CYS CYS A . n 
A 1 109 GLY 109 109 109 GLY GLY A . n 
A 1 110 ASN 110 110 110 ASN ASN A . n 
A 1 111 SER 111 111 111 SER SER A . n 
A 1 112 ILE 112 112 112 ILE ILE A . n 
A 1 113 CYS 113 113 113 CYS CYS A . n 
A 1 114 GLN 114 114 114 GLN GLN A . n 
A 1 115 ASP 115 115 115 ASP ASP A . n 
A 1 116 ARG 116 116 116 ARG ARG A . n 
A 1 117 ARG 117 117 117 ARG ARG A . n 
A 1 118 PHE 118 118 118 PHE PHE A . n 
A 1 119 LEU 119 119 119 LEU LEU A . n 
A 1 120 HIS 120 120 120 HIS HIS A . n 
A 1 121 ARG 121 121 121 ARG ARG A . n 
A 1 122 GLN 122 122 122 GLN GLN A . n 
A 1 123 MET 123 123 123 MET MET A . n 
A 1 124 SER 124 124 124 SER SER A . n 
A 1 125 ARG 125 125 125 ARG ARG A . n 
A 1 126 LEU 126 126 126 LEU LEU A . n 
A 1 127 GLU 127 127 127 GLU GLU A . n 
A 1 128 ARG 128 128 128 ARG ARG A . n 
A 1 129 TYR 129 129 129 TYR TYR A . n 
A 1 130 PHE 130 130 130 PHE PHE A . n 
A 1 131 HIS 131 131 131 HIS HIS A . n 
A 1 132 TYR 132 132 132 TYR TYR A . n 
A 1 133 ARG 133 133 133 ARG ARG A . n 
A 1 134 ASN 134 134 134 ASN ASN A . n 
A 1 135 LEU 135 135 135 LEU LEU A . n 
A 1 136 ASP 136 136 136 ASP ASP A . n 
A 1 137 VAL 137 137 137 VAL VAL A . n 
A 1 138 SER 138 138 138 SER SER A . n 
A 1 139 THR 139 139 139 THR THR A . n 
A 1 140 ILE 140 140 140 ILE ILE A . n 
A 1 141 LYS 141 141 141 LYS LYS A . n 
A 1 142 GLU 142 142 142 GLU GLU A . n 
A 1 143 LEU 143 143 143 LEU LEU A . n 
A 1 144 ALA 144 144 144 ALA ALA A . n 
A 1 145 ARG 145 145 145 ARG ARG A . n 
A 1 146 ARG 146 146 146 ARG ARG A . n 
A 1 147 TRP 147 147 147 TRP TRP A . n 
A 1 148 ALA 148 148 148 ALA ALA A . n 
A 1 149 PRO 149 149 149 PRO PRO A . n 
A 1 150 ALA 150 150 150 ALA ALA A . n 
A 1 151 VAL 151 151 151 VAL VAL A . n 
A 1 152 ALA 152 152 152 ALA ALA A . n 
A 1 153 SER 153 153 153 SER SER A . n 
A 1 154 GLY 154 154 154 GLY GLY A . n 
A 1 155 PHE 155 155 155 PHE PHE A . n 
A 1 156 ALA 156 156 156 ALA ALA A . n 
A 1 157 LYS 157 157 157 LYS LYS A . n 
A 1 158 SER 158 158 158 SER SER A . n 
A 1 159 SER 159 159 159 SER SER A . n 
A 1 160 ALA 160 160 160 ALA ALA A . n 
A 1 161 HIS 161 161 161 HIS HIS A . n 
A 1 162 THR 162 162 162 THR THR A . n 
A 1 163 ALA 163 163 163 ALA ALA A . n 
A 1 164 LEU 164 164 164 LEU LEU A . n 
A 1 165 SER 165 165 165 SER SER A . n 
A 1 166 ASP 166 166 166 ASP ASP A . n 
A 1 167 VAL 167 167 167 VAL VAL A . n 
A 1 168 ARG 168 168 168 ARG ARG A . n 
A 1 169 ASP 169 169 169 ASP ASP A . n 
A 1 170 SER 170 170 170 SER SER A . n 
A 1 171 ILE 171 171 171 ILE ILE A . n 
A 1 172 ASP 172 172 172 ASP ASP A . n 
A 1 173 GLU 173 173 173 GLU GLU A . n 
A 1 174 LEU 174 174 174 LEU LEU A . n 
A 1 175 ARG 175 175 175 ARG ARG A . n 
A 1 176 HIS 176 176 176 HIS HIS A . n 
A 1 177 TYR 177 177 177 TYR TYR A . n 
A 1 178 ARG 178 178 178 ARG ARG A . n 
A 1 179 GLN 179 179 179 GLN GLN A . n 
A 1 180 PHE 180 180 180 PHE PHE A . n 
A 1 181 MET 181 181 181 MET MET A . n 
A 1 182 GLY 182 182 182 GLY GLY A . n 
A 1 183 THR 183 183 183 THR THR A . n 
A 1 184 LEU 184 184 184 LEU LEU A . n 
A 1 185 GLY 185 185 185 GLY GLY A . n 
A 1 186 GLY 186 186 186 GLY GLY A . n 
A 1 187 ASP 187 187 ?   ?   ?   A . n 
A 1 188 ASN 188 188 ?   ?   ?   A . n 
A 1 189 GLY 189 189 ?   ?   ?   A . n 
A 1 190 GLY 190 190 ?   ?   ?   A . n 
A 1 191 GLY 191 191 ?   ?   ?   A . n 
A 1 192 VAL 192 192 ?   ?   ?   A . n 
A 1 193 GLN 193 193 ?   ?   ?   A . n 
A 1 194 ASN 194 194 ?   ?   ?   A . n 
# 
loop_
_pdbx_nonpoly_scheme.asym_id 
_pdbx_nonpoly_scheme.entity_id 
_pdbx_nonpoly_scheme.mon_id 
_pdbx_nonpoly_scheme.ndb_seq_num 
_pdbx_nonpoly_scheme.pdb_seq_num 
_pdbx_nonpoly_scheme.auth_seq_num 
_pdbx_nonpoly_scheme.pdb_mon_id 
_pdbx_nonpoly_scheme.auth_mon_id 
_pdbx_nonpoly_scheme.pdb_strand_id 
_pdbx_nonpoly_scheme.pdb_ins_code 
B 2 MG  1  5082 5082 MG  MG2 A . 
C 3 HOH 1  198  198  HOH HOH A . 
C 3 HOH 2  210  210  HOH HOH A . 
C 3 HOH 3  212  212  HOH HOH A . 
C 3 HOH 4  213  213  HOH HOH A . 
C 3 HOH 5  214  214  HOH HOH A . 
C 3 HOH 6  217  217  HOH HOH A . 
C 3 HOH 7  218  218  HOH HOH A . 
C 3 HOH 8  219  219  HOH HOH A . 
C 3 HOH 9  222  222  HOH HOH A . 
C 3 HOH 10 225  225  HOH HOH A . 
C 3 HOH 11 226  226  HOH HOH A . 
C 3 HOH 12 228  228  HOH HOH A . 
C 3 HOH 13 231  231  HOH HOH A . 
C 3 HOH 14 234  234  HOH HOH A . 
C 3 HOH 15 235  235  HOH HOH A . 
C 3 HOH 16 236  236  HOH HOH A . 
C 3 HOH 17 237  237  HOH HOH A . 
C 3 HOH 18 238  238  HOH HOH A . 
C 3 HOH 19 239  239  HOH HOH A . 
C 3 HOH 20 240  240  HOH HOH A . 
C 3 HOH 21 242  242  HOH HOH A . 
C 3 HOH 22 243  243  HOH HOH A . 
C 3 HOH 23 244  244  HOH HOH A . 
C 3 HOH 24 246  246  HOH HOH A . 
C 3 HOH 25 247  247  HOH HOH A . 
C 3 HOH 26 248  248  HOH HOH A . 
C 3 HOH 27 249  249  HOH HOH A . 
C 3 HOH 28 250  250  HOH HOH A . 
C 3 HOH 29 251  251  HOH HOH A . 
C 3 HOH 30 252  252  HOH HOH A . 
C 3 HOH 31 253  253  HOH HOH A . 
C 3 HOH 32 254  254  HOH HOH A . 
C 3 HOH 33 257  257  HOH HOH A . 
C 3 HOH 34 258  258  HOH HOH A . 
C 3 HOH 35 259  259  HOH HOH A . 
C 3 HOH 36 260  260  HOH HOH A . 
C 3 HOH 37 261  261  HOH HOH A . 
C 3 HOH 38 262  262  HOH HOH A . 
C 3 HOH 39 263  263  HOH HOH A . 
C 3 HOH 40 264  264  HOH HOH A . 
C 3 HOH 41 265  265  HOH HOH A . 
C 3 HOH 42 266  266  HOH HOH A . 
C 3 HOH 43 267  267  HOH HOH A . 
C 3 HOH 44 268  268  HOH HOH A . 
C 3 HOH 45 270  270  HOH HOH A . 
C 3 HOH 46 271  271  HOH HOH A . 
C 3 HOH 47 272  272  HOH HOH A . 
C 3 HOH 48 273  273  HOH HOH A . 
C 3 HOH 49 274  274  HOH HOH A . 
C 3 HOH 50 275  275  HOH HOH A . 
C 3 HOH 51 276  276  HOH HOH A . 
C 3 HOH 52 277  277  HOH HOH A . 
C 3 HOH 53 278  278  HOH HOH A . 
C 3 HOH 54 279  279  HOH HOH A . 
C 3 HOH 55 280  280  HOH HOH A . 
C 3 HOH 56 281  281  HOH HOH A . 
C 3 HOH 57 284  284  HOH HOH A . 
C 3 HOH 58 285  285  HOH HOH A . 
C 3 HOH 59 286  286  HOH HOH A . 
C 3 HOH 60 287  287  HOH HOH A . 
C 3 HOH 61 288  288  HOH HOH A . 
C 3 HOH 62 289  289  HOH HOH A . 
C 3 HOH 63 290  290  HOH HOH A . 
C 3 HOH 64 291  291  HOH HOH A . 
C 3 HOH 65 292  292  HOH HOH A . 
C 3 HOH 66 5081 5081 HOH HOH A . 
C 3 HOH 67 5083 5083 HOH HOH A . 
C 3 HOH 68 5084 5084 HOH HOH A . 
C 3 HOH 69 5085 5085 HOH HOH A . 
C 3 HOH 70 5086 5086 HOH HOH A . 
# 
loop_
_software.name 
_software.classification 
_software.version 
_software.citation_id 
_software.pdbx_ordinal 
CNS   refinement 1.1 ? 1 
AMoRE phasing    .   ? 2 
# 
_cell.entry_id           2GBZ 
_cell.length_a           67.540 
_cell.length_b           67.540 
_cell.length_c           89.820 
_cell.angle_alpha        90.00 
_cell.angle_beta         90.00 
_cell.angle_gamma        90.00 
_cell.Z_PDB              8 
_cell.pdbx_unique_axis   ? 
_cell.length_a_esd       ? 
_cell.length_b_esd       ? 
_cell.length_c_esd       ? 
_cell.angle_alpha_esd    ? 
_cell.angle_beta_esd     ? 
_cell.angle_gamma_esd    ? 
# 
_symmetry.entry_id                         2GBZ 
_symmetry.space_group_name_H-M             'P 43 21 2' 
_symmetry.pdbx_full_space_group_name_H-M   ? 
_symmetry.cell_setting                     ? 
_symmetry.Int_Tables_number                96 
_symmetry.space_group_name_Hall            ? 
# 
_exptl.entry_id          2GBZ 
_exptl.method            'X-RAY DIFFRACTION' 
_exptl.crystals_number   5 
# 
_exptl_crystal.id                    1 
_exptl_crystal.density_meas          ? 
_exptl_crystal.density_Matthews      2.35 
_exptl_crystal.density_percent_sol   47.62 
_exptl_crystal.description           ? 
_exptl_crystal.F_000                 ? 
_exptl_crystal.preparation           ? 
# 
_exptl_crystal_grow.crystal_id      1 
_exptl_crystal_grow.method          'LIQUID DIFFUSION' 
_exptl_crystal_grow.temp            295 
_exptl_crystal_grow.temp_details    ? 
_exptl_crystal_grow.pH              6.8 
_exptl_crystal_grow.pdbx_details    'Tris 0.1M pH 8.5, MgCl2 0.24M, PEG4KMME 25%, pH 6.8, LIQUID DIFFUSION, temperature 295K' 
_exptl_crystal_grow.pdbx_pH_range   . 
# 
_diffrn.id                     1 
_diffrn.ambient_temp           100 
_diffrn.ambient_temp_details   ? 
_diffrn.crystal_id             1 
# 
_diffrn_detector.diffrn_id              1 
_diffrn_detector.detector               'IMAGE PLATE' 
_diffrn_detector.type                   'RIGAKU RAXIS IV' 
_diffrn_detector.pdbx_collection_date   2005-05-20 
_diffrn_detector.details                ? 
# 
_diffrn_radiation.diffrn_id                        1 
_diffrn_radiation.wavelength_id                    1 
_diffrn_radiation.pdbx_monochromatic_or_laue_m_l   M 
_diffrn_radiation.monochromator                    ? 
_diffrn_radiation.pdbx_diffrn_protocol             'SINGLE WAVELENGTH' 
_diffrn_radiation.pdbx_scattering_type             x-ray 
# 
_diffrn_radiation_wavelength.id           1 
_diffrn_radiation_wavelength.wavelength   1.5418 
_diffrn_radiation_wavelength.wt           1.0 
# 
_diffrn_source.diffrn_id                   1 
_diffrn_source.source                      'ROTATING ANODE' 
_diffrn_source.type                        'RIGAKU RU300' 
_diffrn_source.pdbx_synchrotron_site       ? 
_diffrn_source.pdbx_synchrotron_beamline   ? 
_diffrn_source.pdbx_wavelength             ? 
_diffrn_source.pdbx_wavelength_list        1.5418 
# 
_reflns.entry_id                     2GBZ 
_reflns.observed_criterion_sigma_I   2.0 
_reflns.observed_criterion_sigma_F   2.0 
_reflns.d_resolution_low             47.8 
_reflns.d_resolution_high            2.1 
_reflns.number_obs                   12418 
_reflns.number_all                   12608 
_reflns.percent_possible_obs         98.5 
_reflns.pdbx_Rmerge_I_obs            ? 
_reflns.pdbx_Rsym_value              ? 
_reflns.pdbx_netI_over_sigmaI        ? 
_reflns.B_iso_Wilson_estimate        28.0 
_reflns.pdbx_redundancy              ? 
_reflns.R_free_details               ? 
_reflns.limit_h_max                  ? 
_reflns.limit_h_min                  ? 
_reflns.limit_k_max                  ? 
_reflns.limit_k_min                  ? 
_reflns.limit_l_max                  ? 
_reflns.limit_l_min                  ? 
_reflns.observed_criterion_F_max     ? 
_reflns.observed_criterion_F_min     ? 
_reflns.pdbx_chi_squared             ? 
_reflns.pdbx_scaling_rejects         ? 
_reflns.pdbx_ordinal                 1 
_reflns.pdbx_diffrn_id               1 
# 
_reflns_shell.d_res_high             2.1 
_reflns_shell.d_res_low              ? 
_reflns_shell.percent_possible_all   100 
_reflns_shell.Rmerge_I_obs           ? 
_reflns_shell.pdbx_Rsym_value        ? 
_reflns_shell.meanI_over_sigI_obs    ? 
_reflns_shell.pdbx_redundancy        ? 
_reflns_shell.percent_possible_obs   ? 
_reflns_shell.number_unique_all      ? 
_reflns_shell.number_measured_all    ? 
_reflns_shell.number_measured_obs    ? 
_reflns_shell.number_unique_obs      ? 
_reflns_shell.pdbx_chi_squared       ? 
_reflns_shell.pdbx_ordinal           1 
_reflns_shell.pdbx_diffrn_id         1 
# 
_refine.entry_id                                 2GBZ 
_refine.ls_number_reflns_obs                     9091 
_refine.ls_number_reflns_all                     9775 
_refine.pdbx_ls_sigma_I                          ? 
_refine.pdbx_ls_sigma_F                          2.0 
_refine.pdbx_data_cutoff_high_absF               509336.78 
_refine.pdbx_data_cutoff_low_absF                0.000000 
_refine.pdbx_data_cutoff_high_rms_absF           ? 
_refine.ls_d_res_low                             23.88 
_refine.ls_d_res_high                            2.30 
_refine.ls_percent_reflns_obs                    93.5 
_refine.ls_R_factor_obs                          0.203 
_refine.ls_R_factor_all                          ? 
_refine.ls_R_factor_R_work                       0.203 
_refine.ls_R_factor_R_free                       0.263 
_refine.ls_R_factor_R_free_error                 0.012 
_refine.ls_R_factor_R_free_error_details         ? 
_refine.ls_percent_reflns_R_free                 5.0 
_refine.ls_number_reflns_R_free                  459 
_refine.ls_number_parameters                     ? 
_refine.ls_number_restraints                     ? 
_refine.occupancy_min                            ? 
_refine.occupancy_max                            ? 
_refine.correlation_coeff_Fo_to_Fc               ? 
_refine.correlation_coeff_Fo_to_Fc_free          ? 
_refine.B_iso_mean                               42.9 
_refine.aniso_B[1][1]                            -3.63 
_refine.aniso_B[2][2]                            -3.63 
_refine.aniso_B[3][3]                            7.26 
_refine.aniso_B[1][2]                            0.00 
_refine.aniso_B[1][3]                            0.00 
_refine.aniso_B[2][3]                            0.00 
_refine.solvent_model_details                    'FLAT MODEL' 
_refine.solvent_model_param_ksol                 0.310183 
_refine.solvent_model_param_bsol                 31.608 
_refine.pdbx_solvent_vdw_probe_radii             ? 
_refine.pdbx_solvent_ion_probe_radii             ? 
_refine.pdbx_solvent_shrinkage_radii             ? 
_refine.pdbx_ls_cross_valid_method               THROUGHOUT 
_refine.details                                  ? 
_refine.pdbx_starting_model                      ? 
_refine.pdbx_method_to_determine_struct          'MOLECULAR REPLACEMENT' 
_refine.pdbx_isotropic_thermal_model             RESTRAINED 
_refine.pdbx_stereochemistry_target_values       ? 
_refine.pdbx_stereochem_target_val_spec_case     ? 
_refine.pdbx_R_Free_selection_details            RANDOM 
_refine.pdbx_overall_ESU_R                       ? 
_refine.pdbx_overall_ESU_R_Free                  ? 
_refine.overall_SU_ML                            ? 
_refine.overall_SU_B                             ? 
_refine.ls_redundancy_reflns_obs                 ? 
_refine.B_iso_min                                ? 
_refine.B_iso_max                                ? 
_refine.overall_SU_R_Cruickshank_DPI             ? 
_refine.overall_SU_R_free                        ? 
_refine.ls_wR_factor_R_free                      ? 
_refine.ls_wR_factor_R_work                      ? 
_refine.overall_FOM_free_R_set                   ? 
_refine.overall_FOM_work_R_set                   ? 
_refine.pdbx_refine_id                           'X-RAY DIFFRACTION' 
_refine.pdbx_diffrn_id                           1 
_refine.pdbx_TLS_residual_ADP_flag               ? 
_refine.pdbx_overall_phase_error                 ? 
_refine.pdbx_overall_SU_R_free_Cruickshank_DPI   ? 
_refine.pdbx_overall_SU_R_Blow_DPI               ? 
_refine.pdbx_overall_SU_R_free_Blow_DPI          ? 
# 
_refine_analyze.entry_id                        2GBZ 
_refine_analyze.Luzzati_coordinate_error_obs    0.27 
_refine_analyze.Luzzati_sigma_a_obs             0.26 
_refine_analyze.Luzzati_d_res_low_obs           5.00 
_refine_analyze.Luzzati_coordinate_error_free   0.35 
_refine_analyze.Luzzati_sigma_a_free            0.34 
_refine_analyze.Luzzati_d_res_low_free          ? 
_refine_analyze.number_disordered_residues      ? 
_refine_analyze.occupancy_sum_hydrogen          ? 
_refine_analyze.occupancy_sum_non_hydrogen      ? 
_refine_analyze.pdbx_Luzzati_d_res_high_obs     ? 
_refine_analyze.pdbx_refine_id                  'X-RAY DIFFRACTION' 
# 
_refine_hist.pdbx_refine_id                   'X-RAY DIFFRACTION' 
_refine_hist.cycle_id                         LAST 
_refine_hist.pdbx_number_atoms_protein        1432 
_refine_hist.pdbx_number_atoms_nucleic_acid   0 
_refine_hist.pdbx_number_atoms_ligand         1 
_refine_hist.number_atoms_solvent             70 
_refine_hist.number_atoms_total               1503 
_refine_hist.d_res_high                       2.30 
_refine_hist.d_res_low                        23.88 
# 
loop_
_refine_ls_restr.type 
_refine_ls_restr.dev_ideal 
_refine_ls_restr.dev_ideal_target 
_refine_ls_restr.weight 
_refine_ls_restr.number 
_refine_ls_restr.pdbx_refine_id 
_refine_ls_restr.pdbx_restraint_function 
c_bond_d           0.007 ?    ? ? 'X-RAY DIFFRACTION' ? 
c_angle_deg        1.2   ?    ? ? 'X-RAY DIFFRACTION' ? 
c_dihedral_angle_d 21.0  ?    ? ? 'X-RAY DIFFRACTION' ? 
c_improper_angle_d 0.62  ?    ? ? 'X-RAY DIFFRACTION' ? 
c_mcbond_it        1.23  1.50 ? ? 'X-RAY DIFFRACTION' ? 
c_mcangle_it       2.11  2.00 ? ? 'X-RAY DIFFRACTION' ? 
c_scbond_it        1.91  2.00 ? ? 'X-RAY DIFFRACTION' ? 
c_scangle_it       3.01  2.50 ? ? 'X-RAY DIFFRACTION' ? 
# 
_refine_ls_shell.pdbx_total_number_of_bins_used   6 
_refine_ls_shell.d_res_high                       2.30 
_refine_ls_shell.d_res_low                        2.44 
_refine_ls_shell.number_reflns_R_work             1346 
_refine_ls_shell.R_factor_R_work                  0.249 
_refine_ls_shell.percent_reflns_obs               89.4 
_refine_ls_shell.R_factor_R_free                  0.292 
_refine_ls_shell.R_factor_R_free_error            0.036 
_refine_ls_shell.percent_reflns_R_free            4.6 
_refine_ls_shell.number_reflns_R_free             65 
_refine_ls_shell.number_reflns_all                ? 
_refine_ls_shell.R_factor_all                     ? 
_refine_ls_shell.number_reflns_obs                ? 
_refine_ls_shell.redundancy_reflns_obs            ? 
_refine_ls_shell.pdbx_refine_id                   'X-RAY DIFFRACTION' 
# 
loop_
_pdbx_xplor_file.serial_no 
_pdbx_xplor_file.param_file 
_pdbx_xplor_file.topol_file 
_pdbx_xplor_file.pdbx_refine_id 
1 protein_rep.param protein.top 'X-RAY DIFFRACTION' 
2 water_rep.param   water.top   'X-RAY DIFFRACTION' 
3 ion.param         ion.top     'X-RAY DIFFRACTION' 
# 
_struct.entry_id                  2GBZ 
_struct.title                     
;The Crystal Structure of XC847 from Xanthomonas campestris: a 3-5 Oligoribonuclease of DnaQ fold family with a Novel Opposingly-Shifted Helix
;
_struct.pdbx_model_details        ? 
_struct.pdbx_CASP_flag            ? 
_struct.pdbx_model_type_details   ? 
# 
_struct_keywords.entry_id        2GBZ 
_struct_keywords.pdbx_keywords   HYDROLASE 
_struct_keywords.text            
;3'-5' oligoribonuclease, Orn, DEDDh, Xanthomonas campestris, structural genomics, Hydrolase
;
# 
loop_
_struct_asym.id 
_struct_asym.pdbx_blank_PDB_chainid_flag 
_struct_asym.pdbx_modified 
_struct_asym.entity_id 
_struct_asym.details 
A N N 1 ? 
B N N 2 ? 
C N N 3 ? 
# 
_struct_ref.id                         1 
_struct_ref.db_name                    UNP 
_struct_ref.db_code                    ORN_XANCP 
_struct_ref.pdbx_db_accession          Q8P8S1 
_struct_ref.entity_id                  1 
_struct_ref.pdbx_seq_one_letter_code   
;MADNVAGNDRLIWIDLEMTGLDTDRDSIIEIATIVTDAQLNVLAEGPELAIAHSLETLEAMDEWNRNQHRRSGLWQRVLD
SQVTHAQAEAQTVAFLSEWIRAGASPMCGNSICQDRRFLHRQMSRLERYFHYRNLDVSTIKELARRWAPAVASGFAKSSA
HTALSDVRDSIDELRHYRQFMGTLGGDNGGGVQN
;
_struct_ref.pdbx_align_begin           1 
_struct_ref.pdbx_db_isoform            ? 
# 
_struct_ref_seq.align_id                      1 
_struct_ref_seq.ref_id                        1 
_struct_ref_seq.pdbx_PDB_id_code              2GBZ 
_struct_ref_seq.pdbx_strand_id                A 
_struct_ref_seq.seq_align_beg                 1 
_struct_ref_seq.pdbx_seq_align_beg_ins_code   ? 
_struct_ref_seq.seq_align_end                 194 
_struct_ref_seq.pdbx_seq_align_end_ins_code   ? 
_struct_ref_seq.pdbx_db_accession             Q8P8S1 
_struct_ref_seq.db_align_beg                  1 
_struct_ref_seq.pdbx_db_align_beg_ins_code    ? 
_struct_ref_seq.db_align_end                  194 
_struct_ref_seq.pdbx_db_align_end_ins_code    ? 
_struct_ref_seq.pdbx_auth_seq_align_beg       1 
_struct_ref_seq.pdbx_auth_seq_align_end       194 
# 
_struct_ref_seq_dif.align_id                     1 
_struct_ref_seq_dif.pdbx_pdb_id_code             2GBZ 
_struct_ref_seq_dif.mon_id                       GLY 
_struct_ref_seq_dif.pdbx_pdb_strand_id           A 
_struct_ref_seq_dif.seq_num                      97 
_struct_ref_seq_dif.pdbx_pdb_ins_code            ? 
_struct_ref_seq_dif.pdbx_seq_db_name             UNP 
_struct_ref_seq_dif.pdbx_seq_db_accession_code   Q8P8S1 
_struct_ref_seq_dif.db_mon_id                    SER 
_struct_ref_seq_dif.pdbx_seq_db_seq_num          97 
_struct_ref_seq_dif.details                      conflict 
_struct_ref_seq_dif.pdbx_auth_seq_num            97 
_struct_ref_seq_dif.pdbx_ordinal                 1 
# 
loop_
_pdbx_struct_assembly.id 
_pdbx_struct_assembly.details 
_pdbx_struct_assembly.method_details 
_pdbx_struct_assembly.oligomeric_details 
_pdbx_struct_assembly.oligomeric_count 
1 author_defined_assembly   ?        monomeric 1 
2 software_defined_assembly PISA,PQS dimeric   2 
# 
loop_
_pdbx_struct_assembly_prop.biol_id 
_pdbx_struct_assembly_prop.type 
_pdbx_struct_assembly_prop.value 
_pdbx_struct_assembly_prop.details 
2 'ABSA (A^2)' 3710  ? 
2 MORE         -30   ? 
2 'SSA (A^2)'  15520 ? 
# 
loop_
_pdbx_struct_assembly_gen.assembly_id 
_pdbx_struct_assembly_gen.oper_expression 
_pdbx_struct_assembly_gen.asym_id_list 
1 1   A,B,C 
2 1,2 A,B,C 
# 
loop_
_pdbx_struct_oper_list.id 
_pdbx_struct_oper_list.type 
_pdbx_struct_oper_list.name 
_pdbx_struct_oper_list.symmetry_operation 
_pdbx_struct_oper_list.matrix[1][1] 
_pdbx_struct_oper_list.matrix[1][2] 
_pdbx_struct_oper_list.matrix[1][3] 
_pdbx_struct_oper_list.vector[1] 
_pdbx_struct_oper_list.matrix[2][1] 
_pdbx_struct_oper_list.matrix[2][2] 
_pdbx_struct_oper_list.matrix[2][3] 
_pdbx_struct_oper_list.vector[2] 
_pdbx_struct_oper_list.matrix[3][1] 
_pdbx_struct_oper_list.matrix[3][2] 
_pdbx_struct_oper_list.matrix[3][3] 
_pdbx_struct_oper_list.vector[3] 
1 'identity operation'         1_555 x,y,z  1.0000000000  0.0000000000  0.0000000000  0.0000000000   0.0000000000  1.0000000000 0.0000000000 0.0000000000  0.0000000000  0.0000000000 1.0000000000  0.0000000000   
2 'crystal symmetry operation' 7_555 y,x,-z -0.4476188714 -0.8941796862 -0.0089462117 -16.2197664337 -0.8941796862 0.4474739811 0.0144818865 -9.8445919012 -0.0089462117 0.0144818865 -0.9998551096 -17.5111874711 
# 
_struct_biol.id   1 
# 
loop_
_struct_conf.conf_type_id 
_struct_conf.id 
_struct_conf.pdbx_PDB_helix_id 
_struct_conf.beg_label_comp_id 
_struct_conf.beg_label_asym_id 
_struct_conf.beg_label_seq_id 
_struct_conf.pdbx_beg_PDB_ins_code 
_struct_conf.end_label_comp_id 
_struct_conf.end_label_asym_id 
_struct_conf.end_label_seq_id 
_struct_conf.pdbx_end_PDB_ins_code 
_struct_conf.beg_auth_comp_id 
_struct_conf.beg_auth_asym_id 
_struct_conf.beg_auth_seq_id 
_struct_conf.end_auth_comp_id 
_struct_conf.end_auth_asym_id 
_struct_conf.end_auth_seq_id 
_struct_conf.pdbx_PDB_helix_class 
_struct_conf.details 
_struct_conf.pdbx_PDB_helix_length 
HELX_P HELX_P1  1  SER A 54  ? ALA A 60  ? SER A 54  ALA A 60  1 ? 7  
HELX_P HELX_P2  2  GLU A 63  ? GLY A 73  ? GLU A 63  GLY A 73  1 ? 11 
HELX_P HELX_P3  3  GLY A 73  ? SER A 81  ? GLY A 73  SER A 81  1 ? 9  
HELX_P HELX_P4  4  THR A 84  ? GLY A 97  ? THR A 84  GLY A 97  1 ? 14 
HELX_P HELX_P5  5  SER A 111 ? MET A 123 ? SER A 111 MET A 123 1 ? 13 
HELX_P HELX_P6  6  MET A 123 ? PHE A 130 ? MET A 123 PHE A 130 1 ? 8  
HELX_P HELX_P7  7  VAL A 137 ? ALA A 148 ? VAL A 137 ALA A 148 1 ? 12 
HELX_P HELX_P8  8  PRO A 149 ? SER A 153 ? PRO A 149 SER A 153 5 ? 5  
HELX_P HELX_P9  9  THR A 162 ? GLN A 179 ? THR A 162 GLN A 179 1 ? 18 
HELX_P HELX_P10 10 MET A 181 ? GLY A 186 ? MET A 181 GLY A 186 1 ? 6  
# 
_struct_conf_type.id          HELX_P 
_struct_conf_type.criteria    ? 
_struct_conf_type.reference   ? 
# 
loop_
_struct_conn.id 
_struct_conn.conn_type_id 
_struct_conn.pdbx_leaving_atom_flag 
_struct_conn.pdbx_PDB_id 
_struct_conn.ptnr1_label_asym_id 
_struct_conn.ptnr1_label_comp_id 
_struct_conn.ptnr1_label_seq_id 
_struct_conn.ptnr1_label_atom_id 
_struct_conn.pdbx_ptnr1_label_alt_id 
_struct_conn.pdbx_ptnr1_PDB_ins_code 
_struct_conn.pdbx_ptnr1_standard_comp_id 
_struct_conn.ptnr1_symmetry 
_struct_conn.ptnr2_label_asym_id 
_struct_conn.ptnr2_label_comp_id 
_struct_conn.ptnr2_label_seq_id 
_struct_conn.ptnr2_label_atom_id 
_struct_conn.pdbx_ptnr2_label_alt_id 
_struct_conn.pdbx_ptnr2_PDB_ins_code 
_struct_conn.ptnr1_auth_asym_id 
_struct_conn.ptnr1_auth_comp_id 
_struct_conn.ptnr1_auth_seq_id 
_struct_conn.ptnr2_auth_asym_id 
_struct_conn.ptnr2_auth_comp_id 
_struct_conn.ptnr2_auth_seq_id 
_struct_conn.ptnr2_symmetry 
_struct_conn.pdbx_ptnr3_label_atom_id 
_struct_conn.pdbx_ptnr3_label_seq_id 
_struct_conn.pdbx_ptnr3_label_comp_id 
_struct_conn.pdbx_ptnr3_label_asym_id 
_struct_conn.pdbx_ptnr3_label_alt_id 
_struct_conn.pdbx_ptnr3_PDB_ins_code 
_struct_conn.details 
_struct_conn.pdbx_dist_value 
_struct_conn.pdbx_value_order 
_struct_conn.pdbx_role 
disulf1 disulf ? ? A CYS 113 SG  ? ? ? 1_555 A CYS 113 SG ? ? A CYS 113  A CYS 113  7_555 ? ? ? ? ? ? ? 2.220 ? ? 
metalc1 metalc ? ? A ASP 15  OD1 ? ? ? 1_555 B MG  .   MG ? ? A ASP 15   A MG  5082 1_555 ? ? ? ? ? ? ? 1.951 ? ? 
metalc2 metalc ? ? B MG  .   MG  ? ? ? 1_555 C HOH .   O  ? ? A MG  5082 A HOH 5083 1_555 ? ? ? ? ? ? ? 2.123 ? ? 
metalc3 metalc ? ? B MG  .   MG  ? ? ? 1_555 C HOH .   O  ? ? A MG  5082 A HOH 5084 1_555 ? ? ? ? ? ? ? 1.913 ? ? 
metalc4 metalc ? ? B MG  .   MG  ? ? ? 1_555 C HOH .   O  ? ? A MG  5082 A HOH 5085 1_555 ? ? ? ? ? ? ? 1.938 ? ? 
metalc5 metalc ? ? B MG  .   MG  ? ? ? 1_555 C HOH .   O  ? ? A MG  5082 A HOH 5086 1_555 ? ? ? ? ? ? ? 1.983 ? ? 
# 
loop_
_struct_conn_type.id 
_struct_conn_type.criteria 
_struct_conn_type.reference 
disulf ? ? 
metalc ? ? 
# 
loop_
_pdbx_struct_conn_angle.id 
_pdbx_struct_conn_angle.ptnr1_label_atom_id 
_pdbx_struct_conn_angle.ptnr1_label_alt_id 
_pdbx_struct_conn_angle.ptnr1_label_asym_id 
_pdbx_struct_conn_angle.ptnr1_label_comp_id 
_pdbx_struct_conn_angle.ptnr1_label_seq_id 
_pdbx_struct_conn_angle.ptnr1_auth_atom_id 
_pdbx_struct_conn_angle.ptnr1_auth_asym_id 
_pdbx_struct_conn_angle.ptnr1_auth_comp_id 
_pdbx_struct_conn_angle.ptnr1_auth_seq_id 
_pdbx_struct_conn_angle.ptnr1_PDB_ins_code 
_pdbx_struct_conn_angle.ptnr1_symmetry 
_pdbx_struct_conn_angle.ptnr2_label_atom_id 
_pdbx_struct_conn_angle.ptnr2_label_alt_id 
_pdbx_struct_conn_angle.ptnr2_label_asym_id 
_pdbx_struct_conn_angle.ptnr2_label_comp_id 
_pdbx_struct_conn_angle.ptnr2_label_seq_id 
_pdbx_struct_conn_angle.ptnr2_auth_atom_id 
_pdbx_struct_conn_angle.ptnr2_auth_asym_id 
_pdbx_struct_conn_angle.ptnr2_auth_comp_id 
_pdbx_struct_conn_angle.ptnr2_auth_seq_id 
_pdbx_struct_conn_angle.ptnr2_PDB_ins_code 
_pdbx_struct_conn_angle.ptnr2_symmetry 
_pdbx_struct_conn_angle.ptnr3_label_atom_id 
_pdbx_struct_conn_angle.ptnr3_label_alt_id 
_pdbx_struct_conn_angle.ptnr3_label_asym_id 
_pdbx_struct_conn_angle.ptnr3_label_comp_id 
_pdbx_struct_conn_angle.ptnr3_label_seq_id 
_pdbx_struct_conn_angle.ptnr3_auth_atom_id 
_pdbx_struct_conn_angle.ptnr3_auth_asym_id 
_pdbx_struct_conn_angle.ptnr3_auth_comp_id 
_pdbx_struct_conn_angle.ptnr3_auth_seq_id 
_pdbx_struct_conn_angle.ptnr3_PDB_ins_code 
_pdbx_struct_conn_angle.ptnr3_symmetry 
_pdbx_struct_conn_angle.value 
_pdbx_struct_conn_angle.value_esd 
1  OD1 ? A ASP 15 ? A ASP 15   ? 1_555 MG ? B MG . ? A MG 5082 ? 1_555 O ? C HOH . ? A HOH 5083 ? 1_555 103.2 ? 
2  OD1 ? A ASP 15 ? A ASP 15   ? 1_555 MG ? B MG . ? A MG 5082 ? 1_555 O ? C HOH . ? A HOH 5084 ? 1_555 91.5  ? 
3  O   ? C HOH .  ? A HOH 5083 ? 1_555 MG ? B MG . ? A MG 5082 ? 1_555 O ? C HOH . ? A HOH 5084 ? 1_555 86.0  ? 
4  OD1 ? A ASP 15 ? A ASP 15   ? 1_555 MG ? B MG . ? A MG 5082 ? 1_555 O ? C HOH . ? A HOH 5085 ? 1_555 175.9 ? 
5  O   ? C HOH .  ? A HOH 5083 ? 1_555 MG ? B MG . ? A MG 5082 ? 1_555 O ? C HOH . ? A HOH 5085 ? 1_555 77.2  ? 
6  O   ? C HOH .  ? A HOH 5084 ? 1_555 MG ? B MG . ? A MG 5082 ? 1_555 O ? C HOH . ? A HOH 5085 ? 1_555 84.4  ? 
7  OD1 ? A ASP 15 ? A ASP 15   ? 1_555 MG ? B MG . ? A MG 5082 ? 1_555 O ? C HOH . ? A HOH 5086 ? 1_555 94.8  ? 
8  O   ? C HOH .  ? A HOH 5083 ? 1_555 MG ? B MG . ? A MG 5082 ? 1_555 O ? C HOH . ? A HOH 5086 ? 1_555 159.0 ? 
9  O   ? C HOH .  ? A HOH 5084 ? 1_555 MG ? B MG . ? A MG 5082 ? 1_555 O ? C HOH . ? A HOH 5086 ? 1_555 82.7  ? 
10 O   ? C HOH .  ? A HOH 5085 ? 1_555 MG ? B MG . ? A MG 5082 ? 1_555 O ? C HOH . ? A HOH 5086 ? 1_555 84.1  ? 
# 
_pdbx_modification_feature.ordinal                            1 
_pdbx_modification_feature.label_comp_id                      CYS 
_pdbx_modification_feature.label_asym_id                      A 
_pdbx_modification_feature.label_seq_id                       113 
_pdbx_modification_feature.label_alt_id                       ? 
_pdbx_modification_feature.modified_residue_label_comp_id     CYS 
_pdbx_modification_feature.modified_residue_label_asym_id     A 
_pdbx_modification_feature.modified_residue_label_seq_id      113 
_pdbx_modification_feature.modified_residue_label_alt_id      ? 
_pdbx_modification_feature.auth_comp_id                       CYS 
_pdbx_modification_feature.auth_asym_id                       A 
_pdbx_modification_feature.auth_seq_id                        113 
_pdbx_modification_feature.PDB_ins_code                       ? 
_pdbx_modification_feature.symmetry                           1_555 
_pdbx_modification_feature.modified_residue_auth_comp_id      CYS 
_pdbx_modification_feature.modified_residue_auth_asym_id      A 
_pdbx_modification_feature.modified_residue_auth_seq_id       113 
_pdbx_modification_feature.modified_residue_PDB_ins_code      ? 
_pdbx_modification_feature.modified_residue_symmetry          7_555 
_pdbx_modification_feature.comp_id_linking_atom               SG 
_pdbx_modification_feature.modified_residue_id_linking_atom   SG 
_pdbx_modification_feature.modified_residue_id                . 
_pdbx_modification_feature.ref_pcm_id                         . 
_pdbx_modification_feature.ref_comp_id                        . 
_pdbx_modification_feature.type                               None 
_pdbx_modification_feature.category                           'Disulfide bridge' 
# 
loop_
_struct_sheet.id 
_struct_sheet.type 
_struct_sheet.number_strands 
_struct_sheet.details 
A ? 3 ? 
B ? 5 ? 
# 
loop_
_struct_sheet_order.sheet_id 
_struct_sheet_order.range_id_1 
_struct_sheet_order.range_id_2 
_struct_sheet_order.offset 
_struct_sheet_order.sense 
A 1 2 ? anti-parallel 
A 2 3 ? anti-parallel 
B 1 2 ? anti-parallel 
B 2 3 ? anti-parallel 
B 3 4 ? parallel      
B 4 5 ? parallel      
# 
loop_
_struct_sheet_range.sheet_id 
_struct_sheet_range.id 
_struct_sheet_range.beg_label_comp_id 
_struct_sheet_range.beg_label_asym_id 
_struct_sheet_range.beg_label_seq_id 
_struct_sheet_range.pdbx_beg_PDB_ins_code 
_struct_sheet_range.end_label_comp_id 
_struct_sheet_range.end_label_asym_id 
_struct_sheet_range.end_label_seq_id 
_struct_sheet_range.pdbx_end_PDB_ins_code 
_struct_sheet_range.beg_auth_comp_id 
_struct_sheet_range.beg_auth_asym_id 
_struct_sheet_range.beg_auth_seq_id 
_struct_sheet_range.end_auth_comp_id 
_struct_sheet_range.end_auth_asym_id 
_struct_sheet_range.end_auth_seq_id 
A 1 VAL A 42  ? GLU A 45  ? VAL A 42  GLU A 45  
A 2 ILE A 28  ? ASP A 37  ? ILE A 28  ASP A 37  
A 3 LEU A 49  ? ALA A 50  ? LEU A 49  ALA A 50  
B 1 VAL A 42  ? GLU A 45  ? VAL A 42  GLU A 45  
B 2 ILE A 28  ? ASP A 37  ? ILE A 28  ASP A 37  
B 3 ARG A 10  ? MET A 18  ? ARG A 10  MET A 18  
B 4 MET A 107 ? GLY A 109 ? MET A 107 GLY A 109 
B 5 ASN A 134 ? ASP A 136 ? ASN A 134 ASP A 136 
# 
loop_
_pdbx_struct_sheet_hbond.sheet_id 
_pdbx_struct_sheet_hbond.range_id_1 
_pdbx_struct_sheet_hbond.range_id_2 
_pdbx_struct_sheet_hbond.range_1_label_atom_id 
_pdbx_struct_sheet_hbond.range_1_label_comp_id 
_pdbx_struct_sheet_hbond.range_1_label_asym_id 
_pdbx_struct_sheet_hbond.range_1_label_seq_id 
_pdbx_struct_sheet_hbond.range_1_PDB_ins_code 
_pdbx_struct_sheet_hbond.range_1_auth_atom_id 
_pdbx_struct_sheet_hbond.range_1_auth_comp_id 
_pdbx_struct_sheet_hbond.range_1_auth_asym_id 
_pdbx_struct_sheet_hbond.range_1_auth_seq_id 
_pdbx_struct_sheet_hbond.range_2_label_atom_id 
_pdbx_struct_sheet_hbond.range_2_label_comp_id 
_pdbx_struct_sheet_hbond.range_2_label_asym_id 
_pdbx_struct_sheet_hbond.range_2_label_seq_id 
_pdbx_struct_sheet_hbond.range_2_PDB_ins_code 
_pdbx_struct_sheet_hbond.range_2_auth_atom_id 
_pdbx_struct_sheet_hbond.range_2_auth_comp_id 
_pdbx_struct_sheet_hbond.range_2_auth_asym_id 
_pdbx_struct_sheet_hbond.range_2_auth_seq_id 
A 1 2 O LEU A 43  ? O LEU A 43  N VAL A 35  ? N VAL A 35  
A 2 3 N ILE A 31  ? N ILE A 31  O LEU A 49  ? O LEU A 49  
B 1 2 O LEU A 43  ? O LEU A 43  N VAL A 35  ? N VAL A 35  
B 2 3 O ILE A 34  ? O ILE A 34  N TRP A 13  ? N TRP A 13  
B 3 4 N ILE A 14  ? N ILE A 14  O CYS A 108 ? O CYS A 108 
B 4 5 N MET A 107 ? N MET A 107 O LEU A 135 ? O LEU A 135 
# 
_struct_site.id                   AC1 
_struct_site.pdbx_evidence_code   Software 
_struct_site.pdbx_auth_asym_id    A 
_struct_site.pdbx_auth_comp_id    MG 
_struct_site.pdbx_auth_seq_id     5082 
_struct_site.pdbx_auth_ins_code   ? 
_struct_site.pdbx_num_residues    5 
_struct_site.details              'BINDING SITE FOR RESIDUE MG A 5082' 
# 
loop_
_struct_site_gen.id 
_struct_site_gen.site_id 
_struct_site_gen.pdbx_num_res 
_struct_site_gen.label_comp_id 
_struct_site_gen.label_asym_id 
_struct_site_gen.label_seq_id 
_struct_site_gen.pdbx_auth_ins_code 
_struct_site_gen.auth_comp_id 
_struct_site_gen.auth_asym_id 
_struct_site_gen.auth_seq_id 
_struct_site_gen.label_atom_id 
_struct_site_gen.label_alt_id 
_struct_site_gen.symmetry 
_struct_site_gen.details 
1 AC1 5 ASP A 15 ? ASP A 15   . ? 1_555 ? 
2 AC1 5 HOH C .  ? HOH A 5083 . ? 1_555 ? 
3 AC1 5 HOH C .  ? HOH A 5084 . ? 1_555 ? 
4 AC1 5 HOH C .  ? HOH A 5085 . ? 1_555 ? 
5 AC1 5 HOH C .  ? HOH A 5086 . ? 1_555 ? 
# 
_pdbx_entry_details.entry_id                   2GBZ 
_pdbx_entry_details.compound_details           ? 
_pdbx_entry_details.source_details             ? 
_pdbx_entry_details.nonpolymer_details         ? 
_pdbx_entry_details.sequence_details           ? 
_pdbx_entry_details.has_ligand_of_interest     ? 
_pdbx_entry_details.has_protein_modification   Y 
# 
loop_
_pdbx_validate_torsion.id 
_pdbx_validate_torsion.PDB_model_num 
_pdbx_validate_torsion.auth_comp_id 
_pdbx_validate_torsion.auth_asym_id 
_pdbx_validate_torsion.auth_seq_id 
_pdbx_validate_torsion.PDB_ins_code 
_pdbx_validate_torsion.label_alt_id 
_pdbx_validate_torsion.phi 
_pdbx_validate_torsion.psi 
1 1 ALA A 44  ? ? -171.11 145.31  
2 1 ASP A 62  ? ? -61.62  -146.15 
3 1 ALA A 160 ? ? -37.97  166.05  
4 1 HIS A 161 ? ? -132.01 -36.37  
# 
loop_
_pdbx_unobs_or_zero_occ_residues.id 
_pdbx_unobs_or_zero_occ_residues.PDB_model_num 
_pdbx_unobs_or_zero_occ_residues.polymer_flag 
_pdbx_unobs_or_zero_occ_residues.occupancy_flag 
_pdbx_unobs_or_zero_occ_residues.auth_asym_id 
_pdbx_unobs_or_zero_occ_residues.auth_comp_id 
_pdbx_unobs_or_zero_occ_residues.auth_seq_id 
_pdbx_unobs_or_zero_occ_residues.PDB_ins_code 
_pdbx_unobs_or_zero_occ_residues.label_asym_id 
_pdbx_unobs_or_zero_occ_residues.label_comp_id 
_pdbx_unobs_or_zero_occ_residues.label_seq_id 
1  1 Y 1 A MET 1   ? A MET 1   
2  1 Y 1 A ALA 2   ? A ALA 2   
3  1 Y 1 A ASP 3   ? A ASP 3   
4  1 Y 1 A ASN 4   ? A ASN 4   
5  1 Y 1 A VAL 5   ? A VAL 5   
6  1 Y 1 A ALA 6   ? A ALA 6   
7  1 Y 1 A GLY 7   ? A GLY 7   
8  1 Y 1 A ASP 187 ? A ASP 187 
9  1 Y 1 A ASN 188 ? A ASN 188 
10 1 Y 1 A GLY 189 ? A GLY 189 
11 1 Y 1 A GLY 190 ? A GLY 190 
12 1 Y 1 A GLY 191 ? A GLY 191 
13 1 Y 1 A VAL 192 ? A VAL 192 
14 1 Y 1 A GLN 193 ? A GLN 193 
15 1 Y 1 A ASN 194 ? A ASN 194 
# 
loop_
_chem_comp_atom.comp_id 
_chem_comp_atom.atom_id 
_chem_comp_atom.type_symbol 
_chem_comp_atom.pdbx_aromatic_flag 
_chem_comp_atom.pdbx_stereo_config 
_chem_comp_atom.pdbx_ordinal 
ALA N    N  N N 1   
ALA CA   C  N S 2   
ALA C    C  N N 3   
ALA O    O  N N 4   
ALA CB   C  N N 5   
ALA OXT  O  N N 6   
ALA H    H  N N 7   
ALA H2   H  N N 8   
ALA HA   H  N N 9   
ALA HB1  H  N N 10  
ALA HB2  H  N N 11  
ALA HB3  H  N N 12  
ALA HXT  H  N N 13  
ARG N    N  N N 14  
ARG CA   C  N S 15  
ARG C    C  N N 16  
ARG O    O  N N 17  
ARG CB   C  N N 18  
ARG CG   C  N N 19  
ARG CD   C  N N 20  
ARG NE   N  N N 21  
ARG CZ   C  N N 22  
ARG NH1  N  N N 23  
ARG NH2  N  N N 24  
ARG OXT  O  N N 25  
ARG H    H  N N 26  
ARG H2   H  N N 27  
ARG HA   H  N N 28  
ARG HB2  H  N N 29  
ARG HB3  H  N N 30  
ARG HG2  H  N N 31  
ARG HG3  H  N N 32  
ARG HD2  H  N N 33  
ARG HD3  H  N N 34  
ARG HE   H  N N 35  
ARG HH11 H  N N 36  
ARG HH12 H  N N 37  
ARG HH21 H  N N 38  
ARG HH22 H  N N 39  
ARG HXT  H  N N 40  
ASN N    N  N N 41  
ASN CA   C  N S 42  
ASN C    C  N N 43  
ASN O    O  N N 44  
ASN CB   C  N N 45  
ASN CG   C  N N 46  
ASN OD1  O  N N 47  
ASN ND2  N  N N 48  
ASN OXT  O  N N 49  
ASN H    H  N N 50  
ASN H2   H  N N 51  
ASN HA   H  N N 52  
ASN HB2  H  N N 53  
ASN HB3  H  N N 54  
ASN HD21 H  N N 55  
ASN HD22 H  N N 56  
ASN HXT  H  N N 57  
ASP N    N  N N 58  
ASP CA   C  N S 59  
ASP C    C  N N 60  
ASP O    O  N N 61  
ASP CB   C  N N 62  
ASP CG   C  N N 63  
ASP OD1  O  N N 64  
ASP OD2  O  N N 65  
ASP OXT  O  N N 66  
ASP H    H  N N 67  
ASP H2   H  N N 68  
ASP HA   H  N N 69  
ASP HB2  H  N N 70  
ASP HB3  H  N N 71  
ASP HD2  H  N N 72  
ASP HXT  H  N N 73  
CYS N    N  N N 74  
CYS CA   C  N R 75  
CYS C    C  N N 76  
CYS O    O  N N 77  
CYS CB   C  N N 78  
CYS SG   S  N N 79  
CYS OXT  O  N N 80  
CYS H    H  N N 81  
CYS H2   H  N N 82  
CYS HA   H  N N 83  
CYS HB2  H  N N 84  
CYS HB3  H  N N 85  
CYS HG   H  N N 86  
CYS HXT  H  N N 87  
GLN N    N  N N 88  
GLN CA   C  N S 89  
GLN C    C  N N 90  
GLN O    O  N N 91  
GLN CB   C  N N 92  
GLN CG   C  N N 93  
GLN CD   C  N N 94  
GLN OE1  O  N N 95  
GLN NE2  N  N N 96  
GLN OXT  O  N N 97  
GLN H    H  N N 98  
GLN H2   H  N N 99  
GLN HA   H  N N 100 
GLN HB2  H  N N 101 
GLN HB3  H  N N 102 
GLN HG2  H  N N 103 
GLN HG3  H  N N 104 
GLN HE21 H  N N 105 
GLN HE22 H  N N 106 
GLN HXT  H  N N 107 
GLU N    N  N N 108 
GLU CA   C  N S 109 
GLU C    C  N N 110 
GLU O    O  N N 111 
GLU CB   C  N N 112 
GLU CG   C  N N 113 
GLU CD   C  N N 114 
GLU OE1  O  N N 115 
GLU OE2  O  N N 116 
GLU OXT  O  N N 117 
GLU H    H  N N 118 
GLU H2   H  N N 119 
GLU HA   H  N N 120 
GLU HB2  H  N N 121 
GLU HB3  H  N N 122 
GLU HG2  H  N N 123 
GLU HG3  H  N N 124 
GLU HE2  H  N N 125 
GLU HXT  H  N N 126 
GLY N    N  N N 127 
GLY CA   C  N N 128 
GLY C    C  N N 129 
GLY O    O  N N 130 
GLY OXT  O  N N 131 
GLY H    H  N N 132 
GLY H2   H  N N 133 
GLY HA2  H  N N 134 
GLY HA3  H  N N 135 
GLY HXT  H  N N 136 
HIS N    N  N N 137 
HIS CA   C  N S 138 
HIS C    C  N N 139 
HIS O    O  N N 140 
HIS CB   C  N N 141 
HIS CG   C  Y N 142 
HIS ND1  N  Y N 143 
HIS CD2  C  Y N 144 
HIS CE1  C  Y N 145 
HIS NE2  N  Y N 146 
HIS OXT  O  N N 147 
HIS H    H  N N 148 
HIS H2   H  N N 149 
HIS HA   H  N N 150 
HIS HB2  H  N N 151 
HIS HB3  H  N N 152 
HIS HD1  H  N N 153 
HIS HD2  H  N N 154 
HIS HE1  H  N N 155 
HIS HE2  H  N N 156 
HIS HXT  H  N N 157 
HOH O    O  N N 158 
HOH H1   H  N N 159 
HOH H2   H  N N 160 
ILE N    N  N N 161 
ILE CA   C  N S 162 
ILE C    C  N N 163 
ILE O    O  N N 164 
ILE CB   C  N S 165 
ILE CG1  C  N N 166 
ILE CG2  C  N N 167 
ILE CD1  C  N N 168 
ILE OXT  O  N N 169 
ILE H    H  N N 170 
ILE H2   H  N N 171 
ILE HA   H  N N 172 
ILE HB   H  N N 173 
ILE HG12 H  N N 174 
ILE HG13 H  N N 175 
ILE HG21 H  N N 176 
ILE HG22 H  N N 177 
ILE HG23 H  N N 178 
ILE HD11 H  N N 179 
ILE HD12 H  N N 180 
ILE HD13 H  N N 181 
ILE HXT  H  N N 182 
LEU N    N  N N 183 
LEU CA   C  N S 184 
LEU C    C  N N 185 
LEU O    O  N N 186 
LEU CB   C  N N 187 
LEU CG   C  N N 188 
LEU CD1  C  N N 189 
LEU CD2  C  N N 190 
LEU OXT  O  N N 191 
LEU H    H  N N 192 
LEU H2   H  N N 193 
LEU HA   H  N N 194 
LEU HB2  H  N N 195 
LEU HB3  H  N N 196 
LEU HG   H  N N 197 
LEU HD11 H  N N 198 
LEU HD12 H  N N 199 
LEU HD13 H  N N 200 
LEU HD21 H  N N 201 
LEU HD22 H  N N 202 
LEU HD23 H  N N 203 
LEU HXT  H  N N 204 
LYS N    N  N N 205 
LYS CA   C  N S 206 
LYS C    C  N N 207 
LYS O    O  N N 208 
LYS CB   C  N N 209 
LYS CG   C  N N 210 
LYS CD   C  N N 211 
LYS CE   C  N N 212 
LYS NZ   N  N N 213 
LYS OXT  O  N N 214 
LYS H    H  N N 215 
LYS H2   H  N N 216 
LYS HA   H  N N 217 
LYS HB2  H  N N 218 
LYS HB3  H  N N 219 
LYS HG2  H  N N 220 
LYS HG3  H  N N 221 
LYS HD2  H  N N 222 
LYS HD3  H  N N 223 
LYS HE2  H  N N 224 
LYS HE3  H  N N 225 
LYS HZ1  H  N N 226 
LYS HZ2  H  N N 227 
LYS HZ3  H  N N 228 
LYS HXT  H  N N 229 
MET N    N  N N 230 
MET CA   C  N S 231 
MET C    C  N N 232 
MET O    O  N N 233 
MET CB   C  N N 234 
MET CG   C  N N 235 
MET SD   S  N N 236 
MET CE   C  N N 237 
MET OXT  O  N N 238 
MET H    H  N N 239 
MET H2   H  N N 240 
MET HA   H  N N 241 
MET HB2  H  N N 242 
MET HB3  H  N N 243 
MET HG2  H  N N 244 
MET HG3  H  N N 245 
MET HE1  H  N N 246 
MET HE2  H  N N 247 
MET HE3  H  N N 248 
MET HXT  H  N N 249 
MG  MG   MG N N 250 
PHE N    N  N N 251 
PHE CA   C  N S 252 
PHE C    C  N N 253 
PHE O    O  N N 254 
PHE CB   C  N N 255 
PHE CG   C  Y N 256 
PHE CD1  C  Y N 257 
PHE CD2  C  Y N 258 
PHE CE1  C  Y N 259 
PHE CE2  C  Y N 260 
PHE CZ   C  Y N 261 
PHE OXT  O  N N 262 
PHE H    H  N N 263 
PHE H2   H  N N 264 
PHE HA   H  N N 265 
PHE HB2  H  N N 266 
PHE HB3  H  N N 267 
PHE HD1  H  N N 268 
PHE HD2  H  N N 269 
PHE HE1  H  N N 270 
PHE HE2  H  N N 271 
PHE HZ   H  N N 272 
PHE HXT  H  N N 273 
PRO N    N  N N 274 
PRO CA   C  N S 275 
PRO C    C  N N 276 
PRO O    O  N N 277 
PRO CB   C  N N 278 
PRO CG   C  N N 279 
PRO CD   C  N N 280 
PRO OXT  O  N N 281 
PRO H    H  N N 282 
PRO HA   H  N N 283 
PRO HB2  H  N N 284 
PRO HB3  H  N N 285 
PRO HG2  H  N N 286 
PRO HG3  H  N N 287 
PRO HD2  H  N N 288 
PRO HD3  H  N N 289 
PRO HXT  H  N N 290 
SER N    N  N N 291 
SER CA   C  N S 292 
SER C    C  N N 293 
SER O    O  N N 294 
SER CB   C  N N 295 
SER OG   O  N N 296 
SER OXT  O  N N 297 
SER H    H  N N 298 
SER H2   H  N N 299 
SER HA   H  N N 300 
SER HB2  H  N N 301 
SER HB3  H  N N 302 
SER HG   H  N N 303 
SER HXT  H  N N 304 
THR N    N  N N 305 
THR CA   C  N S 306 
THR C    C  N N 307 
THR O    O  N N 308 
THR CB   C  N R 309 
THR OG1  O  N N 310 
THR CG2  C  N N 311 
THR OXT  O  N N 312 
THR H    H  N N 313 
THR H2   H  N N 314 
THR HA   H  N N 315 
THR HB   H  N N 316 
THR HG1  H  N N 317 
THR HG21 H  N N 318 
THR HG22 H  N N 319 
THR HG23 H  N N 320 
THR HXT  H  N N 321 
TRP N    N  N N 322 
TRP CA   C  N S 323 
TRP C    C  N N 324 
TRP O    O  N N 325 
TRP CB   C  N N 326 
TRP CG   C  Y N 327 
TRP CD1  C  Y N 328 
TRP CD2  C  Y N 329 
TRP NE1  N  Y N 330 
TRP CE2  C  Y N 331 
TRP CE3  C  Y N 332 
TRP CZ2  C  Y N 333 
TRP CZ3  C  Y N 334 
TRP CH2  C  Y N 335 
TRP OXT  O  N N 336 
TRP H    H  N N 337 
TRP H2   H  N N 338 
TRP HA   H  N N 339 
TRP HB2  H  N N 340 
TRP HB3  H  N N 341 
TRP HD1  H  N N 342 
TRP HE1  H  N N 343 
TRP HE3  H  N N 344 
TRP HZ2  H  N N 345 
TRP HZ3  H  N N 346 
TRP HH2  H  N N 347 
TRP HXT  H  N N 348 
TYR N    N  N N 349 
TYR CA   C  N S 350 
TYR C    C  N N 351 
TYR O    O  N N 352 
TYR CB   C  N N 353 
TYR CG   C  Y N 354 
TYR CD1  C  Y N 355 
TYR CD2  C  Y N 356 
TYR CE1  C  Y N 357 
TYR CE2  C  Y N 358 
TYR CZ   C  Y N 359 
TYR OH   O  N N 360 
TYR OXT  O  N N 361 
TYR H    H  N N 362 
TYR H2   H  N N 363 
TYR HA   H  N N 364 
TYR HB2  H  N N 365 
TYR HB3  H  N N 366 
TYR HD1  H  N N 367 
TYR HD2  H  N N 368 
TYR HE1  H  N N 369 
TYR HE2  H  N N 370 
TYR HH   H  N N 371 
TYR HXT  H  N N 372 
VAL N    N  N N 373 
VAL CA   C  N S 374 
VAL C    C  N N 375 
VAL O    O  N N 376 
VAL CB   C  N N 377 
VAL CG1  C  N N 378 
VAL CG2  C  N N 379 
VAL OXT  O  N N 380 
VAL H    H  N N 381 
VAL H2   H  N N 382 
VAL HA   H  N N 383 
VAL HB   H  N N 384 
VAL HG11 H  N N 385 
VAL HG12 H  N N 386 
VAL HG13 H  N N 387 
VAL HG21 H  N N 388 
VAL HG22 H  N N 389 
VAL HG23 H  N N 390 
VAL HXT  H  N N 391 
# 
loop_
_chem_comp_bond.comp_id 
_chem_comp_bond.atom_id_1 
_chem_comp_bond.atom_id_2 
_chem_comp_bond.value_order 
_chem_comp_bond.pdbx_aromatic_flag 
_chem_comp_bond.pdbx_stereo_config 
_chem_comp_bond.pdbx_ordinal 
ALA N   CA   sing N N 1   
ALA N   H    sing N N 2   
ALA N   H2   sing N N 3   
ALA CA  C    sing N N 4   
ALA CA  CB   sing N N 5   
ALA CA  HA   sing N N 6   
ALA C   O    doub N N 7   
ALA C   OXT  sing N N 8   
ALA CB  HB1  sing N N 9   
ALA CB  HB2  sing N N 10  
ALA CB  HB3  sing N N 11  
ALA OXT HXT  sing N N 12  
ARG N   CA   sing N N 13  
ARG N   H    sing N N 14  
ARG N   H2   sing N N 15  
ARG CA  C    sing N N 16  
ARG CA  CB   sing N N 17  
ARG CA  HA   sing N N 18  
ARG C   O    doub N N 19  
ARG C   OXT  sing N N 20  
ARG CB  CG   sing N N 21  
ARG CB  HB2  sing N N 22  
ARG CB  HB3  sing N N 23  
ARG CG  CD   sing N N 24  
ARG CG  HG2  sing N N 25  
ARG CG  HG3  sing N N 26  
ARG CD  NE   sing N N 27  
ARG CD  HD2  sing N N 28  
ARG CD  HD3  sing N N 29  
ARG NE  CZ   sing N N 30  
ARG NE  HE   sing N N 31  
ARG CZ  NH1  sing N N 32  
ARG CZ  NH2  doub N N 33  
ARG NH1 HH11 sing N N 34  
ARG NH1 HH12 sing N N 35  
ARG NH2 HH21 sing N N 36  
ARG NH2 HH22 sing N N 37  
ARG OXT HXT  sing N N 38  
ASN N   CA   sing N N 39  
ASN N   H    sing N N 40  
ASN N   H2   sing N N 41  
ASN CA  C    sing N N 42  
ASN CA  CB   sing N N 43  
ASN CA  HA   sing N N 44  
ASN C   O    doub N N 45  
ASN C   OXT  sing N N 46  
ASN CB  CG   sing N N 47  
ASN CB  HB2  sing N N 48  
ASN CB  HB3  sing N N 49  
ASN CG  OD1  doub N N 50  
ASN CG  ND2  sing N N 51  
ASN ND2 HD21 sing N N 52  
ASN ND2 HD22 sing N N 53  
ASN OXT HXT  sing N N 54  
ASP N   CA   sing N N 55  
ASP N   H    sing N N 56  
ASP N   H2   sing N N 57  
ASP CA  C    sing N N 58  
ASP CA  CB   sing N N 59  
ASP CA  HA   sing N N 60  
ASP C   O    doub N N 61  
ASP C   OXT  sing N N 62  
ASP CB  CG   sing N N 63  
ASP CB  HB2  sing N N 64  
ASP CB  HB3  sing N N 65  
ASP CG  OD1  doub N N 66  
ASP CG  OD2  sing N N 67  
ASP OD2 HD2  sing N N 68  
ASP OXT HXT  sing N N 69  
CYS N   CA   sing N N 70  
CYS N   H    sing N N 71  
CYS N   H2   sing N N 72  
CYS CA  C    sing N N 73  
CYS CA  CB   sing N N 74  
CYS CA  HA   sing N N 75  
CYS C   O    doub N N 76  
CYS C   OXT  sing N N 77  
CYS CB  SG   sing N N 78  
CYS CB  HB2  sing N N 79  
CYS CB  HB3  sing N N 80  
CYS SG  HG   sing N N 81  
CYS OXT HXT  sing N N 82  
GLN N   CA   sing N N 83  
GLN N   H    sing N N 84  
GLN N   H2   sing N N 85  
GLN CA  C    sing N N 86  
GLN CA  CB   sing N N 87  
GLN CA  HA   sing N N 88  
GLN C   O    doub N N 89  
GLN C   OXT  sing N N 90  
GLN CB  CG   sing N N 91  
GLN CB  HB2  sing N N 92  
GLN CB  HB3  sing N N 93  
GLN CG  CD   sing N N 94  
GLN CG  HG2  sing N N 95  
GLN CG  HG3  sing N N 96  
GLN CD  OE1  doub N N 97  
GLN CD  NE2  sing N N 98  
GLN NE2 HE21 sing N N 99  
GLN NE2 HE22 sing N N 100 
GLN OXT HXT  sing N N 101 
GLU N   CA   sing N N 102 
GLU N   H    sing N N 103 
GLU N   H2   sing N N 104 
GLU CA  C    sing N N 105 
GLU CA  CB   sing N N 106 
GLU CA  HA   sing N N 107 
GLU C   O    doub N N 108 
GLU C   OXT  sing N N 109 
GLU CB  CG   sing N N 110 
GLU CB  HB2  sing N N 111 
GLU CB  HB3  sing N N 112 
GLU CG  CD   sing N N 113 
GLU CG  HG2  sing N N 114 
GLU CG  HG3  sing N N 115 
GLU CD  OE1  doub N N 116 
GLU CD  OE2  sing N N 117 
GLU OE2 HE2  sing N N 118 
GLU OXT HXT  sing N N 119 
GLY N   CA   sing N N 120 
GLY N   H    sing N N 121 
GLY N   H2   sing N N 122 
GLY CA  C    sing N N 123 
GLY CA  HA2  sing N N 124 
GLY CA  HA3  sing N N 125 
GLY C   O    doub N N 126 
GLY C   OXT  sing N N 127 
GLY OXT HXT  sing N N 128 
HIS N   CA   sing N N 129 
HIS N   H    sing N N 130 
HIS N   H2   sing N N 131 
HIS CA  C    sing N N 132 
HIS CA  CB   sing N N 133 
HIS CA  HA   sing N N 134 
HIS C   O    doub N N 135 
HIS C   OXT  sing N N 136 
HIS CB  CG   sing N N 137 
HIS CB  HB2  sing N N 138 
HIS CB  HB3  sing N N 139 
HIS CG  ND1  sing Y N 140 
HIS CG  CD2  doub Y N 141 
HIS ND1 CE1  doub Y N 142 
HIS ND1 HD1  sing N N 143 
HIS CD2 NE2  sing Y N 144 
HIS CD2 HD2  sing N N 145 
HIS CE1 NE2  sing Y N 146 
HIS CE1 HE1  sing N N 147 
HIS NE2 HE2  sing N N 148 
HIS OXT HXT  sing N N 149 
HOH O   H1   sing N N 150 
HOH O   H2   sing N N 151 
ILE N   CA   sing N N 152 
ILE N   H    sing N N 153 
ILE N   H2   sing N N 154 
ILE CA  C    sing N N 155 
ILE CA  CB   sing N N 156 
ILE CA  HA   sing N N 157 
ILE C   O    doub N N 158 
ILE C   OXT  sing N N 159 
ILE CB  CG1  sing N N 160 
ILE CB  CG2  sing N N 161 
ILE CB  HB   sing N N 162 
ILE CG1 CD1  sing N N 163 
ILE CG1 HG12 sing N N 164 
ILE CG1 HG13 sing N N 165 
ILE CG2 HG21 sing N N 166 
ILE CG2 HG22 sing N N 167 
ILE CG2 HG23 sing N N 168 
ILE CD1 HD11 sing N N 169 
ILE CD1 HD12 sing N N 170 
ILE CD1 HD13 sing N N 171 
ILE OXT HXT  sing N N 172 
LEU N   CA   sing N N 173 
LEU N   H    sing N N 174 
LEU N   H2   sing N N 175 
LEU CA  C    sing N N 176 
LEU CA  CB   sing N N 177 
LEU CA  HA   sing N N 178 
LEU C   O    doub N N 179 
LEU C   OXT  sing N N 180 
LEU CB  CG   sing N N 181 
LEU CB  HB2  sing N N 182 
LEU CB  HB3  sing N N 183 
LEU CG  CD1  sing N N 184 
LEU CG  CD2  sing N N 185 
LEU CG  HG   sing N N 186 
LEU CD1 HD11 sing N N 187 
LEU CD1 HD12 sing N N 188 
LEU CD1 HD13 sing N N 189 
LEU CD2 HD21 sing N N 190 
LEU CD2 HD22 sing N N 191 
LEU CD2 HD23 sing N N 192 
LEU OXT HXT  sing N N 193 
LYS N   CA   sing N N 194 
LYS N   H    sing N N 195 
LYS N   H2   sing N N 196 
LYS CA  C    sing N N 197 
LYS CA  CB   sing N N 198 
LYS CA  HA   sing N N 199 
LYS C   O    doub N N 200 
LYS C   OXT  sing N N 201 
LYS CB  CG   sing N N 202 
LYS CB  HB2  sing N N 203 
LYS CB  HB3  sing N N 204 
LYS CG  CD   sing N N 205 
LYS CG  HG2  sing N N 206 
LYS CG  HG3  sing N N 207 
LYS CD  CE   sing N N 208 
LYS CD  HD2  sing N N 209 
LYS CD  HD3  sing N N 210 
LYS CE  NZ   sing N N 211 
LYS CE  HE2  sing N N 212 
LYS CE  HE3  sing N N 213 
LYS NZ  HZ1  sing N N 214 
LYS NZ  HZ2  sing N N 215 
LYS NZ  HZ3  sing N N 216 
LYS OXT HXT  sing N N 217 
MET N   CA   sing N N 218 
MET N   H    sing N N 219 
MET N   H2   sing N N 220 
MET CA  C    sing N N 221 
MET CA  CB   sing N N 222 
MET CA  HA   sing N N 223 
MET C   O    doub N N 224 
MET C   OXT  sing N N 225 
MET CB  CG   sing N N 226 
MET CB  HB2  sing N N 227 
MET CB  HB3  sing N N 228 
MET CG  SD   sing N N 229 
MET CG  HG2  sing N N 230 
MET CG  HG3  sing N N 231 
MET SD  CE   sing N N 232 
MET CE  HE1  sing N N 233 
MET CE  HE2  sing N N 234 
MET CE  HE3  sing N N 235 
MET OXT HXT  sing N N 236 
PHE N   CA   sing N N 237 
PHE N   H    sing N N 238 
PHE N   H2   sing N N 239 
PHE CA  C    sing N N 240 
PHE CA  CB   sing N N 241 
PHE CA  HA   sing N N 242 
PHE C   O    doub N N 243 
PHE C   OXT  sing N N 244 
PHE CB  CG   sing N N 245 
PHE CB  HB2  sing N N 246 
PHE CB  HB3  sing N N 247 
PHE CG  CD1  doub Y N 248 
PHE CG  CD2  sing Y N 249 
PHE CD1 CE1  sing Y N 250 
PHE CD1 HD1  sing N N 251 
PHE CD2 CE2  doub Y N 252 
PHE CD2 HD2  sing N N 253 
PHE CE1 CZ   doub Y N 254 
PHE CE1 HE1  sing N N 255 
PHE CE2 CZ   sing Y N 256 
PHE CE2 HE2  sing N N 257 
PHE CZ  HZ   sing N N 258 
PHE OXT HXT  sing N N 259 
PRO N   CA   sing N N 260 
PRO N   CD   sing N N 261 
PRO N   H    sing N N 262 
PRO CA  C    sing N N 263 
PRO CA  CB   sing N N 264 
PRO CA  HA   sing N N 265 
PRO C   O    doub N N 266 
PRO C   OXT  sing N N 267 
PRO CB  CG   sing N N 268 
PRO CB  HB2  sing N N 269 
PRO CB  HB3  sing N N 270 
PRO CG  CD   sing N N 271 
PRO CG  HG2  sing N N 272 
PRO CG  HG3  sing N N 273 
PRO CD  HD2  sing N N 274 
PRO CD  HD3  sing N N 275 
PRO OXT HXT  sing N N 276 
SER N   CA   sing N N 277 
SER N   H    sing N N 278 
SER N   H2   sing N N 279 
SER CA  C    sing N N 280 
SER CA  CB   sing N N 281 
SER CA  HA   sing N N 282 
SER C   O    doub N N 283 
SER C   OXT  sing N N 284 
SER CB  OG   sing N N 285 
SER CB  HB2  sing N N 286 
SER CB  HB3  sing N N 287 
SER OG  HG   sing N N 288 
SER OXT HXT  sing N N 289 
THR N   CA   sing N N 290 
THR N   H    sing N N 291 
THR N   H2   sing N N 292 
THR CA  C    sing N N 293 
THR CA  CB   sing N N 294 
THR CA  HA   sing N N 295 
THR C   O    doub N N 296 
THR C   OXT  sing N N 297 
THR CB  OG1  sing N N 298 
THR CB  CG2  sing N N 299 
THR CB  HB   sing N N 300 
THR OG1 HG1  sing N N 301 
THR CG2 HG21 sing N N 302 
THR CG2 HG22 sing N N 303 
THR CG2 HG23 sing N N 304 
THR OXT HXT  sing N N 305 
TRP N   CA   sing N N 306 
TRP N   H    sing N N 307 
TRP N   H2   sing N N 308 
TRP CA  C    sing N N 309 
TRP CA  CB   sing N N 310 
TRP CA  HA   sing N N 311 
TRP C   O    doub N N 312 
TRP C   OXT  sing N N 313 
TRP CB  CG   sing N N 314 
TRP CB  HB2  sing N N 315 
TRP CB  HB3  sing N N 316 
TRP CG  CD1  doub Y N 317 
TRP CG  CD2  sing Y N 318 
TRP CD1 NE1  sing Y N 319 
TRP CD1 HD1  sing N N 320 
TRP CD2 CE2  doub Y N 321 
TRP CD2 CE3  sing Y N 322 
TRP NE1 CE2  sing Y N 323 
TRP NE1 HE1  sing N N 324 
TRP CE2 CZ2  sing Y N 325 
TRP CE3 CZ3  doub Y N 326 
TRP CE3 HE3  sing N N 327 
TRP CZ2 CH2  doub Y N 328 
TRP CZ2 HZ2  sing N N 329 
TRP CZ3 CH2  sing Y N 330 
TRP CZ3 HZ3  sing N N 331 
TRP CH2 HH2  sing N N 332 
TRP OXT HXT  sing N N 333 
TYR N   CA   sing N N 334 
TYR N   H    sing N N 335 
TYR N   H2   sing N N 336 
TYR CA  C    sing N N 337 
TYR CA  CB   sing N N 338 
TYR CA  HA   sing N N 339 
TYR C   O    doub N N 340 
TYR C   OXT  sing N N 341 
TYR CB  CG   sing N N 342 
TYR CB  HB2  sing N N 343 
TYR CB  HB3  sing N N 344 
TYR CG  CD1  doub Y N 345 
TYR CG  CD2  sing Y N 346 
TYR CD1 CE1  sing Y N 347 
TYR CD1 HD1  sing N N 348 
TYR CD2 CE2  doub Y N 349 
TYR CD2 HD2  sing N N 350 
TYR CE1 CZ   doub Y N 351 
TYR CE1 HE1  sing N N 352 
TYR CE2 CZ   sing Y N 353 
TYR CE2 HE2  sing N N 354 
TYR CZ  OH   sing N N 355 
TYR OH  HH   sing N N 356 
TYR OXT HXT  sing N N 357 
VAL N   CA   sing N N 358 
VAL N   H    sing N N 359 
VAL N   H2   sing N N 360 
VAL CA  C    sing N N 361 
VAL CA  CB   sing N N 362 
VAL CA  HA   sing N N 363 
VAL C   O    doub N N 364 
VAL C   OXT  sing N N 365 
VAL CB  CG1  sing N N 366 
VAL CB  CG2  sing N N 367 
VAL CB  HB   sing N N 368 
VAL CG1 HG11 sing N N 369 
VAL CG1 HG12 sing N N 370 
VAL CG1 HG13 sing N N 371 
VAL CG2 HG21 sing N N 372 
VAL CG2 HG22 sing N N 373 
VAL CG2 HG23 sing N N 374 
VAL OXT HXT  sing N N 375 
# 
_atom_sites.entry_id                    2GBZ 
_atom_sites.fract_transf_matrix[1][1]   0.00183006 
_atom_sites.fract_transf_matrix[1][2]   0.01349509 
_atom_sites.fract_transf_matrix[1][3]   -0.00580958 
_atom_sites.fract_transf_matrix[2][1]   -0.01283423 
_atom_sites.fract_transf_matrix[2][2]   0.00431816 
_atom_sites.fract_transf_matrix[2][3]   0.00598780 
_atom_sites.fract_transf_matrix[3][1]   0.00537777 
_atom_sites.fract_transf_matrix[3][2]   0.00323011 
_atom_sites.fract_transf_matrix[3][3]   0.00919727 
_atom_sites.fract_transf_vector[1]      -0.114870 
_atom_sites.fract_transf_vector[2]      -0.175674 
_atom_sites.fract_transf_vector[3]      0.140040 
# 
loop_
_atom_type.symbol 
C  
MG 
N  
O  
S  
# 
loop_
_atom_site.group_PDB 
_atom_site.id 
_atom_site.type_symbol 
_atom_site.label_atom_id 
_atom_site.label_alt_id 
_atom_site.label_comp_id 
_atom_site.label_asym_id 
_atom_site.label_entity_id 
_atom_site.label_seq_id 
_atom_site.pdbx_PDB_ins_code 
_atom_site.Cartn_x 
_atom_site.Cartn_y 
_atom_site.Cartn_z 
_atom_site.occupancy 
_atom_site.B_iso_or_equiv 
_atom_site.pdbx_formal_charge 
_atom_site.auth_seq_id 
_atom_site.auth_comp_id 
_atom_site.auth_asym_id 
_atom_site.auth_atom_id 
_atom_site.pdbx_PDB_model_num 
ATOM   1    N  N   . ASN A 1 8   ? -17.947 -2.922  10.972  1.00 68.82 ? 8    ASN A N   1 
ATOM   2    C  CA  . ASN A 1 8   ? -17.206 -2.296  9.837   1.00 68.72 ? 8    ASN A CA  1 
ATOM   3    C  C   . ASN A 1 8   ? -17.085 -0.779  10.009  1.00 67.18 ? 8    ASN A C   1 
ATOM   4    O  O   . ASN A 1 8   ? -16.834 -0.290  11.114  1.00 66.80 ? 8    ASN A O   1 
ATOM   5    C  CB  . ASN A 1 8   ? -17.912 -2.606  8.509   1.00 71.83 ? 8    ASN A CB  1 
ATOM   6    C  CG  . ASN A 1 8   ? -19.278 -1.932  8.398   1.00 74.03 ? 8    ASN A CG  1 
ATOM   7    O  OD1 . ASN A 1 8   ? -20.215 -2.259  9.139   1.00 75.45 ? 8    ASN A OD1 1 
ATOM   8    N  ND2 . ASN A 1 8   ? -19.393 -0.977  7.474   1.00 74.19 ? 8    ASN A ND2 1 
ATOM   9    N  N   . ASP A 1 9   ? -17.280 -0.049  8.911   1.00 65.10 ? 9    ASP A N   1 
ATOM   10   C  CA  . ASP A 1 9   ? -17.182 1.410   8.895   1.00 62.38 ? 9    ASP A CA  1 
ATOM   11   C  C   . ASP A 1 9   ? -15.728 1.848   8.977   1.00 58.34 ? 9    ASP A C   1 
ATOM   12   O  O   . ASP A 1 9   ? -15.433 3.035   9.131   1.00 59.01 ? 9    ASP A O   1 
ATOM   13   C  CB  . ASP A 1 9   ? -17.975 2.035   10.051  1.00 65.31 ? 9    ASP A CB  1 
ATOM   14   C  CG  . ASP A 1 9   ? -19.442 2.244   9.709   1.00 68.56 ? 9    ASP A CG  1 
ATOM   15   O  OD1 . ASP A 1 9   ? -20.177 2.804   10.555  1.00 69.67 ? 9    ASP A OD1 1 
ATOM   16   O  OD2 . ASP A 1 9   ? -19.861 1.853   8.594   1.00 69.82 ? 9    ASP A OD2 1 
ATOM   17   N  N   . ARG A 1 10  ? -14.824 0.884   8.878   1.00 53.21 ? 10   ARG A N   1 
ATOM   18   C  CA  . ARG A 1 10  ? -13.398 1.167   8.929   1.00 49.44 ? 10   ARG A CA  1 
ATOM   19   C  C   . ARG A 1 10  ? -12.708 0.547   7.730   1.00 46.27 ? 10   ARG A C   1 
ATOM   20   O  O   . ARG A 1 10  ? -13.034 -0.563  7.315   1.00 44.90 ? 10   ARG A O   1 
ATOM   21   C  CB  . ARG A 1 10  ? -12.798 0.635   10.226  1.00 49.73 ? 10   ARG A CB  1 
ATOM   22   C  CG  . ARG A 1 10  ? -13.332 1.363   11.437  1.00 50.32 ? 10   ARG A CG  1 
ATOM   23   C  CD  . ARG A 1 10  ? -12.742 0.846   12.728  1.00 51.04 ? 10   ARG A CD  1 
ATOM   24   N  NE  . ARG A 1 10  ? -13.161 1.684   13.846  1.00 51.90 ? 10   ARG A NE  1 
ATOM   25   C  CZ  . ARG A 1 10  ? -12.814 1.481   15.112  1.00 52.93 ? 10   ARG A CZ  1 
ATOM   26   N  NH1 . ARG A 1 10  ? -12.033 0.458   15.439  1.00 53.07 ? 10   ARG A NH1 1 
ATOM   27   N  NH2 . ARG A 1 10  ? -13.254 2.305   16.054  1.00 54.27 ? 10   ARG A NH2 1 
ATOM   28   N  N   . LEU A 1 11  ? -11.749 1.275   7.175   1.00 43.31 ? 11   LEU A N   1 
ATOM   29   C  CA  . LEU A 1 11  ? -11.029 0.814   6.002   1.00 39.89 ? 11   LEU A CA  1 
ATOM   30   C  C   . LEU A 1 11  ? -9.559  0.571   6.289   1.00 38.20 ? 11   LEU A C   1 
ATOM   31   O  O   . LEU A 1 11  ? -8.940  1.297   7.066   1.00 38.12 ? 11   LEU A O   1 
ATOM   32   C  CB  . LEU A 1 11  ? -11.169 1.845   4.883   1.00 39.84 ? 11   LEU A CB  1 
ATOM   33   C  CG  . LEU A 1 11  ? -12.602 2.150   4.436   1.00 39.08 ? 11   LEU A CG  1 
ATOM   34   C  CD1 . LEU A 1 11  ? -12.595 3.307   3.446   1.00 39.07 ? 11   LEU A CD1 1 
ATOM   35   C  CD2 . LEU A 1 11  ? -13.214 0.901   3.808   1.00 37.82 ? 11   LEU A CD2 1 
ATOM   36   N  N   . ILE A 1 12  ? -9.009  -0.464  5.663   1.00 36.35 ? 12   ILE A N   1 
ATOM   37   C  CA  . ILE A 1 12  ? -7.599  -0.797  5.824   1.00 33.65 ? 12   ILE A CA  1 
ATOM   38   C  C   . ILE A 1 12  ? -6.879  -0.393  4.552   1.00 32.24 ? 12   ILE A C   1 
ATOM   39   O  O   . ILE A 1 12  ? -7.176  -0.907  3.464   1.00 30.58 ? 12   ILE A O   1 
ATOM   40   C  CB  . ILE A 1 12  ? -7.369  -2.314  6.008   1.00 34.74 ? 12   ILE A CB  1 
ATOM   41   C  CG1 . ILE A 1 12  ? -8.119  -2.828  7.248   1.00 34.97 ? 12   ILE A CG1 1 
ATOM   42   C  CG2 . ILE A 1 12  ? -5.879  -2.591  6.117   1.00 31.75 ? 12   ILE A CG2 1 
ATOM   43   C  CD1 . ILE A 1 12  ? -8.101  -4.331  7.377   1.00 36.41 ? 12   ILE A CD1 1 
ATOM   44   N  N   . TRP A 1 13  ? -5.944  0.536   4.684   1.00 30.41 ? 13   TRP A N   1 
ATOM   45   C  CA  . TRP A 1 13  ? -5.164  0.967   3.540   1.00 29.41 ? 13   TRP A CA  1 
ATOM   46   C  C   . TRP A 1 13  ? -3.814  0.300   3.643   1.00 28.72 ? 13   TRP A C   1 
ATOM   47   O  O   . TRP A 1 13  ? -3.262  0.160   4.738   1.00 28.91 ? 13   TRP A O   1 
ATOM   48   C  CB  . TRP A 1 13  ? -4.998  2.485   3.531   1.00 28.39 ? 13   TRP A CB  1 
ATOM   49   C  CG  . TRP A 1 13  ? -6.284  3.178   3.320   1.00 28.18 ? 13   TRP A CG  1 
ATOM   50   C  CD1 . TRP A 1 13  ? -7.301  3.313   4.221   1.00 26.35 ? 13   TRP A CD1 1 
ATOM   51   C  CD2 . TRP A 1 13  ? -6.737  3.775   2.103   1.00 26.98 ? 13   TRP A CD2 1 
ATOM   52   N  NE1 . TRP A 1 13  ? -8.361  3.959   3.638   1.00 27.74 ? 13   TRP A NE1 1 
ATOM   53   C  CE2 . TRP A 1 13  ? -8.043  4.253   2.335   1.00 28.34 ? 13   TRP A CE2 1 
ATOM   54   C  CE3 . TRP A 1 13  ? -6.163  3.951   0.833   1.00 27.83 ? 13   TRP A CE3 1 
ATOM   55   C  CZ2 . TRP A 1 13  ? -8.797  4.901   1.340   1.00 28.50 ? 13   TRP A CZ2 1 
ATOM   56   C  CZ3 . TRP A 1 13  ? -6.907  4.593   -0.160  1.00 28.60 ? 13   TRP A CZ3 1 
ATOM   57   C  CH2 . TRP A 1 13  ? -8.212  5.060   0.101   1.00 29.08 ? 13   TRP A CH2 1 
ATOM   58   N  N   . ILE A 1 14  ? -3.274  -0.104  2.503   1.00 28.15 ? 14   ILE A N   1 
ATOM   59   C  CA  . ILE A 1 14  ? -1.988  -0.765  2.509   1.00 29.96 ? 14   ILE A CA  1 
ATOM   60   C  C   . ILE A 1 14  ? -1.176  -0.460  1.271   1.00 30.08 ? 14   ILE A C   1 
ATOM   61   O  O   . ILE A 1 14  ? -1.725  -0.177  0.204   1.00 31.03 ? 14   ILE A O   1 
ATOM   62   C  CB  . ILE A 1 14  ? -2.175  -2.303  2.586   1.00 32.07 ? 14   ILE A CB  1 
ATOM   63   C  CG1 . ILE A 1 14  ? -0.818  -3.002  2.683   1.00 31.96 ? 14   ILE A CG1 1 
ATOM   64   C  CG2 . ILE A 1 14  ? -2.903  -2.804  1.324   1.00 30.09 ? 14   ILE A CG2 1 
ATOM   65   C  CD1 . ILE A 1 14  ? -0.913  -4.517  2.819   1.00 32.36 ? 14   ILE A CD1 1 
ATOM   66   N  N   . ASP A 1 15  ? 0.142   -0.486  1.416   1.00 30.17 ? 15   ASP A N   1 
ATOM   67   C  CA  . ASP A 1 15  ? 1.003   -0.314  0.264   1.00 29.12 ? 15   ASP A CA  1 
ATOM   68   C  C   . ASP A 1 15  ? 2.257   -1.140  0.502   1.00 28.44 ? 15   ASP A C   1 
ATOM   69   O  O   . ASP A 1 15  ? 2.679   -1.326  1.644   1.00 25.74 ? 15   ASP A O   1 
ATOM   70   C  CB  . ASP A 1 15  ? 1.368   1.144   -0.010  1.00 30.52 ? 15   ASP A CB  1 
ATOM   71   C  CG  . ASP A 1 15  ? 2.113   1.296   -1.337  1.00 32.75 ? 15   ASP A CG  1 
ATOM   72   O  OD1 . ASP A 1 15  ? 1.607   0.783   -2.360  1.00 32.47 ? 15   ASP A OD1 1 
ATOM   73   O  OD2 . ASP A 1 15  ? 3.208   1.897   -1.358  1.00 36.53 ? 15   ASP A OD2 1 
ATOM   74   N  N   . LEU A 1 16  ? 2.829   -1.651  -0.582  1.00 27.60 ? 16   LEU A N   1 
ATOM   75   C  CA  . LEU A 1 16  ? 4.016   -2.481  -0.503  1.00 29.65 ? 16   LEU A CA  1 
ATOM   76   C  C   . LEU A 1 16  ? 5.049   -2.033  -1.518  1.00 30.19 ? 16   LEU A C   1 
ATOM   77   O  O   . LEU A 1 16  ? 4.708   -1.432  -2.532  1.00 31.66 ? 16   LEU A O   1 
ATOM   78   C  CB  . LEU A 1 16  ? 3.680   -3.933  -0.848  1.00 27.98 ? 16   LEU A CB  1 
ATOM   79   C  CG  . LEU A 1 16  ? 2.408   -4.621  -0.374  1.00 27.56 ? 16   LEU A CG  1 
ATOM   80   C  CD1 . LEU A 1 16  ? 2.263   -5.902  -1.194  1.00 25.10 ? 16   LEU A CD1 1 
ATOM   81   C  CD2 . LEU A 1 16  ? 2.459   -4.919  1.131   1.00 26.69 ? 16   LEU A CD2 1 
ATOM   82   N  N   . GLU A 1 17  ? 6.308   -2.355  -1.242  1.00 32.43 ? 17   GLU A N   1 
ATOM   83   C  CA  . GLU A 1 17  ? 7.402   -2.063  -2.161  1.00 33.02 ? 17   GLU A CA  1 
ATOM   84   C  C   . GLU A 1 17  ? 7.872   -3.451  -2.547  1.00 33.07 ? 17   GLU A C   1 
ATOM   85   O  O   . GLU A 1 17  ? 7.885   -4.352  -1.703  1.00 32.61 ? 17   GLU A O   1 
ATOM   86   C  CB  . GLU A 1 17  ? 8.542   -1.315  -1.465  1.00 36.33 ? 17   GLU A CB  1 
ATOM   87   C  CG  . GLU A 1 17  ? 8.241   0.130   -1.078  1.00 41.27 ? 17   GLU A CG  1 
ATOM   88   C  CD  . GLU A 1 17  ? 7.842   0.999   -2.266  1.00 44.34 ? 17   GLU A CD  1 
ATOM   89   O  OE1 . GLU A 1 17  ? 8.388   0.805   -3.380  1.00 46.61 ? 17   GLU A OE1 1 
ATOM   90   O  OE2 . GLU A 1 17  ? 6.987   1.890   -2.075  1.00 47.91 ? 17   GLU A OE2 1 
ATOM   91   N  N   . MET A 1 18  ? 8.236   -3.640  -3.808  1.00 34.16 ? 18   MET A N   1 
ATOM   92   C  CA  . MET A 1 18  ? 8.689   -4.943  -4.269  1.00 36.51 ? 18   MET A CA  1 
ATOM   93   C  C   . MET A 1 18  ? 9.996   -4.859  -5.032  1.00 37.62 ? 18   MET A C   1 
ATOM   94   O  O   . MET A 1 18  ? 10.442  -3.777  -5.424  1.00 37.73 ? 18   MET A O   1 
ATOM   95   C  CB  . MET A 1 18  ? 7.646   -5.604  -5.177  1.00 38.07 ? 18   MET A CB  1 
ATOM   96   C  CG  . MET A 1 18  ? 6.261   -5.760  -4.572  1.00 41.14 ? 18   MET A CG  1 
ATOM   97   S  SD  . MET A 1 18  ? 5.290   -4.259  -4.789  1.00 45.75 ? 18   MET A SD  1 
ATOM   98   C  CE  . MET A 1 18  ? 5.102   -4.246  -6.592  1.00 45.67 ? 18   MET A CE  1 
ATOM   99   N  N   . THR A 1 19  ? 10.605  -6.020  -5.239  1.00 38.60 ? 19   THR A N   1 
ATOM   100  C  CA  . THR A 1 19  ? 11.855  -6.095  -5.967  1.00 39.34 ? 19   THR A CA  1 
ATOM   101  C  C   . THR A 1 19  ? 11.577  -5.875  -7.446  1.00 39.47 ? 19   THR A C   1 
ATOM   102  O  O   . THR A 1 19  ? 12.445  -5.417  -8.186  1.00 39.95 ? 19   THR A O   1 
ATOM   103  C  CB  . THR A 1 19  ? 12.530  -7.468  -5.776  1.00 39.05 ? 19   THR A CB  1 
ATOM   104  O  OG1 . THR A 1 19  ? 11.586  -8.511  -6.054  1.00 39.02 ? 19   THR A OG1 1 
ATOM   105  C  CG2 . THR A 1 19  ? 13.057  -7.608  -4.347  1.00 39.29 ? 19   THR A CG2 1 
ATOM   106  N  N   . GLY A 1 20  ? 10.357  -6.196  -7.866  1.00 40.16 ? 20   GLY A N   1 
ATOM   107  C  CA  . GLY A 1 20  ? 9.983   -6.037  -9.259  1.00 42.21 ? 20   GLY A CA  1 
ATOM   108  C  C   . GLY A 1 20  ? 8.484   -6.126  -9.495  1.00 42.78 ? 20   GLY A C   1 
ATOM   109  O  O   . GLY A 1 20  ? 7.697   -5.989  -8.563  1.00 42.38 ? 20   GLY A O   1 
ATOM   110  N  N   . LEU A 1 21  ? 8.092   -6.379  -10.739 1.00 43.60 ? 21   LEU A N   1 
ATOM   111  C  CA  . LEU A 1 21  ? 6.678   -6.458  -11.106 1.00 44.84 ? 21   LEU A CA  1 
ATOM   112  C  C   . LEU A 1 21  ? 6.114   -7.867  -11.295 1.00 44.28 ? 21   LEU A C   1 
ATOM   113  O  O   . LEU A 1 21  ? 4.900   -8.042  -11.401 1.00 44.27 ? 21   LEU A O   1 
ATOM   114  C  CB  . LEU A 1 21  ? 6.436   -5.648  -12.390 1.00 47.23 ? 21   LEU A CB  1 
ATOM   115  C  CG  . LEU A 1 21  ? 6.776   -4.150  -12.341 1.00 48.37 ? 21   LEU A CG  1 
ATOM   116  C  CD1 . LEU A 1 21  ? 6.663   -3.546  -13.743 1.00 48.33 ? 21   LEU A CD1 1 
ATOM   117  C  CD2 . LEU A 1 21  ? 5.841   -3.442  -11.355 1.00 47.48 ? 21   LEU A CD2 1 
ATOM   118  N  N   . ASP A 1 22  ? 6.977   -8.873  -11.348 1.00 43.23 ? 22   ASP A N   1 
ATOM   119  C  CA  . ASP A 1 22  ? 6.498   -10.235 -11.538 1.00 43.15 ? 22   ASP A CA  1 
ATOM   120  C  C   . ASP A 1 22  ? 5.862   -10.807 -10.261 1.00 42.59 ? 22   ASP A C   1 
ATOM   121  O  O   . ASP A 1 22  ? 6.557   -11.185 -9.314  1.00 41.21 ? 22   ASP A O   1 
ATOM   122  C  CB  . ASP A 1 22  ? 7.649   -11.116 -12.022 1.00 43.25 ? 22   ASP A CB  1 
ATOM   123  C  CG  . ASP A 1 22  ? 7.218   -12.540 -12.308 1.00 45.71 ? 22   ASP A CG  1 
ATOM   124  O  OD1 . ASP A 1 22  ? 7.958   -13.231 -13.037 1.00 48.46 ? 22   ASP A OD1 1 
ATOM   125  O  OD2 . ASP A 1 22  ? 6.157   -12.978 -11.809 1.00 46.81 ? 22   ASP A OD2 1 
ATOM   126  N  N   . THR A 1 23  ? 4.533   -10.878 -10.260 1.00 41.87 ? 23   THR A N   1 
ATOM   127  C  CA  . THR A 1 23  ? 3.772   -11.379 -9.116  1.00 42.71 ? 23   THR A CA  1 
ATOM   128  C  C   . THR A 1 23  ? 4.085   -12.830 -8.750  1.00 42.86 ? 23   THR A C   1 
ATOM   129  O  O   . THR A 1 23  ? 3.646   -13.316 -7.703  1.00 40.95 ? 23   THR A O   1 
ATOM   130  C  CB  . THR A 1 23  ? 2.237   -11.248 -9.355  1.00 42.52 ? 23   THR A CB  1 
ATOM   131  O  OG1 . THR A 1 23  ? 1.827   -12.155 -10.386 1.00 42.43 ? 23   THR A OG1 1 
ATOM   132  C  CG2 . THR A 1 23  ? 1.881   -9.820  -9.769  1.00 40.79 ? 23   THR A CG2 1 
ATOM   133  N  N   . ASP A 1 24  ? 4.835   -13.516 -9.610  1.00 44.14 ? 24   ASP A N   1 
ATOM   134  C  CA  . ASP A 1 24  ? 5.208   -14.908 -9.362  1.00 45.94 ? 24   ASP A CA  1 
ATOM   135  C  C   . ASP A 1 24  ? 6.633   -15.067 -8.814  1.00 46.76 ? 24   ASP A C   1 
ATOM   136  O  O   . ASP A 1 24  ? 6.888   -15.957 -7.999  1.00 47.89 ? 24   ASP A O   1 
ATOM   137  C  CB  . ASP A 1 24  ? 5.103   -15.740 -10.649 1.00 46.09 ? 24   ASP A CB  1 
ATOM   138  C  CG  . ASP A 1 24  ? 3.672   -15.955 -11.104 1.00 47.56 ? 24   ASP A CG  1 
ATOM   139  O  OD1 . ASP A 1 24  ? 2.847   -16.438 -10.294 1.00 46.50 ? 24   ASP A OD1 1 
ATOM   140  O  OD2 . ASP A 1 24  ? 3.380   -15.650 -12.284 1.00 46.45 ? 24   ASP A OD2 1 
ATOM   141  N  N   . ARG A 1 25  ? 7.548   -14.202 -9.254  1.00 47.06 ? 25   ARG A N   1 
ATOM   142  C  CA  . ARG A 1 25  ? 8.954   -14.286 -8.850  1.00 45.89 ? 25   ARG A CA  1 
ATOM   143  C  C   . ARG A 1 25  ? 9.453   -13.222 -7.872  1.00 43.59 ? 25   ARG A C   1 
ATOM   144  O  O   . ARG A 1 25  ? 10.258  -13.518 -6.988  1.00 42.64 ? 25   ARG A O   1 
ATOM   145  C  CB  . ARG A 1 25  ? 9.861   -14.227 -10.089 1.00 48.58 ? 25   ARG A CB  1 
ATOM   146  C  CG  . ARG A 1 25  ? 9.320   -14.923 -11.320 1.00 53.04 ? 25   ARG A CG  1 
ATOM   147  C  CD  . ARG A 1 25  ? 9.502   -16.422 -11.285 1.00 56.40 ? 25   ARG A CD  1 
ATOM   148  N  NE  . ARG A 1 25  ? 8.378   -17.119 -11.911 1.00 59.71 ? 25   ARG A NE  1 
ATOM   149  C  CZ  . ARG A 1 25  ? 7.849   -16.815 -13.096 1.00 61.34 ? 25   ARG A CZ  1 
ATOM   150  N  NH1 . ARG A 1 25  ? 8.329   -15.811 -13.823 1.00 61.16 ? 25   ARG A NH1 1 
ATOM   151  N  NH2 . ARG A 1 25  ? 6.825   -17.521 -13.554 1.00 62.37 ? 25   ARG A NH2 1 
ATOM   152  N  N   . ASP A 1 26  ? 9.004   -11.984 -8.046  1.00 40.97 ? 26   ASP A N   1 
ATOM   153  C  CA  . ASP A 1 26  ? 9.464   -10.890 -7.193  1.00 37.96 ? 26   ASP A CA  1 
ATOM   154  C  C   . ASP A 1 26  ? 9.023   -10.966 -5.733  1.00 35.01 ? 26   ASP A C   1 
ATOM   155  O  O   . ASP A 1 26  ? 8.130   -11.737 -5.387  1.00 33.05 ? 26   ASP A O   1 
ATOM   156  C  CB  . ASP A 1 26  ? 9.079   -9.562  -7.834  1.00 40.40 ? 26   ASP A CB  1 
ATOM   157  C  CG  . ASP A 1 26  ? 9.976   -9.219  -9.012  1.00 42.66 ? 26   ASP A CG  1 
ATOM   158  O  OD1 . ASP A 1 26  ? 9.472   -8.789  -10.068 1.00 44.58 ? 26   ASP A OD1 1 
ATOM   159  O  OD2 . ASP A 1 26  ? 11.203  -9.378  -8.872  1.00 45.49 ? 26   ASP A OD2 1 
ATOM   160  N  N   . SER A 1 27  ? 9.654   -10.171 -4.874  1.00 31.17 ? 27   SER A N   1 
ATOM   161  C  CA  . SER A 1 27  ? 9.343   -10.228 -3.452  1.00 29.86 ? 27   SER A CA  1 
ATOM   162  C  C   . SER A 1 27  ? 8.962   -8.907  -2.802  1.00 28.02 ? 27   SER A C   1 
ATOM   163  O  O   . SER A 1 27  ? 9.365   -7.837  -3.252  1.00 27.14 ? 27   SER A O   1 
ATOM   164  C  CB  . SER A 1 27  ? 10.547  -10.834 -2.702  1.00 27.94 ? 27   SER A CB  1 
ATOM   165  O  OG  . SER A 1 27  ? 10.254  -11.123 -1.343  1.00 30.33 ? 27   SER A OG  1 
ATOM   166  N  N   . ILE A 1 28  ? 8.178   -9.002  -1.735  1.00 27.21 ? 28   ILE A N   1 
ATOM   167  C  CA  . ILE A 1 28  ? 7.757   -7.833  -0.968  1.00 28.41 ? 28   ILE A CA  1 
ATOM   168  C  C   . ILE A 1 28  ? 8.945   -7.427  -0.084  1.00 29.29 ? 28   ILE A C   1 
ATOM   169  O  O   . ILE A 1 28  ? 9.426   -8.244  0.693   1.00 29.62 ? 28   ILE A O   1 
ATOM   170  C  CB  . ILE A 1 28  ? 6.579   -8.181  -0.035  1.00 27.98 ? 28   ILE A CB  1 
ATOM   171  C  CG1 . ILE A 1 28  ? 5.342   -8.563  -0.862  1.00 28.72 ? 28   ILE A CG1 1 
ATOM   172  C  CG2 . ILE A 1 28  ? 6.312   -7.028  0.906   1.00 27.30 ? 28   ILE A CG2 1 
ATOM   173  C  CD1 . ILE A 1 28  ? 4.121   -8.953  -0.031  1.00 24.44 ? 28   ILE A CD1 1 
ATOM   174  N  N   . ILE A 1 29  ? 9.422   -6.189  -0.194  1.00 29.85 ? 29   ILE A N   1 
ATOM   175  C  CA  . ILE A 1 29  ? 10.548  -5.749  0.642   1.00 29.38 ? 29   ILE A CA  1 
ATOM   176  C  C   . ILE A 1 29  ? 10.129  -4.756  1.712   1.00 27.74 ? 29   ILE A C   1 
ATOM   177  O  O   . ILE A 1 29  ? 10.870  -4.511  2.662   1.00 27.69 ? 29   ILE A O   1 
ATOM   178  C  CB  . ILE A 1 29  ? 11.703  -5.129  -0.203  1.00 28.21 ? 29   ILE A CB  1 
ATOM   179  C  CG1 . ILE A 1 29  ? 11.150  -4.099  -1.190  1.00 29.08 ? 29   ILE A CG1 1 
ATOM   180  C  CG2 . ILE A 1 29  ? 12.448  -6.239  -0.942  1.00 28.32 ? 29   ILE A CG2 1 
ATOM   181  C  CD1 . ILE A 1 29  ? 12.226  -3.318  -1.938  1.00 29.60 ? 29   ILE A CD1 1 
ATOM   182  N  N   . GLU A 1 30  ? 8.943   -4.180  1.561   1.00 26.62 ? 30   GLU A N   1 
ATOM   183  C  CA  . GLU A 1 30  ? 8.445   -3.235  2.554   1.00 27.96 ? 30   GLU A CA  1 
ATOM   184  C  C   . GLU A 1 30  ? 6.923   -3.231  2.579   1.00 27.74 ? 30   GLU A C   1 
ATOM   185  O  O   . GLU A 1 30  ? 6.271   -3.444  1.557   1.00 26.63 ? 30   GLU A O   1 
ATOM   186  C  CB  . GLU A 1 30  ? 8.957   -1.806  2.282   1.00 29.11 ? 30   GLU A CB  1 
ATOM   187  C  CG  . GLU A 1 30  ? 8.488   -0.808  3.342   1.00 32.14 ? 30   GLU A CG  1 
ATOM   188  C  CD  . GLU A 1 30  ? 8.949   0.625   3.090   1.00 34.18 ? 30   GLU A CD  1 
ATOM   189  O  OE1 . GLU A 1 30  ? 8.862   1.096   1.936   1.00 34.36 ? 30   GLU A OE1 1 
ATOM   190  O  OE2 . GLU A 1 30  ? 9.383   1.289   4.056   1.00 35.82 ? 30   GLU A OE2 1 
ATOM   191  N  N   . ILE A 1 31  ? 6.364   -2.995  3.758   1.00 27.68 ? 31   ILE A N   1 
ATOM   192  C  CA  . ILE A 1 31  ? 4.927   -2.959  3.916   1.00 29.75 ? 31   ILE A CA  1 
ATOM   193  C  C   . ILE A 1 31  ? 4.540   -1.932  4.967   1.00 30.23 ? 31   ILE A C   1 
ATOM   194  O  O   . ILE A 1 31  ? 5.294   -1.665  5.904   1.00 29.74 ? 31   ILE A O   1 
ATOM   195  C  CB  . ILE A 1 31  ? 4.369   -4.352  4.335   1.00 32.52 ? 31   ILE A CB  1 
ATOM   196  C  CG1 . ILE A 1 31  ? 2.865   -4.244  4.638   1.00 31.69 ? 31   ILE A CG1 1 
ATOM   197  C  CG2 . ILE A 1 31  ? 5.135   -4.878  5.554   1.00 32.37 ? 31   ILE A CG2 1 
ATOM   198  C  CD1 . ILE A 1 31  ? 2.238   -5.533  5.180   1.00 32.56 ? 31   ILE A CD1 1 
ATOM   199  N  N   . ALA A 1 32  ? 3.359   -1.354  4.795   1.00 30.23 ? 32   ALA A N   1 
ATOM   200  C  CA  . ALA A 1 32  ? 2.843   -0.360  5.717   1.00 31.02 ? 32   ALA A CA  1 
ATOM   201  C  C   . ALA A 1 32  ? 1.329   -0.389  5.610   1.00 30.50 ? 32   ALA A C   1 
ATOM   202  O  O   . ALA A 1 32  ? 0.781   -0.650  4.539   1.00 30.80 ? 32   ALA A O   1 
ATOM   203  C  CB  . ALA A 1 32  ? 3.374   1.026   5.356   1.00 30.57 ? 32   ALA A CB  1 
ATOM   204  N  N   . THR A 1 33  ? 0.657   -0.145  6.723   1.00 29.80 ? 33   THR A N   1 
ATOM   205  C  CA  . THR A 1 33  ? -0.798  -0.140  6.732   1.00 31.49 ? 33   THR A CA  1 
ATOM   206  C  C   . THR A 1 33  ? -1.313  1.041   7.537   1.00 30.79 ? 33   THR A C   1 
ATOM   207  O  O   . THR A 1 33  ? -0.621  1.571   8.402   1.00 30.24 ? 33   THR A O   1 
ATOM   208  C  CB  . THR A 1 33  ? -1.365  -1.418  7.368   1.00 32.29 ? 33   THR A CB  1 
ATOM   209  O  OG1 . THR A 1 33  ? -0.828  -1.559  8.691   1.00 35.02 ? 33   THR A OG1 1 
ATOM   210  C  CG2 . THR A 1 33  ? -1.016  -2.649  6.528   1.00 30.98 ? 33   THR A CG2 1 
ATOM   211  N  N   . ILE A 1 34  ? -2.530  1.456   7.230   1.00 30.91 ? 34   ILE A N   1 
ATOM   212  C  CA  . ILE A 1 34  ? -3.172  2.548   7.942   1.00 32.17 ? 34   ILE A CA  1 
ATOM   213  C  C   . ILE A 1 34  ? -4.655  2.239   8.017   1.00 32.06 ? 34   ILE A C   1 
ATOM   214  O  O   . ILE A 1 34  ? -5.249  1.777   7.043   1.00 32.03 ? 34   ILE A O   1 
ATOM   215  C  CB  . ILE A 1 34  ? -3.023  3.898   7.211   1.00 31.99 ? 34   ILE A CB  1 
ATOM   216  C  CG1 . ILE A 1 34  ? -1.572  4.372   7.259   1.00 33.59 ? 34   ILE A CG1 1 
ATOM   217  C  CG2 . ILE A 1 34  ? -3.953  4.930   7.843   1.00 32.56 ? 34   ILE A CG2 1 
ATOM   218  C  CD1 . ILE A 1 34  ? -1.332  5.703   6.543   1.00 34.93 ? 34   ILE A CD1 1 
ATOM   219  N  N   . VAL A 1 35  ? -5.250  2.469   9.177   1.00 32.48 ? 35   VAL A N   1 
ATOM   220  C  CA  . VAL A 1 35  ? -6.673  2.251   9.325   1.00 33.83 ? 35   VAL A CA  1 
ATOM   221  C  C   . VAL A 1 35  ? -7.350  3.615   9.418   1.00 34.19 ? 35   VAL A C   1 
ATOM   222  O  O   . VAL A 1 35  ? -6.930  4.463   10.205  1.00 32.45 ? 35   VAL A O   1 
ATOM   223  C  CB  . VAL A 1 35  ? -6.993  1.460   10.595  1.00 35.00 ? 35   VAL A CB  1 
ATOM   224  C  CG1 . VAL A 1 35  ? -8.506  1.414   10.805  1.00 33.87 ? 35   VAL A CG1 1 
ATOM   225  C  CG2 . VAL A 1 35  ? -6.422  0.050   10.479  1.00 34.50 ? 35   VAL A CG2 1 
ATOM   226  N  N   . THR A 1 36  ? -8.371  3.826   8.592   1.00 33.95 ? 36   THR A N   1 
ATOM   227  C  CA  . THR A 1 36  ? -9.135  5.071   8.600   1.00 34.13 ? 36   THR A CA  1 
ATOM   228  C  C   . THR A 1 36  ? -10.596 4.706   8.815   1.00 34.86 ? 36   THR A C   1 
ATOM   229  O  O   . THR A 1 36  ? -10.973 3.537   8.701   1.00 35.27 ? 36   THR A O   1 
ATOM   230  C  CB  . THR A 1 36  ? -9.070  5.815   7.251   1.00 34.05 ? 36   THR A CB  1 
ATOM   231  O  OG1 . THR A 1 36  ? -9.808  5.079   6.265   1.00 32.24 ? 36   THR A OG1 1 
ATOM   232  C  CG2 . THR A 1 36  ? -7.638  5.982   6.791   1.00 33.17 ? 36   THR A CG2 1 
ATOM   233  N  N   . ASP A 1 37  ? -11.420 5.699   9.131   1.00 35.65 ? 37   ASP A N   1 
ATOM   234  C  CA  . ASP A 1 37  ? -12.841 5.439   9.289   1.00 36.03 ? 37   ASP A CA  1 
ATOM   235  C  C   . ASP A 1 37  ? -13.425 5.529   7.880   1.00 35.82 ? 37   ASP A C   1 
ATOM   236  O  O   . ASP A 1 37  ? -12.687 5.731   6.917   1.00 34.57 ? 37   ASP A O   1 
ATOM   237  C  CB  . ASP A 1 37  ? -13.505 6.464   10.222  1.00 36.76 ? 37   ASP A CB  1 
ATOM   238  C  CG  . ASP A 1 37  ? -13.318 7.902   9.758   1.00 38.65 ? 37   ASP A CG  1 
ATOM   239  O  OD1 . ASP A 1 37  ? -13.130 8.130   8.548   1.00 38.02 ? 37   ASP A OD1 1 
ATOM   240  O  OD2 . ASP A 1 37  ? -13.379 8.815   10.616  1.00 39.47 ? 37   ASP A OD2 1 
ATOM   241  N  N   . ALA A 1 38  ? -14.738 5.382   7.757   1.00 36.61 ? 38   ALA A N   1 
ATOM   242  C  CA  . ALA A 1 38  ? -15.383 5.433   6.447   1.00 37.25 ? 38   ALA A CA  1 
ATOM   243  C  C   . ALA A 1 38  ? -15.302 6.814   5.788   1.00 37.05 ? 38   ALA A C   1 
ATOM   244  O  O   . ALA A 1 38  ? -15.456 6.933   4.576   1.00 35.93 ? 38   ALA A O   1 
ATOM   245  C  CB  . ALA A 1 38  ? -16.836 4.990   6.568   1.00 38.50 ? 38   ALA A CB  1 
ATOM   246  N  N   . GLN A 1 39  ? -15.052 7.847   6.589   1.00 37.39 ? 39   GLN A N   1 
ATOM   247  C  CA  . GLN A 1 39  ? -14.946 9.215   6.084   1.00 37.28 ? 39   GLN A CA  1 
ATOM   248  C  C   . GLN A 1 39  ? -13.499 9.622   5.791   1.00 37.58 ? 39   GLN A C   1 
ATOM   249  O  O   . GLN A 1 39  ? -13.197 10.806  5.616   1.00 36.28 ? 39   GLN A O   1 
ATOM   250  C  CB  . GLN A 1 39  ? -15.561 10.199  7.088   1.00 38.84 ? 39   GLN A CB  1 
ATOM   251  C  CG  . GLN A 1 39  ? -17.074 10.069  7.252   1.00 39.47 ? 39   GLN A CG  1 
ATOM   252  C  CD  . GLN A 1 39  ? -17.805 10.133  5.927   1.00 40.79 ? 39   GLN A CD  1 
ATOM   253  O  OE1 . GLN A 1 39  ? -17.537 11.006  5.094   1.00 40.14 ? 39   GLN A OE1 1 
ATOM   254  N  NE2 . GLN A 1 39  ? -18.740 9.207   5.723   1.00 40.96 ? 39   GLN A NE2 1 
ATOM   255  N  N   . LEU A 1 40  ? -12.612 8.632   5.765   1.00 36.02 ? 40   LEU A N   1 
ATOM   256  C  CA  . LEU A 1 40  ? -11.202 8.830   5.469   1.00 35.93 ? 40   LEU A CA  1 
ATOM   257  C  C   . LEU A 1 40  ? -10.350 9.526   6.522   1.00 36.66 ? 40   LEU A C   1 
ATOM   258  O  O   . LEU A 1 40  ? -9.296  10.078  6.194   1.00 35.90 ? 40   LEU A O   1 
ATOM   259  C  CB  . LEU A 1 40  ? -11.042 9.557   4.130   1.00 35.22 ? 40   LEU A CB  1 
ATOM   260  C  CG  . LEU A 1 40  ? -11.734 8.924   2.922   1.00 33.46 ? 40   LEU A CG  1 
ATOM   261  C  CD1 . LEU A 1 40  ? -11.348 9.702   1.669   1.00 32.82 ? 40   LEU A CD1 1 
ATOM   262  C  CD2 . LEU A 1 40  ? -11.333 7.460   2.786   1.00 32.41 ? 40   LEU A CD2 1 
ATOM   263  N  N   . ASN A 1 41  ? -10.795 9.512   7.775   1.00 38.28 ? 41   ASN A N   1 
ATOM   264  C  CA  . ASN A 1 41  ? -10.005 10.110  8.853   1.00 38.06 ? 41   ASN A CA  1 
ATOM   265  C  C   . ASN A 1 41  ? -9.064  9.020   9.344   1.00 37.68 ? 41   ASN A C   1 
ATOM   266  O  O   . ASN A 1 41  ? -9.485  7.882   9.558   1.00 37.44 ? 41   ASN A O   1 
ATOM   267  C  CB  . ASN A 1 41  ? -10.901 10.556  10.015  1.00 39.96 ? 41   ASN A CB  1 
ATOM   268  C  CG  . ASN A 1 41  ? -11.891 11.631  9.610   1.00 41.10 ? 41   ASN A CG  1 
ATOM   269  O  OD1 . ASN A 1 41  ? -11.505 12.685  9.103   1.00 43.48 ? 41   ASN A OD1 1 
ATOM   270  N  ND2 . ASN A 1 41  ? -13.173 11.369  9.830   1.00 41.10 ? 41   ASN A ND2 1 
ATOM   271  N  N   . VAL A 1 42  ? -7.791  9.348   9.513   1.00 37.48 ? 42   VAL A N   1 
ATOM   272  C  CA  . VAL A 1 42  ? -6.834  8.354   9.987   1.00 37.35 ? 42   VAL A CA  1 
ATOM   273  C  C   . VAL A 1 42  ? -7.099  8.047   11.457  1.00 37.93 ? 42   VAL A C   1 
ATOM   274  O  O   . VAL A 1 42  ? -7.167  8.959   12.283  1.00 38.25 ? 42   VAL A O   1 
ATOM   275  C  CB  . VAL A 1 42  ? -5.388  8.862   9.855   1.00 36.70 ? 42   VAL A CB  1 
ATOM   276  C  CG1 . VAL A 1 42  ? -4.418  7.773   10.288  1.00 36.97 ? 42   VAL A CG1 1 
ATOM   277  C  CG2 . VAL A 1 42  ? -5.113  9.288   8.423   1.00 37.10 ? 42   VAL A CG2 1 
ATOM   278  N  N   . LEU A 1 43  ? -7.262  6.767   11.777  1.00 37.26 ? 43   LEU A N   1 
ATOM   279  C  CA  . LEU A 1 43  ? -7.505  6.347   13.153  1.00 38.04 ? 43   LEU A CA  1 
ATOM   280  C  C   . LEU A 1 43  ? -6.221  5.799   13.771  1.00 39.02 ? 43   LEU A C   1 
ATOM   281  O  O   . LEU A 1 43  ? -6.015  5.919   14.969  1.00 39.36 ? 43   LEU A O   1 
ATOM   282  C  CB  . LEU A 1 43  ? -8.587  5.263   13.205  1.00 37.25 ? 43   LEU A CB  1 
ATOM   283  C  CG  . LEU A 1 43  ? -9.997  5.597   12.700  1.00 37.87 ? 43   LEU A CG  1 
ATOM   284  C  CD1 . LEU A 1 43  ? -10.876 4.349   12.780  1.00 36.67 ? 43   LEU A CD1 1 
ATOM   285  C  CD2 . LEU A 1 43  ? -10.594 6.727   13.528  1.00 36.94 ? 43   LEU A CD2 1 
ATOM   286  N  N   . ALA A 1 44  ? -5.358  5.202   12.947  1.00 40.47 ? 44   ALA A N   1 
ATOM   287  C  CA  . ALA A 1 44  ? -4.104  4.631   13.437  1.00 39.81 ? 44   ALA A CA  1 
ATOM   288  C  C   . ALA A 1 44  ? -3.170  4.193   12.318  1.00 40.15 ? 44   ALA A C   1 
ATOM   289  O  O   . ALA A 1 44  ? -3.614  3.719   11.277  1.00 40.03 ? 44   ALA A O   1 
ATOM   290  C  CB  . ALA A 1 44  ? -4.397  3.443   14.341  1.00 40.50 ? 44   ALA A CB  1 
ATOM   291  N  N   . GLU A 1 45  ? -1.869  4.344   12.544  1.00 40.36 ? 45   GLU A N   1 
ATOM   292  C  CA  . GLU A 1 45  ? -0.876  3.936   11.563  1.00 42.11 ? 45   GLU A CA  1 
ATOM   293  C  C   . GLU A 1 45  ? -0.261  2.607   12.018  1.00 42.57 ? 45   GLU A C   1 
ATOM   294  O  O   . GLU A 1 45  ? 0.145   2.457   13.173  1.00 42.61 ? 45   GLU A O   1 
ATOM   295  C  CB  . GLU A 1 45  ? 0.196   5.020   11.422  1.00 43.77 ? 45   GLU A CB  1 
ATOM   296  C  CG  . GLU A 1 45  ? -0.392  6.404   11.156  1.00 46.94 ? 45   GLU A CG  1 
ATOM   297  C  CD  . GLU A 1 45  ? 0.669   7.478   10.964  1.00 50.66 ? 45   GLU A CD  1 
ATOM   298  O  OE1 . GLU A 1 45  ? 1.195   7.608   9.838   1.00 51.78 ? 45   GLU A OE1 1 
ATOM   299  O  OE2 . GLU A 1 45  ? 0.988   8.189   11.945  1.00 53.10 ? 45   GLU A OE2 1 
ATOM   300  N  N   . GLY A 1 46  ? -0.219  1.636   11.111  1.00 41.68 ? 46   GLY A N   1 
ATOM   301  C  CA  . GLY A 1 46  ? 0.326   0.335   11.449  1.00 40.70 ? 46   GLY A CA  1 
ATOM   302  C  C   . GLY A 1 46  ? 1.835   0.262   11.384  1.00 40.50 ? 46   GLY A C   1 
ATOM   303  O  O   . GLY A 1 46  ? 2.495   1.251   11.092  1.00 41.24 ? 46   GLY A O   1 
ATOM   304  N  N   . PRO A 1 47  ? 2.417   -0.908  11.663  1.00 41.35 ? 47   PRO A N   1 
ATOM   305  C  CA  . PRO A 1 47  ? 3.873   -1.003  11.606  1.00 42.03 ? 47   PRO A CA  1 
ATOM   306  C  C   . PRO A 1 47  ? 4.397   -0.872  10.187  1.00 42.54 ? 47   PRO A C   1 
ATOM   307  O  O   . PRO A 1 47  ? 3.780   -1.365  9.239   1.00 44.04 ? 47   PRO A O   1 
ATOM   308  C  CB  . PRO A 1 47  ? 4.154   -2.381  12.204  1.00 43.05 ? 47   PRO A CB  1 
ATOM   309  C  CG  . PRO A 1 47  ? 2.923   -3.170  11.853  1.00 41.53 ? 47   PRO A CG  1 
ATOM   310  C  CD  . PRO A 1 47  ? 1.822   -2.173  12.132  1.00 41.85 ? 47   PRO A CD  1 
ATOM   311  N  N   . GLU A 1 48  ? 5.523   -0.182  10.047  1.00 40.77 ? 48   GLU A N   1 
ATOM   312  C  CA  . GLU A 1 48  ? 6.150   -0.016  8.748   1.00 40.84 ? 48   GLU A CA  1 
ATOM   313  C  C   . GLU A 1 48  ? 7.397   -0.887  8.802   1.00 39.08 ? 48   GLU A C   1 
ATOM   314  O  O   . GLU A 1 48  ? 8.362   -0.550  9.486   1.00 38.73 ? 48   GLU A O   1 
ATOM   315  C  CB  . GLU A 1 48  ? 6.544   1.444   8.506   1.00 42.43 ? 48   GLU A CB  1 
ATOM   316  C  CG  . GLU A 1 48  ? 6.983   1.695   7.074   1.00 44.85 ? 48   GLU A CG  1 
ATOM   317  C  CD  . GLU A 1 48  ? 7.472   3.105   6.839   1.00 47.69 ? 48   GLU A CD  1 
ATOM   318  O  OE1 . GLU A 1 48  ? 7.728   3.446   5.660   1.00 48.58 ? 48   GLU A OE1 1 
ATOM   319  O  OE2 . GLU A 1 48  ? 7.605   3.866   7.827   1.00 48.19 ? 48   GLU A OE2 1 
ATOM   320  N  N   . LEU A 1 49  ? 7.376   -2.007  8.091   1.00 37.18 ? 49   LEU A N   1 
ATOM   321  C  CA  . LEU A 1 49  ? 8.511   -2.914  8.113   1.00 35.75 ? 49   LEU A CA  1 
ATOM   322  C  C   . LEU A 1 49  ? 9.221   -3.150  6.785   1.00 34.46 ? 49   LEU A C   1 
ATOM   323  O  O   . LEU A 1 49  ? 8.585   -3.302  5.742   1.00 33.49 ? 49   LEU A O   1 
ATOM   324  C  CB  . LEU A 1 49  ? 8.085   -4.282  8.663   1.00 37.27 ? 49   LEU A CB  1 
ATOM   325  C  CG  . LEU A 1 49  ? 7.414   -4.459  10.029  1.00 39.86 ? 49   LEU A CG  1 
ATOM   326  C  CD1 . LEU A 1 49  ? 8.168   -3.670  11.091  1.00 41.26 ? 49   LEU A CD1 1 
ATOM   327  C  CD2 . LEU A 1 49  ? 5.979   -4.006  9.947   1.00 42.93 ? 49   LEU A CD2 1 
ATOM   328  N  N   . ALA A 1 50  ? 10.550  -3.166  6.840   1.00 32.96 ? 50   ALA A N   1 
ATOM   329  C  CA  . ALA A 1 50  ? 11.375  -3.475  5.681   1.00 33.58 ? 50   ALA A CA  1 
ATOM   330  C  C   . ALA A 1 50  ? 11.676  -4.961  5.922   1.00 33.23 ? 50   ALA A C   1 
ATOM   331  O  O   . ALA A 1 50  ? 11.868  -5.389  7.067   1.00 31.11 ? 50   ALA A O   1 
ATOM   332  C  CB  . ALA A 1 50  ? 12.660  -2.655  5.690   1.00 34.34 ? 50   ALA A CB  1 
ATOM   333  N  N   . ILE A 1 51  ? 11.709  -5.748  4.857   1.00 33.65 ? 51   ILE A N   1 
ATOM   334  C  CA  . ILE A 1 51  ? 11.928  -7.180  4.992   1.00 33.90 ? 51   ILE A CA  1 
ATOM   335  C  C   . ILE A 1 51  ? 13.279  -7.679  4.489   1.00 33.71 ? 51   ILE A C   1 
ATOM   336  O  O   . ILE A 1 51  ? 13.665  -7.450  3.343   1.00 33.50 ? 51   ILE A O   1 
ATOM   337  C  CB  . ILE A 1 51  ? 10.772  -7.929  4.308   1.00 35.32 ? 51   ILE A CB  1 
ATOM   338  C  CG1 . ILE A 1 51  ? 9.467   -7.525  5.002   1.00 34.53 ? 51   ILE A CG1 1 
ATOM   339  C  CG2 . ILE A 1 51  ? 10.983  -9.444  4.366   1.00 33.78 ? 51   ILE A CG2 1 
ATOM   340  C  CD1 . ILE A 1 51  ? 8.233   -7.998  4.298   1.00 36.84 ? 51   ILE A CD1 1 
ATOM   341  N  N   . ALA A 1 52  ? 13.987  -8.371  5.379   1.00 33.33 ? 52   ALA A N   1 
ATOM   342  C  CA  . ALA A 1 52  ? 15.311  -8.915  5.104   1.00 32.11 ? 52   ALA A CA  1 
ATOM   343  C  C   . ALA A 1 52  ? 15.477  -9.644  3.776   1.00 31.47 ? 52   ALA A C   1 
ATOM   344  O  O   . ALA A 1 52  ? 14.793  -10.622 3.495   1.00 32.16 ? 52   ALA A O   1 
ATOM   345  C  CB  . ALA A 1 52  ? 15.729  -9.843  6.257   1.00 31.92 ? 52   ALA A CB  1 
ATOM   346  N  N   . HIS A 1 53  ? 16.399  -9.158  2.957   1.00 31.93 ? 53   HIS A N   1 
ATOM   347  C  CA  . HIS A 1 53  ? 16.702  -9.785  1.675   1.00 31.94 ? 53   HIS A CA  1 
ATOM   348  C  C   . HIS A 1 53  ? 18.204  -9.665  1.505   1.00 33.79 ? 53   HIS A C   1 
ATOM   349  O  O   . HIS A 1 53  ? 18.823  -8.781  2.098   1.00 34.13 ? 53   HIS A O   1 
ATOM   350  C  CB  . HIS A 1 53  ? 15.987  -9.070  0.515   1.00 30.49 ? 53   HIS A CB  1 
ATOM   351  C  CG  . HIS A 1 53  ? 14.519  -9.360  0.433   1.00 28.54 ? 53   HIS A CG  1 
ATOM   352  N  ND1 . HIS A 1 53  ? 13.594  -8.766  1.267   1.00 28.88 ? 53   HIS A ND1 1 
ATOM   353  C  CD2 . HIS A 1 53  ? 13.818  -10.203 -0.365  1.00 26.42 ? 53   HIS A CD2 1 
ATOM   354  C  CE1 . HIS A 1 53  ? 12.388  -9.232  0.988   1.00 28.39 ? 53   HIS A CE1 1 
ATOM   355  N  NE2 . HIS A 1 53  ? 12.495  -10.106 0.002   1.00 27.34 ? 53   HIS A NE2 1 
ATOM   356  N  N   . SER A 1 54  ? 18.792  -10.543 0.704   1.00 36.24 ? 54   SER A N   1 
ATOM   357  C  CA  . SER A 1 54  ? 20.228  -10.513 0.485   1.00 39.41 ? 54   SER A CA  1 
ATOM   358  C  C   . SER A 1 54  ? 20.612  -9.417  -0.495  1.00 41.91 ? 54   SER A C   1 
ATOM   359  O  O   . SER A 1 54  ? 19.820  -9.032  -1.360  1.00 42.41 ? 54   SER A O   1 
ATOM   360  C  CB  . SER A 1 54  ? 20.713  -11.854 -0.055  1.00 38.60 ? 54   SER A CB  1 
ATOM   361  O  OG  . SER A 1 54  ? 20.168  -12.089 -1.339  1.00 42.75 ? 54   SER A OG  1 
ATOM   362  N  N   . LEU A 1 55  ? 21.840  -8.927  -0.348  1.00 44.04 ? 55   LEU A N   1 
ATOM   363  C  CA  . LEU A 1 55  ? 22.383  -7.879  -1.207  1.00 46.17 ? 55   LEU A CA  1 
ATOM   364  C  C   . LEU A 1 55  ? 22.301  -8.348  -2.664  1.00 46.72 ? 55   LEU A C   1 
ATOM   365  O  O   . LEU A 1 55  ? 22.055  -7.553  -3.569  1.00 46.81 ? 55   LEU A O   1 
ATOM   366  C  CB  . LEU A 1 55  ? 23.837  -7.594  -0.794  1.00 46.71 ? 55   LEU A CB  1 
ATOM   367  C  CG  . LEU A 1 55  ? 24.649  -6.423  -1.363  1.00 47.56 ? 55   LEU A CG  1 
ATOM   368  C  CD1 . LEU A 1 55  ? 25.095  -6.742  -2.760  1.00 48.10 ? 55   LEU A CD1 1 
ATOM   369  C  CD2 . LEU A 1 55  ? 23.828  -5.143  -1.325  1.00 48.24 ? 55   LEU A CD2 1 
ATOM   370  N  N   . GLU A 1 56  ? 22.478  -9.651  -2.872  1.00 47.79 ? 56   GLU A N   1 
ATOM   371  C  CA  . GLU A 1 56  ? 22.421  -10.237 -4.207  1.00 48.81 ? 56   GLU A CA  1 
ATOM   372  C  C   . GLU A 1 56  ? 21.034  -10.049 -4.824  1.00 48.70 ? 56   GLU A C   1 
ATOM   373  O  O   . GLU A 1 56  ? 20.898  -9.828  -6.030  1.00 49.91 ? 56   GLU A O   1 
ATOM   374  C  CB  . GLU A 1 56  ? 22.741  -11.733 -4.143  1.00 50.37 ? 56   GLU A CB  1 
ATOM   375  C  CG  . GLU A 1 56  ? 23.427  -12.269 -5.396  1.00 54.89 ? 56   GLU A CG  1 
ATOM   376  C  CD  . GLU A 1 56  ? 22.899  -13.635 -5.836  1.00 57.11 ? 56   GLU A CD  1 
ATOM   377  O  OE1 . GLU A 1 56  ? 22.803  -14.551 -4.981  1.00 58.77 ? 56   GLU A OE1 1 
ATOM   378  O  OE2 . GLU A 1 56  ? 22.586  -13.789 -7.043  1.00 57.18 ? 56   GLU A OE2 1 
ATOM   379  N  N   . THR A 1 57  ? 20.002  -10.147 -3.998  1.00 46.68 ? 57   THR A N   1 
ATOM   380  C  CA  . THR A 1 57  ? 18.646  -9.987  -4.491  1.00 45.17 ? 57   THR A CA  1 
ATOM   381  C  C   . THR A 1 57  ? 18.395  -8.541  -4.910  1.00 44.82 ? 57   THR A C   1 
ATOM   382  O  O   . THR A 1 57  ? 17.746  -8.288  -5.925  1.00 43.63 ? 57   THR A O   1 
ATOM   383  C  CB  . THR A 1 57  ? 17.598  -10.393 -3.410  1.00 44.44 ? 57   THR A CB  1 
ATOM   384  O  OG1 . THR A 1 57  ? 17.748  -11.783 -3.097  1.00 43.15 ? 57   THR A OG1 1 
ATOM   385  C  CG2 . THR A 1 57  ? 16.179  -10.155 -3.913  1.00 42.08 ? 57   THR A CG2 1 
ATOM   386  N  N   . LEU A 1 58  ? 18.912  -7.599  -4.127  1.00 45.32 ? 58   LEU A N   1 
ATOM   387  C  CA  . LEU A 1 58  ? 18.717  -6.182  -4.411  1.00 46.51 ? 58   LEU A CA  1 
ATOM   388  C  C   . LEU A 1 58  ? 19.374  -5.731  -5.709  1.00 48.51 ? 58   LEU A C   1 
ATOM   389  O  O   . LEU A 1 58  ? 18.777  -4.987  -6.492  1.00 47.76 ? 58   LEU A O   1 
ATOM   390  C  CB  . LEU A 1 58  ? 19.233  -5.334  -3.249  1.00 45.38 ? 58   LEU A CB  1 
ATOM   391  C  CG  . LEU A 1 58  ? 18.517  -5.535  -1.912  1.00 47.03 ? 58   LEU A CG  1 
ATOM   392  C  CD1 . LEU A 1 58  ? 19.144  -4.639  -0.855  1.00 46.48 ? 58   LEU A CD1 1 
ATOM   393  C  CD2 . LEU A 1 58  ? 17.036  -5.227  -2.072  1.00 46.74 ? 58   LEU A CD2 1 
ATOM   394  N  N   . GLU A 1 59  ? 20.604  -6.178  -5.932  1.00 50.20 ? 59   GLU A N   1 
ATOM   395  C  CA  . GLU A 1 59  ? 21.334  -5.818  -7.138  1.00 52.31 ? 59   GLU A CA  1 
ATOM   396  C  C   . GLU A 1 59  ? 20.745  -6.484  -8.369  1.00 52.90 ? 59   GLU A C   1 
ATOM   397  O  O   . GLU A 1 59  ? 21.035  -6.085  -9.494  1.00 54.34 ? 59   GLU A O   1 
ATOM   398  C  CB  . GLU A 1 59  ? 22.805  -6.201  -6.994  1.00 52.23 ? 59   GLU A CB  1 
ATOM   399  C  CG  . GLU A 1 59  ? 23.556  -5.317  -6.024  1.00 52.94 ? 59   GLU A CG  1 
ATOM   400  C  CD  . GLU A 1 59  ? 24.947  -5.833  -5.737  1.00 54.08 ? 59   GLU A CD  1 
ATOM   401  O  OE1 . GLU A 1 59  ? 25.756  -5.071  -5.164  1.00 54.46 ? 59   GLU A OE1 1 
ATOM   402  O  OE2 . GLU A 1 59  ? 25.229  -7.004  -6.075  1.00 54.97 ? 59   GLU A OE2 1 
ATOM   403  N  N   . ALA A 1 60  ? 19.919  -7.500  -8.153  1.00 53.49 ? 60   ALA A N   1 
ATOM   404  C  CA  . ALA A 1 60  ? 19.293  -8.214  -9.259  1.00 54.30 ? 60   ALA A CA  1 
ATOM   405  C  C   . ALA A 1 60  ? 18.081  -7.445  -9.781  1.00 55.07 ? 60   ALA A C   1 
ATOM   406  O  O   . ALA A 1 60  ? 17.499  -7.801  -10.808 1.00 54.54 ? 60   ALA A O   1 
ATOM   407  C  CB  . ALA A 1 60  ? 18.876  -9.606  -8.811  1.00 54.73 ? 60   ALA A CB  1 
ATOM   408  N  N   . MET A 1 61  ? 17.701  -6.386  -9.076  1.00 55.85 ? 61   MET A N   1 
ATOM   409  C  CA  . MET A 1 61  ? 16.558  -5.589  -9.497  1.00 57.89 ? 61   MET A CA  1 
ATOM   410  C  C   . MET A 1 61  ? 16.895  -4.797  -10.755 1.00 60.38 ? 61   MET A C   1 
ATOM   411  O  O   . MET A 1 61  ? 18.051  -4.763  -11.181 1.00 60.27 ? 61   MET A O   1 
ATOM   412  C  CB  . MET A 1 61  ? 16.141  -4.624  -8.385  1.00 55.23 ? 61   MET A CB  1 
ATOM   413  C  CG  . MET A 1 61  ? 15.693  -5.305  -7.106  1.00 52.52 ? 61   MET A CG  1 
ATOM   414  S  SD  . MET A 1 61  ? 14.973  -4.126  -5.969  1.00 49.43 ? 61   MET A SD  1 
ATOM   415  C  CE  . MET A 1 61  ? 16.439  -3.218  -5.427  1.00 52.03 ? 61   MET A CE  1 
ATOM   416  N  N   . ASP A 1 62  ? 15.881  -4.168  -11.348 1.00 63.44 ? 62   ASP A N   1 
ATOM   417  C  CA  . ASP A 1 62  ? 16.070  -3.360  -12.551 1.00 66.43 ? 62   ASP A CA  1 
ATOM   418  C  C   . ASP A 1 62  ? 17.017  -2.205  -12.239 1.00 67.70 ? 62   ASP A C   1 
ATOM   419  O  O   . ASP A 1 62  ? 17.937  -2.342  -11.433 1.00 68.72 ? 62   ASP A O   1 
ATOM   420  C  CB  . ASP A 1 62  ? 14.725  -2.808  -13.044 1.00 68.05 ? 62   ASP A CB  1 
ATOM   421  C  CG  . ASP A 1 62  ? 13.795  -3.897  -13.562 1.00 69.75 ? 62   ASP A CG  1 
ATOM   422  O  OD1 . ASP A 1 62  ? 14.106  -4.504  -14.609 1.00 69.64 ? 62   ASP A OD1 1 
ATOM   423  O  OD2 . ASP A 1 62  ? 12.753  -4.148  -12.918 1.00 71.22 ? 62   ASP A OD2 1 
ATOM   424  N  N   . GLU A 1 63  ? 16.796  -1.061  -12.874 1.00 68.77 ? 63   GLU A N   1 
ATOM   425  C  CA  . GLU A 1 63  ? 17.658  0.085   -12.640 1.00 70.08 ? 63   GLU A CA  1 
ATOM   426  C  C   . GLU A 1 63  ? 16.910  1.160   -11.871 1.00 70.64 ? 63   GLU A C   1 
ATOM   427  O  O   . GLU A 1 63  ? 17.378  1.629   -10.832 1.00 70.50 ? 63   GLU A O   1 
ATOM   428  C  CB  . GLU A 1 63  ? 18.170  0.631   -13.975 1.00 71.87 ? 63   GLU A CB  1 
ATOM   429  C  CG  . GLU A 1 63  ? 19.072  -0.346  -14.726 1.00 72.85 ? 63   GLU A CG  1 
ATOM   430  C  CD  . GLU A 1 63  ? 18.448  -1.728  -14.862 1.00 73.61 ? 63   GLU A CD  1 
ATOM   431  O  OE1 . GLU A 1 63  ? 17.366  -1.840  -15.483 1.00 73.85 ? 63   GLU A OE1 1 
ATOM   432  O  OE2 . GLU A 1 63  ? 19.036  -2.701  -14.340 1.00 74.00 ? 63   GLU A OE2 1 
ATOM   433  N  N   . TRP A 1 64  ? 15.747  1.548   -12.381 1.00 71.18 ? 64   TRP A N   1 
ATOM   434  C  CA  . TRP A 1 64  ? 14.944  2.564   -11.717 1.00 72.13 ? 64   TRP A CA  1 
ATOM   435  C  C   . TRP A 1 64  ? 14.671  2.088   -10.294 1.00 71.53 ? 64   TRP A C   1 
ATOM   436  O  O   . TRP A 1 64  ? 14.743  2.870   -9.340  1.00 71.57 ? 64   TRP A O   1 
ATOM   437  C  CB  . TRP A 1 64  ? 13.636  2.797   -12.490 1.00 74.36 ? 64   TRP A CB  1 
ATOM   438  C  CG  . TRP A 1 64  ? 12.914  1.533   -12.878 1.00 76.83 ? 64   TRP A CG  1 
ATOM   439  C  CD1 . TRP A 1 64  ? 11.940  0.887   -12.165 1.00 77.34 ? 64   TRP A CD1 1 
ATOM   440  C  CD2 . TRP A 1 64  ? 13.125  0.753   -14.067 1.00 77.83 ? 64   TRP A CD2 1 
ATOM   441  N  NE1 . TRP A 1 64  ? 11.532  -0.246  -12.837 1.00 78.15 ? 64   TRP A NE1 1 
ATOM   442  C  CE2 . TRP A 1 64  ? 12.242  -0.352  -14.005 1.00 78.25 ? 64   TRP A CE2 1 
ATOM   443  C  CE3 . TRP A 1 64  ? 13.975  0.881   -15.178 1.00 77.89 ? 64   TRP A CE3 1 
ATOM   444  C  CZ2 . TRP A 1 64  ? 12.184  -1.328  -15.016 1.00 78.41 ? 64   TRP A CZ2 1 
ATOM   445  C  CZ3 . TRP A 1 64  ? 13.917  -0.092  -16.185 1.00 78.21 ? 64   TRP A CZ3 1 
ATOM   446  C  CH2 . TRP A 1 64  ? 13.025  -1.181  -16.092 1.00 78.22 ? 64   TRP A CH2 1 
ATOM   447  N  N   . ASN A 1 65  ? 14.376  0.796   -10.159 1.00 70.36 ? 65   ASN A N   1 
ATOM   448  C  CA  . ASN A 1 65  ? 14.115  0.196   -8.854  1.00 69.04 ? 65   ASN A CA  1 
ATOM   449  C  C   . ASN A 1 65  ? 15.289  0.451   -7.914  1.00 67.94 ? 65   ASN A C   1 
ATOM   450  O  O   . ASN A 1 65  ? 15.120  1.016   -6.834  1.00 67.63 ? 65   ASN A O   1 
ATOM   451  C  CB  . ASN A 1 65  ? 13.904  -1.313  -8.987  1.00 68.69 ? 65   ASN A CB  1 
ATOM   452  C  CG  . ASN A 1 65  ? 12.495  -1.671  -9.405  1.00 68.97 ? 65   ASN A CG  1 
ATOM   453  O  OD1 . ASN A 1 65  ? 11.530  -1.378  -8.694  1.00 67.61 ? 65   ASN A OD1 1 
ATOM   454  N  ND2 . ASN A 1 65  ? 12.367  -2.316  -10.562 1.00 68.75 ? 65   ASN A ND2 1 
ATOM   455  N  N   . ARG A 1 66  ? 16.478  0.034   -8.339  1.00 66.91 ? 66   ARG A N   1 
ATOM   456  C  CA  . ARG A 1 66  ? 17.680  0.207   -7.534  1.00 65.77 ? 66   ARG A CA  1 
ATOM   457  C  C   . ARG A 1 66  ? 17.907  1.655   -7.121  1.00 65.11 ? 66   ARG A C   1 
ATOM   458  O  O   . ARG A 1 66  ? 18.141  1.938   -5.944  1.00 64.02 ? 66   ARG A O   1 
ATOM   459  C  CB  . ARG A 1 66  ? 18.894  -0.325  -8.295  1.00 65.51 ? 66   ARG A CB  1 
ATOM   460  C  CG  . ARG A 1 66  ? 18.777  -1.803  -8.610  1.00 66.37 ? 66   ARG A CG  1 
ATOM   461  C  CD  . ARG A 1 66  ? 20.068  -2.386  -9.151  1.00 67.27 ? 66   ARG A CD  1 
ATOM   462  N  NE  . ARG A 1 66  ? 20.409  -1.864  -10.469 1.00 68.42 ? 66   ARG A NE  1 
ATOM   463  C  CZ  . ARG A 1 66  ? 21.429  -2.307  -11.196 1.00 69.69 ? 66   ARG A CZ  1 
ATOM   464  N  NH1 . ARG A 1 66  ? 22.204  -3.279  -10.728 1.00 69.76 ? 66   ARG A NH1 1 
ATOM   465  N  NH2 . ARG A 1 66  ? 21.673  -1.782  -12.390 1.00 70.95 ? 66   ARG A NH2 1 
ATOM   466  N  N   . ASN A 1 67  ? 17.824  2.570   -8.085  1.00 64.69 ? 67   ASN A N   1 
ATOM   467  C  CA  . ASN A 1 67  ? 18.025  3.989   -7.805  1.00 64.68 ? 67   ASN A CA  1 
ATOM   468  C  C   . ASN A 1 67  ? 16.995  4.529   -6.813  1.00 63.59 ? 67   ASN A C   1 
ATOM   469  O  O   . ASN A 1 67  ? 17.347  5.218   -5.849  1.00 62.96 ? 67   ASN A O   1 
ATOM   470  C  CB  . ASN A 1 67  ? 17.966  4.813   -9.102  1.00 65.99 ? 67   ASN A CB  1 
ATOM   471  C  CG  . ASN A 1 67  ? 19.147  4.540   -10.032 1.00 67.15 ? 67   ASN A CG  1 
ATOM   472  O  OD1 . ASN A 1 67  ? 19.152  3.562   -10.786 1.00 67.00 ? 67   ASN A OD1 1 
ATOM   473  N  ND2 . ASN A 1 67  ? 20.157  5.406   -9.973  1.00 67.24 ? 67   ASN A ND2 1 
ATOM   474  N  N   . GLN A 1 68  ? 15.725  4.211   -7.050  1.00 62.71 ? 68   GLN A N   1 
ATOM   475  C  CA  . GLN A 1 68  ? 14.646  4.671   -6.180  1.00 62.21 ? 68   GLN A CA  1 
ATOM   476  C  C   . GLN A 1 68  ? 14.824  4.223   -4.723  1.00 60.92 ? 68   GLN A C   1 
ATOM   477  O  O   . GLN A 1 68  ? 14.778  5.047   -3.798  1.00 59.94 ? 68   GLN A O   1 
ATOM   478  C  CB  . GLN A 1 68  ? 13.297  4.175   -6.721  1.00 63.57 ? 68   GLN A CB  1 
ATOM   479  C  CG  . GLN A 1 68  ? 12.079  4.656   -5.931  1.00 65.98 ? 68   GLN A CG  1 
ATOM   480  C  CD  . GLN A 1 68  ? 12.070  6.169   -5.711  1.00 67.97 ? 68   GLN A CD  1 
ATOM   481  O  OE1 . GLN A 1 68  ? 12.797  6.694   -4.858  1.00 68.93 ? 68   GLN A OE1 1 
ATOM   482  N  NE2 . GLN A 1 68  ? 11.249  6.875   -6.487  1.00 68.63 ? 68   GLN A NE2 1 
ATOM   483  N  N   . HIS A 1 69  ? 15.035  2.923   -4.522  1.00 58.88 ? 69   HIS A N   1 
ATOM   484  C  CA  . HIS A 1 69  ? 15.208  2.379   -3.175  1.00 57.49 ? 69   HIS A CA  1 
ATOM   485  C  C   . HIS A 1 69  ? 16.491  2.856   -2.498  1.00 57.31 ? 69   HIS A C   1 
ATOM   486  O  O   . HIS A 1 69  ? 16.555  2.942   -1.266  1.00 56.73 ? 69   HIS A O   1 
ATOM   487  C  CB  . HIS A 1 69  ? 15.158  0.854   -3.217  1.00 55.87 ? 69   HIS A CB  1 
ATOM   488  C  CG  . HIS A 1 69  ? 13.876  0.317   -3.770  1.00 53.55 ? 69   HIS A CG  1 
ATOM   489  N  ND1 . HIS A 1 69  ? 12.643  0.813   -3.397  1.00 52.91 ? 69   HIS A ND1 1 
ATOM   490  C  CD2 . HIS A 1 69  ? 13.631  -0.674  -4.658  1.00 52.41 ? 69   HIS A CD2 1 
ATOM   491  C  CE1 . HIS A 1 69  ? 11.695  0.147   -4.032  1.00 52.47 ? 69   HIS A CE1 1 
ATOM   492  N  NE2 . HIS A 1 69  ? 12.267  -0.761  -4.803  1.00 52.50 ? 69   HIS A NE2 1 
ATOM   493  N  N   . ARG A 1 70  ? 17.508  3.163   -3.302  1.00 57.07 ? 70   ARG A N   1 
ATOM   494  C  CA  . ARG A 1 70  ? 18.775  3.674   -2.778  1.00 56.68 ? 70   ARG A CA  1 
ATOM   495  C  C   . ARG A 1 70  ? 18.532  5.070   -2.226  1.00 55.72 ? 70   ARG A C   1 
ATOM   496  O  O   . ARG A 1 70  ? 18.863  5.368   -1.080  1.00 53.82 ? 70   ARG A O   1 
ATOM   497  C  CB  . ARG A 1 70  ? 19.819  3.763   -3.893  1.00 58.59 ? 70   ARG A CB  1 
ATOM   498  C  CG  . ARG A 1 70  ? 20.550  2.471   -4.200  1.00 60.29 ? 70   ARG A CG  1 
ATOM   499  C  CD  . ARG A 1 70  ? 21.903  2.434   -3.508  1.00 62.17 ? 70   ARG A CD  1 
ATOM   500  N  NE  . ARG A 1 70  ? 22.683  1.262   -3.899  1.00 64.12 ? 70   ARG A NE  1 
ATOM   501  C  CZ  . ARG A 1 70  ? 22.989  0.950   -5.155  1.00 65.32 ? 70   ARG A CZ  1 
ATOM   502  N  NH1 . ARG A 1 70  ? 22.580  1.724   -6.154  1.00 65.54 ? 70   ARG A NH1 1 
ATOM   503  N  NH2 . ARG A 1 70  ? 23.700  -0.143  -5.417  1.00 65.22 ? 70   ARG A NH2 1 
ATOM   504  N  N   . ARG A 1 71  ? 17.931  5.917   -3.058  1.00 56.84 ? 71   ARG A N   1 
ATOM   505  C  CA  . ARG A 1 71  ? 17.643  7.298   -2.692  1.00 57.95 ? 71   ARG A CA  1 
ATOM   506  C  C   . ARG A 1 71  ? 16.698  7.431   -1.495  1.00 57.01 ? 71   ARG A C   1 
ATOM   507  O  O   . ARG A 1 71  ? 16.856  8.340   -0.670  1.00 56.25 ? 71   ARG A O   1 
ATOM   508  C  CB  . ARG A 1 71  ? 17.069  8.044   -3.900  1.00 60.83 ? 71   ARG A CB  1 
ATOM   509  C  CG  . ARG A 1 71  ? 17.405  9.531   -3.910  1.00 65.22 ? 71   ARG A CG  1 
ATOM   510  C  CD  . ARG A 1 71  ? 16.874  10.230  -5.154  1.00 68.27 ? 71   ARG A CD  1 
ATOM   511  N  NE  . ARG A 1 71  ? 17.464  11.559  -5.316  1.00 70.46 ? 71   ARG A NE  1 
ATOM   512  C  CZ  . ARG A 1 71  ? 17.128  12.419  -6.274  1.00 71.37 ? 71   ARG A CZ  1 
ATOM   513  N  NH1 . ARG A 1 71  ? 16.196  12.096  -7.163  1.00 71.79 ? 71   ARG A NH1 1 
ATOM   514  N  NH2 . ARG A 1 71  ? 17.730  13.600  -6.349  1.00 71.55 ? 71   ARG A NH2 1 
ATOM   515  N  N   . SER A 1 72  ? 15.724  6.528   -1.396  1.00 55.26 ? 72   SER A N   1 
ATOM   516  C  CA  . SER A 1 72  ? 14.763  6.556   -0.293  1.00 53.36 ? 72   SER A CA  1 
ATOM   517  C  C   . SER A 1 72  ? 15.356  6.017   0.999   1.00 52.10 ? 72   SER A C   1 
ATOM   518  O  O   . SER A 1 72  ? 14.889  6.348   2.091   1.00 51.16 ? 72   SER A O   1 
ATOM   519  C  CB  . SER A 1 72  ? 13.525  5.732   -0.643  1.00 53.59 ? 72   SER A CB  1 
ATOM   520  O  OG  . SER A 1 72  ? 13.859  4.374   -0.861  1.00 53.64 ? 72   SER A OG  1 
ATOM   521  N  N   . GLY A 1 73  ? 16.385  5.181   0.867   1.00 51.88 ? 73   GLY A N   1 
ATOM   522  C  CA  . GLY A 1 73  ? 17.024  4.590   2.030   1.00 50.71 ? 73   GLY A CA  1 
ATOM   523  C  C   . GLY A 1 73  ? 16.478  3.206   2.348   1.00 50.38 ? 73   GLY A C   1 
ATOM   524  O  O   . GLY A 1 73  ? 16.936  2.550   3.287   1.00 50.00 ? 73   GLY A O   1 
ATOM   525  N  N   . LEU A 1 74  ? 15.501  2.753   1.563   1.00 48.67 ? 74   LEU A N   1 
ATOM   526  C  CA  . LEU A 1 74  ? 14.907  1.442   1.784   1.00 47.26 ? 74   LEU A CA  1 
ATOM   527  C  C   . LEU A 1 74  ? 15.939  0.343   1.578   1.00 46.96 ? 74   LEU A C   1 
ATOM   528  O  O   . LEU A 1 74  ? 15.921  -0.679  2.267   1.00 45.45 ? 74   LEU A O   1 
ATOM   529  C  CB  . LEU A 1 74  ? 13.729  1.219   0.835   1.00 46.18 ? 74   LEU A CB  1 
ATOM   530  C  CG  . LEU A 1 74  ? 12.974  -0.102  1.035   1.00 45.52 ? 74   LEU A CG  1 
ATOM   531  C  CD1 . LEU A 1 74  ? 12.420  -0.182  2.452   1.00 42.79 ? 74   LEU A CD1 1 
ATOM   532  C  CD2 . LEU A 1 74  ? 11.857  -0.204  0.011   1.00 44.96 ? 74   LEU A CD2 1 
ATOM   533  N  N   . TRP A 1 75  ? 16.833  0.568   0.622   1.00 46.73 ? 75   TRP A N   1 
ATOM   534  C  CA  . TRP A 1 75  ? 17.894  -0.381  0.297   1.00 46.91 ? 75   TRP A CA  1 
ATOM   535  C  C   . TRP A 1 75  ? 18.703  -0.745  1.542   1.00 47.42 ? 75   TRP A C   1 
ATOM   536  O  O   . TRP A 1 75  ? 19.026  -1.912  1.770   1.00 46.91 ? 75   TRP A O   1 
ATOM   537  C  CB  . TRP A 1 75  ? 18.804  0.228   -0.780  1.00 45.75 ? 75   TRP A CB  1 
ATOM   538  C  CG  . TRP A 1 75  ? 19.987  -0.606  -1.179  1.00 45.22 ? 75   TRP A CG  1 
ATOM   539  C  CD1 . TRP A 1 75  ? 21.080  -0.911  -0.408  1.00 44.94 ? 75   TRP A CD1 1 
ATOM   540  C  CD2 . TRP A 1 75  ? 20.210  -1.228  -2.453  1.00 44.51 ? 75   TRP A CD2 1 
ATOM   541  N  NE1 . TRP A 1 75  ? 21.964  -1.682  -1.125  1.00 45.20 ? 75   TRP A NE1 1 
ATOM   542  C  CE2 . TRP A 1 75  ? 21.457  -1.894  -2.381  1.00 44.08 ? 75   TRP A CE2 1 
ATOM   543  C  CE3 . TRP A 1 75  ? 19.480  -1.288  -3.648  1.00 45.27 ? 75   TRP A CE3 1 
ATOM   544  C  CZ2 . TRP A 1 75  ? 21.991  -2.615  -3.459  1.00 44.37 ? 75   TRP A CZ2 1 
ATOM   545  C  CZ3 . TRP A 1 75  ? 20.014  -2.008  -4.730  1.00 45.01 ? 75   TRP A CZ3 1 
ATOM   546  C  CH2 . TRP A 1 75  ? 21.258  -2.660  -4.622  1.00 44.93 ? 75   TRP A CH2 1 
ATOM   547  N  N   . GLN A 1 76  ? 19.017  0.254   2.356   1.00 48.32 ? 76   GLN A N   1 
ATOM   548  C  CA  . GLN A 1 76  ? 19.797  0.010   3.559   1.00 49.01 ? 76   GLN A CA  1 
ATOM   549  C  C   . GLN A 1 76  ? 18.948  -0.633  4.653   1.00 47.97 ? 76   GLN A C   1 
ATOM   550  O  O   . GLN A 1 76  ? 19.449  -1.434  5.446   1.00 47.30 ? 76   GLN A O   1 
ATOM   551  C  CB  . GLN A 1 76  ? 20.414  1.320   4.065   1.00 51.03 ? 76   GLN A CB  1 
ATOM   552  C  CG  . GLN A 1 76  ? 21.413  1.120   5.199   1.00 54.18 ? 76   GLN A CG  1 
ATOM   553  C  CD  . GLN A 1 76  ? 22.484  0.090   4.850   1.00 56.00 ? 76   GLN A CD  1 
ATOM   554  O  OE1 . GLN A 1 76  ? 23.190  0.228   3.846   1.00 57.17 ? 76   GLN A OE1 1 
ATOM   555  N  NE2 . GLN A 1 76  ? 22.604  -0.950  5.677   1.00 54.75 ? 76   GLN A NE2 1 
ATOM   556  N  N   . ARG A 1 77  ? 17.665  -0.284  4.696   1.00 47.14 ? 77   ARG A N   1 
ATOM   557  C  CA  . ARG A 1 77  ? 16.764  -0.849  5.694   1.00 47.10 ? 77   ARG A CA  1 
ATOM   558  C  C   . ARG A 1 77  ? 16.573  -2.349  5.444   1.00 45.77 ? 77   ARG A C   1 
ATOM   559  O  O   . ARG A 1 77  ? 16.434  -3.131  6.383   1.00 45.37 ? 77   ARG A O   1 
ATOM   560  C  CB  . ARG A 1 77  ? 15.398  -0.150  5.650   1.00 48.74 ? 77   ARG A CB  1 
ATOM   561  C  CG  . ARG A 1 77  ? 15.445  1.361   5.793   1.00 51.28 ? 77   ARG A CG  1 
ATOM   562  C  CD  . ARG A 1 77  ? 14.622  1.851   6.982   1.00 53.70 ? 77   ARG A CD  1 
ATOM   563  N  NE  . ARG A 1 77  ? 13.222  1.416   6.952   1.00 55.79 ? 77   ARG A NE  1 
ATOM   564  C  CZ  . ARG A 1 77  ? 12.343  1.734   6.002   1.00 56.28 ? 77   ARG A CZ  1 
ATOM   565  N  NH1 . ARG A 1 77  ? 12.707  2.500   4.977   1.00 57.12 ? 77   ARG A NH1 1 
ATOM   566  N  NH2 . ARG A 1 77  ? 11.092  1.289   6.083   1.00 53.46 ? 77   ARG A NH2 1 
ATOM   567  N  N   . VAL A 1 78  ? 16.576  -2.744  4.173   1.00 44.61 ? 78   VAL A N   1 
ATOM   568  C  CA  . VAL A 1 78  ? 16.393  -4.144  3.801   1.00 44.20 ? 78   VAL A CA  1 
ATOM   569  C  C   . VAL A 1 78  ? 17.574  -5.003  4.235   1.00 44.62 ? 78   VAL A C   1 
ATOM   570  O  O   . VAL A 1 78  ? 17.394  -6.074  4.812   1.00 44.20 ? 78   VAL A O   1 
ATOM   571  C  CB  . VAL A 1 78  ? 16.163  -4.280  2.269   1.00 43.38 ? 78   VAL A CB  1 
ATOM   572  C  CG1 . VAL A 1 78  ? 16.282  -5.735  1.823   1.00 41.86 ? 78   VAL A CG1 1 
ATOM   573  C  CG2 . VAL A 1 78  ? 14.778  -3.752  1.924   1.00 42.31 ? 78   VAL A CG2 1 
ATOM   574  N  N   . LEU A 1 79  ? 18.782  -4.526  3.959   1.00 44.54 ? 79   LEU A N   1 
ATOM   575  C  CA  . LEU A 1 79  ? 19.993  -5.242  4.339   1.00 43.40 ? 79   LEU A CA  1 
ATOM   576  C  C   . LEU A 1 79  ? 20.130  -5.317  5.858   1.00 43.24 ? 79   LEU A C   1 
ATOM   577  O  O   . LEU A 1 79  ? 20.551  -6.341  6.390   1.00 43.77 ? 79   LEU A O   1 
ATOM   578  C  CB  . LEU A 1 79  ? 21.218  -4.550  3.740   1.00 43.15 ? 79   LEU A CB  1 
ATOM   579  C  CG  . LEU A 1 79  ? 21.849  -5.129  2.467   1.00 43.32 ? 79   LEU A CG  1 
ATOM   580  C  CD1 . LEU A 1 79  ? 20.895  -6.063  1.732   1.00 42.55 ? 79   LEU A CD1 1 
ATOM   581  C  CD2 . LEU A 1 79  ? 22.289  -3.972  1.584   1.00 42.20 ? 79   LEU A CD2 1 
ATOM   582  N  N   . ASP A 1 80  ? 19.755  -4.247  6.554   1.00 42.98 ? 80   ASP A N   1 
ATOM   583  C  CA  . ASP A 1 80  ? 19.852  -4.214  8.018   1.00 43.52 ? 80   ASP A CA  1 
ATOM   584  C  C   . ASP A 1 80  ? 18.688  -4.903  8.733   1.00 42.57 ? 80   ASP A C   1 
ATOM   585  O  O   . ASP A 1 80  ? 18.761  -5.188  9.929   1.00 42.87 ? 80   ASP A O   1 
ATOM   586  C  CB  . ASP A 1 80  ? 19.940  -2.765  8.520   1.00 45.25 ? 80   ASP A CB  1 
ATOM   587  C  CG  . ASP A 1 80  ? 21.280  -2.104  8.199   1.00 48.42 ? 80   ASP A CG  1 
ATOM   588  O  OD1 . ASP A 1 80  ? 21.418  -0.894  8.486   1.00 49.84 ? 80   ASP A OD1 1 
ATOM   589  O  OD2 . ASP A 1 80  ? 22.193  -2.786  7.672   1.00 48.92 ? 80   ASP A OD2 1 
ATOM   590  N  N   . SER A 1 81  ? 17.615  -5.173  8.005   1.00 40.17 ? 81   SER A N   1 
ATOM   591  C  CA  . SER A 1 81  ? 16.444  -5.795  8.610   1.00 37.99 ? 81   SER A CA  1 
ATOM   592  C  C   . SER A 1 81  ? 16.628  -7.217  9.145   1.00 37.74 ? 81   SER A C   1 
ATOM   593  O  O   . SER A 1 81  ? 17.363  -8.039  8.583   1.00 37.56 ? 81   SER A O   1 
ATOM   594  C  CB  . SER A 1 81  ? 15.278  -5.780  7.621   1.00 35.72 ? 81   SER A CB  1 
ATOM   595  O  OG  . SER A 1 81  ? 14.141  -6.404  8.188   1.00 34.57 ? 81   SER A OG  1 
ATOM   596  N  N   . GLN A 1 82  ? 15.944  -7.495  10.245  1.00 37.91 ? 82   GLN A N   1 
ATOM   597  C  CA  . GLN A 1 82  ? 15.977  -8.812  10.851  1.00 38.22 ? 82   GLN A CA  1 
ATOM   598  C  C   . GLN A 1 82  ? 14.569  -9.412  10.778  1.00 36.63 ? 82   GLN A C   1 
ATOM   599  O  O   . GLN A 1 82  ? 14.318  -10.490 11.309  1.00 36.38 ? 82   GLN A O   1 
ATOM   600  C  CB  . GLN A 1 82  ? 16.438  -8.714  12.308  1.00 40.79 ? 82   GLN A CB  1 
ATOM   601  C  CG  . GLN A 1 82  ? 17.926  -8.398  12.485  1.00 45.71 ? 82   GLN A CG  1 
ATOM   602  C  CD  . GLN A 1 82  ? 18.833  -9.439  11.836  1.00 49.75 ? 82   GLN A CD  1 
ATOM   603  O  OE1 . GLN A 1 82  ? 19.209  -9.313  10.663  1.00 52.36 ? 82   GLN A OE1 1 
ATOM   604  N  NE2 . GLN A 1 82  ? 19.176  -10.482 12.594  1.00 50.10 ? 82   GLN A NE2 1 
ATOM   605  N  N   . VAL A 1 83  ? 13.661  -8.712  10.099  1.00 34.98 ? 83   VAL A N   1 
ATOM   606  C  CA  . VAL A 1 83  ? 12.274  -9.157  9.963   1.00 33.79 ? 83   VAL A CA  1 
ATOM   607  C  C   . VAL A 1 83  ? 12.035  -10.003 8.707   1.00 33.21 ? 83   VAL A C   1 
ATOM   608  O  O   . VAL A 1 83  ? 12.489  -9.654  7.613   1.00 34.25 ? 83   VAL A O   1 
ATOM   609  C  CB  . VAL A 1 83  ? 11.324  -7.941  9.936   1.00 33.76 ? 83   VAL A CB  1 
ATOM   610  C  CG1 . VAL A 1 83  ? 9.874   -8.397  10.043  1.00 31.22 ? 83   VAL A CG1 1 
ATOM   611  C  CG2 . VAL A 1 83  ? 11.680  -6.992  11.070  1.00 31.82 ? 83   VAL A CG2 1 
ATOM   612  N  N   . THR A 1 84  ? 11.328  -11.119 8.870   1.00 32.54 ? 84   THR A N   1 
ATOM   613  C  CA  . THR A 1 84  ? 11.022  -12.010 7.751   1.00 31.58 ? 84   THR A CA  1 
ATOM   614  C  C   . THR A 1 84  ? 9.592   -11.743 7.296   1.00 31.21 ? 84   THR A C   1 
ATOM   615  O  O   . THR A 1 84  ? 8.849   -11.019 7.954   1.00 31.58 ? 84   THR A O   1 
ATOM   616  C  CB  . THR A 1 84  ? 11.106  -13.492 8.163   1.00 30.70 ? 84   THR A CB  1 
ATOM   617  O  OG1 . THR A 1 84  ? 10.124  -13.752 9.170   1.00 31.60 ? 84   THR A OG1 1 
ATOM   618  C  CG2 . THR A 1 84  ? 12.486  -13.827 8.713   1.00 29.57 ? 84   THR A CG2 1 
ATOM   619  N  N   . HIS A 1 85  ? 9.203   -12.333 6.171   1.00 32.11 ? 85   HIS A N   1 
ATOM   620  C  CA  . HIS A 1 85  ? 7.850   -12.148 5.674   1.00 32.95 ? 85   HIS A CA  1 
ATOM   621  C  C   . HIS A 1 85  ? 6.825   -12.600 6.703   1.00 34.09 ? 85   HIS A C   1 
ATOM   622  O  O   . HIS A 1 85  ? 5.839   -11.906 6.946   1.00 34.96 ? 85   HIS A O   1 
ATOM   623  C  CB  . HIS A 1 85  ? 7.641   -12.912 4.365   1.00 30.99 ? 85   HIS A CB  1 
ATOM   624  C  CG  . HIS A 1 85  ? 8.252   -12.240 3.178   1.00 32.57 ? 85   HIS A CG  1 
ATOM   625  N  ND1 . HIS A 1 85  ? 9.360   -12.738 2.525   1.00 32.60 ? 85   HIS A ND1 1 
ATOM   626  C  CD2 . HIS A 1 85  ? 7.916   -11.099 2.530   1.00 32.07 ? 85   HIS A CD2 1 
ATOM   627  C  CE1 . HIS A 1 85  ? 9.676   -11.935 1.523   1.00 31.28 ? 85   HIS A CE1 1 
ATOM   628  N  NE2 . HIS A 1 85  ? 8.816   -10.933 1.504   1.00 29.67 ? 85   HIS A NE2 1 
ATOM   629  N  N   . ALA A 1 86  ? 7.062   -13.757 7.316   1.00 34.73 ? 86   ALA A N   1 
ATOM   630  C  CA  . ALA A 1 86  ? 6.139   -14.283 8.322   1.00 34.99 ? 86   ALA A CA  1 
ATOM   631  C  C   . ALA A 1 86  ? 6.034   -13.361 9.528   1.00 35.11 ? 86   ALA A C   1 
ATOM   632  O  O   . ALA A 1 86  ? 4.965   -13.187 10.095  1.00 34.28 ? 86   ALA A O   1 
ATOM   633  C  CB  . ALA A 1 86  ? 6.586   -15.667 8.769   1.00 33.86 ? 86   ALA A CB  1 
ATOM   634  N  N   . GLN A 1 87  ? 7.152   -12.773 9.924   1.00 37.22 ? 87   GLN A N   1 
ATOM   635  C  CA  . GLN A 1 87  ? 7.156   -11.884 11.076  1.00 39.10 ? 87   GLN A CA  1 
ATOM   636  C  C   . GLN A 1 87  ? 6.399   -10.596 10.806  1.00 37.99 ? 87   GLN A C   1 
ATOM   637  O  O   . GLN A 1 87  ? 5.647   -10.114 11.657  1.00 38.75 ? 87   GLN A O   1 
ATOM   638  C  CB  . GLN A 1 87  ? 8.596   -11.574 11.486  1.00 40.69 ? 87   GLN A CB  1 
ATOM   639  C  CG  . GLN A 1 87  ? 9.183   -12.620 12.407  1.00 46.12 ? 87   GLN A CG  1 
ATOM   640  C  CD  . GLN A 1 87  ? 10.701  -12.602 12.434  1.00 48.30 ? 87   GLN A CD  1 
ATOM   641  O  OE1 . GLN A 1 87  ? 11.329  -11.539 12.436  1.00 49.54 ? 87   GLN A OE1 1 
ATOM   642  N  NE2 . GLN A 1 87  ? 11.299  -13.786 12.472  1.00 50.01 ? 87   GLN A NE2 1 
ATOM   643  N  N   . ALA A 1 88  ? 6.600   -10.040 9.619   1.00 37.30 ? 88   ALA A N   1 
ATOM   644  C  CA  . ALA A 1 88  ? 5.929   -8.807  9.238   1.00 36.24 ? 88   ALA A CA  1 
ATOM   645  C  C   . ALA A 1 88  ? 4.424   -9.062  9.138   1.00 35.39 ? 88   ALA A C   1 
ATOM   646  O  O   . ALA A 1 88  ? 3.608   -8.230  9.537   1.00 35.37 ? 88   ALA A O   1 
ATOM   647  C  CB  . ALA A 1 88  ? 6.473   -8.317  7.901   1.00 33.41 ? 88   ALA A CB  1 
ATOM   648  N  N   . GLU A 1 89  ? 4.068   -10.222 8.602   1.00 35.31 ? 89   GLU A N   1 
ATOM   649  C  CA  . GLU A 1 89  ? 2.672   -10.606 8.445   1.00 36.17 ? 89   GLU A CA  1 
ATOM   650  C  C   . GLU A 1 89  ? 1.998   -10.687 9.804   1.00 36.22 ? 89   GLU A C   1 
ATOM   651  O  O   . GLU A 1 89  ? 0.924   -10.123 10.017  1.00 36.81 ? 89   GLU A O   1 
ATOM   652  C  CB  . GLU A 1 89  ? 2.585   -11.960 7.736   1.00 36.20 ? 89   GLU A CB  1 
ATOM   653  C  CG  . GLU A 1 89  ? 1.184   -12.527 7.632   1.00 38.08 ? 89   GLU A CG  1 
ATOM   654  C  CD  . GLU A 1 89  ? 1.144   -13.844 6.877   1.00 40.23 ? 89   GLU A CD  1 
ATOM   655  O  OE1 . GLU A 1 89  ? 1.957   -14.746 7.190   1.00 41.13 ? 89   GLU A OE1 1 
ATOM   656  O  OE2 . GLU A 1 89  ? 0.294   -13.983 5.971   1.00 41.04 ? 89   GLU A OE2 1 
ATOM   657  N  N   . ALA A 1 90  ? 2.648   -11.380 10.730  1.00 35.44 ? 90   ALA A N   1 
ATOM   658  C  CA  . ALA A 1 90  ? 2.114   -11.548 12.069  1.00 35.61 ? 90   ALA A CA  1 
ATOM   659  C  C   . ALA A 1 90  ? 1.912   -10.220 12.798  1.00 36.11 ? 90   ALA A C   1 
ATOM   660  O  O   . ALA A 1 90  ? 0.897   -10.022 13.462  1.00 35.16 ? 90   ALA A O   1 
ATOM   661  C  CB  . ALA A 1 90  ? 3.032   -12.457 12.877  1.00 35.48 ? 90   ALA A CB  1 
ATOM   662  N  N   . GLN A 1 91  ? 2.878   -9.314  12.689  1.00 36.88 ? 91   GLN A N   1 
ATOM   663  C  CA  . GLN A 1 91  ? 2.753   -8.033  13.366  1.00 38.07 ? 91   GLN A CA  1 
ATOM   664  C  C   . GLN A 1 91  ? 1.638   -7.181  12.766  1.00 38.23 ? 91   GLN A C   1 
ATOM   665  O  O   . GLN A 1 91  ? 0.914   -6.494  13.488  1.00 38.52 ? 91   GLN A O   1 
ATOM   666  C  CB  . GLN A 1 91  ? 4.066   -7.252  13.303  1.00 39.66 ? 91   GLN A CB  1 
ATOM   667  C  CG  . GLN A 1 91  ? 5.273   -7.982  13.871  1.00 43.00 ? 91   GLN A CG  1 
ATOM   668  C  CD  . GLN A 1 91  ? 6.486   -7.078  13.973  1.00 43.93 ? 91   GLN A CD  1 
ATOM   669  O  OE1 . GLN A 1 91  ? 7.625   -7.502  13.728  1.00 44.00 ? 91   GLN A OE1 1 
ATOM   670  N  NE2 . GLN A 1 91  ? 6.250   -5.822  14.343  1.00 44.43 ? 91   GLN A NE2 1 
ATOM   671  N  N   . THR A 1 92  ? 1.490   -7.223  11.447  1.00 37.28 ? 92   THR A N   1 
ATOM   672  C  CA  . THR A 1 92  ? 0.456   -6.427  10.805  1.00 37.19 ? 92   THR A CA  1 
ATOM   673  C  C   . THR A 1 92  ? -0.914  -6.943  11.207  1.00 37.69 ? 92   THR A C   1 
ATOM   674  O  O   . THR A 1 92  ? -1.789  -6.167  11.564  1.00 39.02 ? 92   THR A O   1 
ATOM   675  C  CB  . THR A 1 92  ? 0.580   -6.471  9.278   1.00 35.50 ? 92   THR A CB  1 
ATOM   676  O  OG1 . THR A 1 92  ? 1.914   -6.115  8.906   1.00 36.22 ? 92   THR A OG1 1 
ATOM   677  C  CG2 . THR A 1 92  ? -0.399  -5.487  8.635   1.00 32.31 ? 92   THR A CG2 1 
ATOM   678  N  N   . VAL A 1 93  ? -1.096  -8.256  11.140  1.00 38.45 ? 93   VAL A N   1 
ATOM   679  C  CA  . VAL A 1 93  ? -2.363  -8.865  11.518  1.00 39.45 ? 93   VAL A CA  1 
ATOM   680  C  C   . VAL A 1 93  ? -2.720  -8.502  12.969  1.00 40.09 ? 93   VAL A C   1 
ATOM   681  O  O   . VAL A 1 93  ? -3.885  -8.235  13.285  1.00 40.66 ? 93   VAL A O   1 
ATOM   682  C  CB  . VAL A 1 93  ? -2.295  -10.405 11.353  1.00 38.88 ? 93   VAL A CB  1 
ATOM   683  C  CG1 . VAL A 1 93  ? -3.534  -11.056 11.938  1.00 38.12 ? 93   VAL A CG1 1 
ATOM   684  C  CG2 . VAL A 1 93  ? -2.168  -10.755 9.871   1.00 37.89 ? 93   VAL A CG2 1 
ATOM   685  N  N   . ALA A 1 94  ? -1.713  -8.482  13.839  1.00 39.04 ? 94   ALA A N   1 
ATOM   686  C  CA  . ALA A 1 94  ? -1.922  -8.142  15.241  1.00 38.78 ? 94   ALA A CA  1 
ATOM   687  C  C   . ALA A 1 94  ? -2.367  -6.683  15.349  1.00 40.48 ? 94   ALA A C   1 
ATOM   688  O  O   . ALA A 1 94  ? -3.275  -6.355  16.111  1.00 41.17 ? 94   ALA A O   1 
ATOM   689  C  CB  . ALA A 1 94  ? -0.632  -8.363  16.031  1.00 38.60 ? 94   ALA A CB  1 
ATOM   690  N  N   . PHE A 1 95  ? -1.719  -5.807  14.588  1.00 40.69 ? 95   PHE A N   1 
ATOM   691  C  CA  . PHE A 1 95  ? -2.075  -4.393  14.591  1.00 41.14 ? 95   PHE A CA  1 
ATOM   692  C  C   . PHE A 1 95  ? -3.535  -4.228  14.167  1.00 41.02 ? 95   PHE A C   1 
ATOM   693  O  O   . PHE A 1 95  ? -4.321  -3.547  14.826  1.00 40.01 ? 95   PHE A O   1 
ATOM   694  C  CB  . PHE A 1 95  ? -1.184  -3.615  13.619  1.00 40.82 ? 95   PHE A CB  1 
ATOM   695  C  CG  . PHE A 1 95  ? -1.733  -2.260  13.245  1.00 41.91 ? 95   PHE A CG  1 
ATOM   696  C  CD1 . PHE A 1 95  ? -1.776  -1.227  14.175  1.00 41.72 ? 95   PHE A CD1 1 
ATOM   697  C  CD2 . PHE A 1 95  ? -2.236  -2.029  11.970  1.00 41.80 ? 95   PHE A CD2 1 
ATOM   698  C  CE1 . PHE A 1 95  ? -2.313  0.017   13.844  1.00 41.39 ? 95   PHE A CE1 1 
ATOM   699  C  CE2 . PHE A 1 95  ? -2.775  -0.787  11.627  1.00 41.93 ? 95   PHE A CE2 1 
ATOM   700  C  CZ  . PHE A 1 95  ? -2.813  0.237   12.570  1.00 41.60 ? 95   PHE A CZ  1 
ATOM   701  N  N   . LEU A 1 96  ? -3.884  -4.862  13.055  1.00 41.05 ? 96   LEU A N   1 
ATOM   702  C  CA  . LEU A 1 96  ? -5.233  -4.791  12.516  1.00 42.31 ? 96   LEU A CA  1 
ATOM   703  C  C   . LEU A 1 96  ? -6.280  -5.360  13.463  1.00 43.66 ? 96   LEU A C   1 
ATOM   704  O  O   . LEU A 1 96  ? -7.405  -4.864  13.520  1.00 43.32 ? 96   LEU A O   1 
ATOM   705  C  CB  . LEU A 1 96  ? -5.298  -5.536  11.176  1.00 42.09 ? 96   LEU A CB  1 
ATOM   706  C  CG  . LEU A 1 96  ? -4.449  -4.953  10.039  1.00 40.92 ? 96   LEU A CG  1 
ATOM   707  C  CD1 . LEU A 1 96  ? -4.539  -5.847  8.816   1.00 41.63 ? 96   LEU A CD1 1 
ATOM   708  C  CD2 . LEU A 1 96  ? -4.930  -3.548  9.709   1.00 41.22 ? 96   LEU A CD2 1 
ATOM   709  N  N   . GLY A 1 97  ? -5.903  -6.402  14.200  1.00 45.22 ? 97   GLY A N   1 
ATOM   710  C  CA  . GLY A 1 97  ? -6.831  -7.036  15.119  1.00 46.64 ? 97   GLY A CA  1 
ATOM   711  C  C   . GLY A 1 97  ? -7.389  -6.127  16.195  1.00 48.62 ? 97   GLY A C   1 
ATOM   712  O  O   . GLY A 1 97  ? -8.382  -6.455  16.836  1.00 49.00 ? 97   GLY A O   1 
ATOM   713  N  N   . GLU A 1 98  ? -6.754  -4.980  16.393  1.00 50.30 ? 98   GLU A N   1 
ATOM   714  C  CA  . GLU A 1 98  ? -7.200  -4.037  17.404  1.00 51.45 ? 98   GLU A CA  1 
ATOM   715  C  C   . GLU A 1 98  ? -8.131  -2.971  16.840  1.00 51.33 ? 98   GLU A C   1 
ATOM   716  O  O   . GLU A 1 98  ? -8.530  -2.058  17.562  1.00 52.04 ? 98   GLU A O   1 
ATOM   717  C  CB  . GLU A 1 98  ? -5.988  -3.359  18.048  1.00 53.42 ? 98   GLU A CB  1 
ATOM   718  C  CG  . GLU A 1 98  ? -5.049  -4.326  18.756  1.00 57.54 ? 98   GLU A CG  1 
ATOM   719  C  CD  . GLU A 1 98  ? -3.774  -3.659  19.230  1.00 59.89 ? 98   GLU A CD  1 
ATOM   720  O  OE1 . GLU A 1 98  ? -2.881  -4.371  19.745  1.00 62.00 ? 98   GLU A OE1 1 
ATOM   721  O  OE2 . GLU A 1 98  ? -3.664  -2.422  19.085  1.00 60.71 ? 98   GLU A OE2 1 
ATOM   722  N  N   . TRP A 1 99  ? -8.479  -3.080  15.557  1.00 50.60 ? 99   TRP A N   1 
ATOM   723  C  CA  . TRP A 1 99  ? -9.356  -2.085  14.934  1.00 49.67 ? 99   TRP A CA  1 
ATOM   724  C  C   . TRP A 1 99  ? -10.499 -2.636  14.100  1.00 49.92 ? 99   TRP A C   1 
ATOM   725  O  O   . TRP A 1 99  ? -11.504 -1.946  13.899  1.00 49.77 ? 99   TRP A O   1 
ATOM   726  C  CB  . TRP A 1 99  ? -8.541  -1.131  14.057  1.00 48.87 ? 99   TRP A CB  1 
ATOM   727  C  CG  . TRP A 1 99  ? -7.488  -0.403  14.810  1.00 47.46 ? 99   TRP A CG  1 
ATOM   728  C  CD1 . TRP A 1 99  ? -6.204  -0.807  15.025  1.00 46.84 ? 99   TRP A CD1 1 
ATOM   729  C  CD2 . TRP A 1 99  ? -7.641  0.839   15.498  1.00 48.01 ? 99   TRP A CD2 1 
ATOM   730  N  NE1 . TRP A 1 99  ? -5.543  0.107   15.805  1.00 47.45 ? 99   TRP A NE1 1 
ATOM   731  C  CE2 . TRP A 1 99  ? -6.403  1.130   16.113  1.00 48.67 ? 99   TRP A CE2 1 
ATOM   732  C  CE3 . TRP A 1 99  ? -8.706  1.740   15.656  1.00 47.69 ? 99   TRP A CE3 1 
ATOM   733  C  CZ2 . TRP A 1 99  ? -6.197  2.288   16.879  1.00 48.62 ? 99   TRP A CZ2 1 
ATOM   734  C  CZ3 . TRP A 1 99  ? -8.502  2.891   16.417  1.00 47.69 ? 99   TRP A CZ3 1 
ATOM   735  C  CH2 . TRP A 1 99  ? -7.255  3.152   17.018  1.00 47.90 ? 99   TRP A CH2 1 
ATOM   736  N  N   . ILE A 1 100 ? -10.358 -3.860  13.603  1.00 49.51 ? 100  ILE A N   1 
ATOM   737  C  CA  . ILE A 1 100 ? -11.414 -4.435  12.780  1.00 50.41 ? 100  ILE A CA  1 
ATOM   738  C  C   . ILE A 1 100 ? -11.289 -5.947  12.661  1.00 50.74 ? 100  ILE A C   1 
ATOM   739  O  O   . ILE A 1 100 ? -10.186 -6.484  12.636  1.00 51.22 ? 100  ILE A O   1 
ATOM   740  C  CB  . ILE A 1 100 ? -11.404 -3.795  11.358  1.00 50.55 ? 100  ILE A CB  1 
ATOM   741  C  CG1 . ILE A 1 100 ? -12.617 -4.260  10.554  1.00 50.78 ? 100  ILE A CG1 1 
ATOM   742  C  CG2 . ILE A 1 100 ? -10.124 -4.156  10.628  1.00 50.50 ? 100  ILE A CG2 1 
ATOM   743  C  CD1 . ILE A 1 100 ? -12.743 -3.573  9.207   1.00 51.35 ? 100  ILE A CD1 1 
ATOM   744  N  N   . ARG A 1 101 ? -12.426 -6.632  12.609  1.00 51.07 ? 101  ARG A N   1 
ATOM   745  C  CA  . ARG A 1 101 ? -12.419 -8.083  12.481  1.00 51.57 ? 101  ARG A CA  1 
ATOM   746  C  C   . ARG A 1 101 ? -12.013 -8.467  11.063  1.00 50.57 ? 101  ARG A C   1 
ATOM   747  O  O   . ARG A 1 101 ? -12.079 -7.650  10.141  1.00 48.35 ? 101  ARG A O   1 
ATOM   748  C  CB  . ARG A 1 101 ? -13.801 -8.662  12.807  1.00 53.21 ? 101  ARG A CB  1 
ATOM   749  C  CG  . ARG A 1 101 ? -14.963 -7.815  12.300  1.00 57.17 ? 101  ARG A CG  1 
ATOM   750  C  CD  . ARG A 1 101 ? -15.915 -8.607  11.411  1.00 59.93 ? 101  ARG A CD  1 
ATOM   751  N  NE  . ARG A 1 101 ? -17.043 -7.783  10.978  1.00 63.21 ? 101  ARG A NE  1 
ATOM   752  C  CZ  . ARG A 1 101 ? -17.922 -8.135  10.043  1.00 65.24 ? 101  ARG A CZ  1 
ATOM   753  N  NH1 . ARG A 1 101 ? -17.812 -9.310  9.428   1.00 65.87 ? 101  ARG A NH1 1 
ATOM   754  N  NH2 . ARG A 1 101 ? -18.910 -7.308  9.716   1.00 65.37 ? 101  ARG A NH2 1 
ATOM   755  N  N   . ALA A 1 102 ? -11.583 -9.711  10.900  1.00 49.24 ? 102  ALA A N   1 
ATOM   756  C  CA  . ALA A 1 102 ? -11.167 -10.204 9.600   1.00 48.07 ? 102  ALA A CA  1 
ATOM   757  C  C   . ALA A 1 102 ? -12.354 -10.278 8.640   1.00 47.01 ? 102  ALA A C   1 
ATOM   758  O  O   . ALA A 1 102 ? -13.492 -10.464 9.064   1.00 46.48 ? 102  ALA A O   1 
ATOM   759  C  CB  . ALA A 1 102 ? -10.532 -11.576 9.753   1.00 47.99 ? 102  ALA A CB  1 
ATOM   760  N  N   . GLY A 1 103 ? -12.074 -10.114 7.350   1.00 45.71 ? 103  GLY A N   1 
ATOM   761  C  CA  . GLY A 1 103 ? -13.109 -10.189 6.334   1.00 43.93 ? 103  GLY A CA  1 
ATOM   762  C  C   . GLY A 1 103 ? -14.038 -8.999  6.186   1.00 43.73 ? 103  GLY A C   1 
ATOM   763  O  O   . GLY A 1 103 ? -14.859 -8.969  5.271   1.00 45.09 ? 103  GLY A O   1 
ATOM   764  N  N   . ALA A 1 104 ? -13.912 -8.008  7.058   1.00 42.54 ? 104  ALA A N   1 
ATOM   765  C  CA  . ALA A 1 104 ? -14.792 -6.845  6.997   1.00 41.20 ? 104  ALA A CA  1 
ATOM   766  C  C   . ALA A 1 104 ? -14.408 -5.760  5.986   1.00 40.84 ? 104  ALA A C   1 
ATOM   767  O  O   . ALA A 1 104 ? -15.254 -5.294  5.217   1.00 42.43 ? 104  ALA A O   1 
ATOM   768  C  CB  . ALA A 1 104 ? -14.921 -6.232  8.388   1.00 40.63 ? 104  ALA A CB  1 
ATOM   769  N  N   . SER A 1 105 ? -13.142 -5.359  5.975   1.00 38.83 ? 105  SER A N   1 
ATOM   770  C  CA  . SER A 1 105 ? -12.706 -4.300  5.075   1.00 36.16 ? 105  SER A CA  1 
ATOM   771  C  C   . SER A 1 105 ? -12.103 -4.707  3.731   1.00 36.18 ? 105  SER A C   1 
ATOM   772  O  O   . SER A 1 105 ? -11.395 -5.717  3.612   1.00 36.30 ? 105  SER A O   1 
ATOM   773  C  CB  . SER A 1 105 ? -11.707 -3.390  5.796   1.00 35.25 ? 105  SER A CB  1 
ATOM   774  O  OG  . SER A 1 105 ? -11.103 -2.473  4.896   1.00 34.10 ? 105  SER A OG  1 
ATOM   775  N  N   . PRO A 1 106 ? -12.397 -3.921  2.686   1.00 33.58 ? 106  PRO A N   1 
ATOM   776  C  CA  . PRO A 1 106 ? -11.848 -4.219  1.365   1.00 33.75 ? 106  PRO A CA  1 
ATOM   777  C  C   . PRO A 1 106 ? -10.385 -3.797  1.472   1.00 32.53 ? 106  PRO A C   1 
ATOM   778  O  O   . PRO A 1 106 ? -9.996  -3.163  2.457   1.00 33.40 ? 106  PRO A O   1 
ATOM   779  C  CB  . PRO A 1 106 ? -12.613 -3.272  0.436   1.00 32.59 ? 106  PRO A CB  1 
ATOM   780  C  CG  . PRO A 1 106 ? -13.846 -2.917  1.210   1.00 35.87 ? 106  PRO A CG  1 
ATOM   781  C  CD  . PRO A 1 106 ? -13.363 -2.814  2.622   1.00 33.89 ? 106  PRO A CD  1 
ATOM   782  N  N   . MET A 1 107 ? -9.583  -4.140  0.477   1.00 31.10 ? 107  MET A N   1 
ATOM   783  C  CA  . MET A 1 107 ? -8.183  -3.743  0.466   1.00 30.19 ? 107  MET A CA  1 
ATOM   784  C  C   . MET A 1 107 ? -8.160  -2.379  -0.233  1.00 28.05 ? 107  MET A C   1 
ATOM   785  O  O   . MET A 1 107 ? -8.564  -2.261  -1.385  1.00 28.06 ? 107  MET A O   1 
ATOM   786  C  CB  . MET A 1 107 ? -7.358  -4.762  -0.316  1.00 29.16 ? 107  MET A CB  1 
ATOM   787  C  CG  . MET A 1 107 ? -5.862  -4.606  -0.140  1.00 29.87 ? 107  MET A CG  1 
ATOM   788  S  SD  . MET A 1 107 ? -4.976  -5.979  -0.904  1.00 30.44 ? 107  MET A SD  1 
ATOM   789  C  CE  . MET A 1 107 ? -4.226  -5.159  -2.176  1.00 34.11 ? 107  MET A CE  1 
ATOM   790  N  N   . CYS A 1 108 ? -7.694  -1.354  0.466   1.00 27.44 ? 108  CYS A N   1 
ATOM   791  C  CA  . CYS A 1 108 ? -7.670  -0.015  -0.101  1.00 27.18 ? 108  CYS A CA  1 
ATOM   792  C  C   . CYS A 1 108 ? -6.277  0.500   -0.450  1.00 27.33 ? 108  CYS A C   1 
ATOM   793  O  O   . CYS A 1 108 ? -5.325  0.281   0.293   1.00 27.32 ? 108  CYS A O   1 
ATOM   794  C  CB  . CYS A 1 108 ? -8.360  0.947   0.860   1.00 27.06 ? 108  CYS A CB  1 
ATOM   795  S  SG  . CYS A 1 108 ? -9.982  0.342   1.439   1.00 29.67 ? 108  CYS A SG  1 
ATOM   796  N  N   . GLY A 1 109 ? -6.167  1.186   -1.587  1.00 27.72 ? 109  GLY A N   1 
ATOM   797  C  CA  . GLY A 1 109 ? -4.890  1.728   -2.004  1.00 28.32 ? 109  GLY A CA  1 
ATOM   798  C  C   . GLY A 1 109 ? -4.856  2.042   -3.486  1.00 29.54 ? 109  GLY A C   1 
ATOM   799  O  O   . GLY A 1 109 ? -5.908  2.232   -4.102  1.00 29.05 ? 109  GLY A O   1 
ATOM   800  N  N   . ASN A 1 110 ? -3.648  2.111   -4.048  1.00 32.06 ? 110  ASN A N   1 
ATOM   801  C  CA  . ASN A 1 110 ? -3.450  2.384   -5.474  1.00 34.83 ? 110  ASN A CA  1 
ATOM   802  C  C   . ASN A 1 110 ? -2.911  1.140   -6.161  1.00 34.51 ? 110  ASN A C   1 
ATOM   803  O  O   . ASN A 1 110 ? -1.909  0.579   -5.720  1.00 35.58 ? 110  ASN A O   1 
ATOM   804  C  CB  . ASN A 1 110 ? -2.451  3.519   -5.687  1.00 35.32 ? 110  ASN A CB  1 
ATOM   805  C  CG  . ASN A 1 110 ? -3.116  4.788   -6.167  1.00 39.14 ? 110  ASN A CG  1 
ATOM   806  O  OD1 . ASN A 1 110 ? -3.376  5.704   -5.383  1.00 40.37 ? 110  ASN A OD1 1 
ATOM   807  N  ND2 . ASN A 1 110 ? -3.409  4.846   -7.465  1.00 40.18 ? 110  ASN A ND2 1 
ATOM   808  N  N   . SER A 1 111 ? -3.566  0.715   -7.238  1.00 34.21 ? 111  SER A N   1 
ATOM   809  C  CA  . SER A 1 111 ? -3.135  -0.476  -7.957  1.00 34.42 ? 111  SER A CA  1 
ATOM   810  C  C   . SER A 1 111 ? -3.029  -1.610  -6.951  1.00 34.97 ? 111  SER A C   1 
ATOM   811  O  O   . SER A 1 111 ? -2.002  -2.286  -6.894  1.00 36.75 ? 111  SER A O   1 
ATOM   812  C  CB  . SER A 1 111 ? -1.753  -0.260  -8.585  1.00 33.95 ? 111  SER A CB  1 
ATOM   813  O  OG  . SER A 1 111 ? -1.740  0.867   -9.437  1.00 35.95 ? 111  SER A OG  1 
ATOM   814  N  N   . ILE A 1 112 ? -4.073  -1.823  -6.154  1.00 34.13 ? 112  ILE A N   1 
ATOM   815  C  CA  . ILE A 1 112 ? -4.016  -2.873  -5.152  1.00 34.65 ? 112  ILE A CA  1 
ATOM   816  C  C   . ILE A 1 112 ? -4.195  -4.300  -5.650  1.00 32.65 ? 112  ILE A C   1 
ATOM   817  O  O   . ILE A 1 112 ? -3.933  -5.245  -4.912  1.00 30.02 ? 112  ILE A O   1 
ATOM   818  C  CB  . ILE A 1 112 ? -5.024  -2.615  -3.984  1.00 38.17 ? 112  ILE A CB  1 
ATOM   819  C  CG1 . ILE A 1 112 ? -6.274  -1.916  -4.506  1.00 37.62 ? 112  ILE A CG1 1 
ATOM   820  C  CG2 . ILE A 1 112 ? -4.344  -1.818  -2.864  1.00 38.04 ? 112  ILE A CG2 1 
ATOM   821  C  CD1 . ILE A 1 112 ? -7.076  -2.763  -5.445  1.00 41.14 ? 112  ILE A CD1 1 
ATOM   822  N  N   . CYS A 1 113 ? -4.643  -4.476  -6.887  1.00 32.02 ? 113  CYS A N   1 
ATOM   823  C  CA  . CYS A 1 113 ? -4.811  -5.834  -7.396  1.00 31.42 ? 113  CYS A CA  1 
ATOM   824  C  C   . CYS A 1 113 ? -3.435  -6.469  -7.423  1.00 32.02 ? 113  CYS A C   1 
ATOM   825  O  O   . CYS A 1 113 ? -3.271  -7.641  -7.096  1.00 31.85 ? 113  CYS A O   1 
ATOM   826  C  CB  . CYS A 1 113 ? -5.396  -5.835  -8.810  1.00 29.70 ? 113  CYS A CB  1 
ATOM   827  S  SG  . CYS A 1 113 ? -5.523  -7.502  -9.506  1.00 28.87 ? 113  CYS A SG  1 
ATOM   828  N  N   . GLN A 1 114 ? -2.452  -5.665  -7.814  1.00 33.91 ? 114  GLN A N   1 
ATOM   829  C  CA  . GLN A 1 114 ? -1.058  -6.089  -7.891  1.00 34.65 ? 114  GLN A CA  1 
ATOM   830  C  C   . GLN A 1 114 ? -0.566  -6.454  -6.490  1.00 33.32 ? 114  GLN A C   1 
ATOM   831  O  O   . GLN A 1 114 ? 0.087   -7.475  -6.294  1.00 33.59 ? 114  GLN A O   1 
ATOM   832  C  CB  . GLN A 1 114 ? -0.211  -4.946  -8.461  1.00 36.34 ? 114  GLN A CB  1 
ATOM   833  C  CG  . GLN A 1 114 ? 1.258   -5.274  -8.695  1.00 41.71 ? 114  GLN A CG  1 
ATOM   834  C  CD  . GLN A 1 114 ? 1.497   -6.059  -9.979  1.00 46.91 ? 114  GLN A CD  1 
ATOM   835  O  OE1 . GLN A 1 114 ? 2.642   -6.372  -10.330 1.00 47.68 ? 114  GLN A OE1 1 
ATOM   836  N  NE2 . GLN A 1 114 ? 0.417   -6.380  -10.690 1.00 48.50 ? 114  GLN A NE2 1 
ATOM   837  N  N   . ASP A 1 115 ? -0.887  -5.611  -5.518  1.00 32.62 ? 115  ASP A N   1 
ATOM   838  C  CA  . ASP A 1 115 ? -0.480  -5.858  -4.143  1.00 32.96 ? 115  ASP A CA  1 
ATOM   839  C  C   . ASP A 1 115 ? -1.109  -7.136  -3.610  1.00 32.09 ? 115  ASP A C   1 
ATOM   840  O  O   . ASP A 1 115 ? -0.434  -7.934  -2.967  1.00 31.62 ? 115  ASP A O   1 
ATOM   841  C  CB  . ASP A 1 115 ? -0.872  -4.684  -3.240  1.00 33.09 ? 115  ASP A CB  1 
ATOM   842  C  CG  . ASP A 1 115 ? -0.038  -3.441  -3.500  1.00 32.99 ? 115  ASP A CG  1 
ATOM   843  O  OD1 . ASP A 1 115 ? -0.347  -2.399  -2.909  1.00 36.61 ? 115  ASP A OD1 1 
ATOM   844  O  OD2 . ASP A 1 115 ? 0.925   -3.492  -4.286  1.00 35.08 ? 115  ASP A OD2 1 
ATOM   845  N  N   . ARG A 1 116 ? -2.396  -7.330  -3.887  1.00 31.74 ? 116  ARG A N   1 
ATOM   846  C  CA  . ARG A 1 116 ? -3.102  -8.516  -3.413  1.00 31.17 ? 116  ARG A CA  1 
ATOM   847  C  C   . ARG A 1 116 ? -2.484  -9.803  -3.942  1.00 30.01 ? 116  ARG A C   1 
ATOM   848  O  O   . ARG A 1 116 ? -2.446  -10.806 -3.243  1.00 29.17 ? 116  ARG A O   1 
ATOM   849  C  CB  . ARG A 1 116 ? -4.583  -8.472  -3.817  1.00 31.35 ? 116  ARG A CB  1 
ATOM   850  C  CG  . ARG A 1 116 ? -5.397  -9.651  -3.258  1.00 31.32 ? 116  ARG A CG  1 
ATOM   851  C  CD  . ARG A 1 116 ? -6.845  -9.645  -3.750  1.00 31.52 ? 116  ARG A CD  1 
ATOM   852  N  NE  . ARG A 1 116 ? -7.698  -8.684  -3.048  1.00 30.95 ? 116  ARG A NE  1 
ATOM   853  C  CZ  . ARG A 1 116 ? -8.265  -8.904  -1.863  1.00 32.43 ? 116  ARG A CZ  1 
ATOM   854  N  NH1 . ARG A 1 116 ? -8.075  -10.055 -1.225  1.00 33.02 ? 116  ARG A NH1 1 
ATOM   855  N  NH2 . ARG A 1 116 ? -9.054  -7.981  -1.327  1.00 31.77 ? 116  ARG A NH2 1 
ATOM   856  N  N   . ARG A 1 117 ? -2.013  -9.777  -5.183  1.00 29.94 ? 117  ARG A N   1 
ATOM   857  C  CA  . ARG A 1 117 ? -1.417  -10.963 -5.769  1.00 30.42 ? 117  ARG A CA  1 
ATOM   858  C  C   . ARG A 1 117 ? -0.076  -11.280 -5.104  1.00 30.91 ? 117  ARG A C   1 
ATOM   859  O  O   . ARG A 1 117 ? 0.330   -12.446 -5.032  1.00 30.73 ? 117  ARG A O   1 
ATOM   860  C  CB  . ARG A 1 117 ? -1.269  -10.775 -7.277  1.00 31.30 ? 117  ARG A CB  1 
ATOM   861  C  CG  . ARG A 1 117 ? -2.616  -10.618 -7.975  1.00 32.37 ? 117  ARG A CG  1 
ATOM   862  C  CD  . ARG A 1 117 ? -2.472  -10.115 -9.397  1.00 32.15 ? 117  ARG A CD  1 
ATOM   863  N  NE  . ARG A 1 117 ? -1.878  -11.105 -10.285 1.00 33.77 ? 117  ARG A NE  1 
ATOM   864  C  CZ  . ARG A 1 117 ? -1.509  -10.854 -11.537 1.00 35.27 ? 117  ARG A CZ  1 
ATOM   865  N  NH1 . ARG A 1 117 ? -0.976  -11.820 -12.284 1.00 36.35 ? 117  ARG A NH1 1 
ATOM   866  N  NH2 . ARG A 1 117 ? -1.665  -9.635  -12.037 1.00 32.12 ? 117  ARG A NH2 1 
ATOM   867  N  N   . PHE A 1 118 ? 0.607   -10.248 -4.613  1.00 31.36 ? 118  PHE A N   1 
ATOM   868  C  CA  . PHE A 1 118 ? 1.870   -10.468 -3.917  1.00 32.82 ? 118  PHE A CA  1 
ATOM   869  C  C   . PHE A 1 118 ? 1.570   -11.023 -2.519  1.00 32.99 ? 118  PHE A C   1 
ATOM   870  O  O   . PHE A 1 118 ? 2.235   -11.953 -2.049  1.00 31.44 ? 118  PHE A O   1 
ATOM   871  C  CB  . PHE A 1 118 ? 2.682   -9.169  -3.812  1.00 33.48 ? 118  PHE A CB  1 
ATOM   872  C  CG  . PHE A 1 118 ? 3.635   -8.950  -4.964  1.00 36.32 ? 118  PHE A CG  1 
ATOM   873  C  CD1 . PHE A 1 118 ? 3.236   -8.250  -6.104  1.00 36.65 ? 118  PHE A CD1 1 
ATOM   874  C  CD2 . PHE A 1 118 ? 4.927   -9.479  -4.924  1.00 36.18 ? 118  PHE A CD2 1 
ATOM   875  C  CE1 . PHE A 1 118 ? 4.109   -8.081  -7.190  1.00 36.46 ? 118  PHE A CE1 1 
ATOM   876  C  CE2 . PHE A 1 118 ? 5.811   -9.318  -6.001  1.00 36.96 ? 118  PHE A CE2 1 
ATOM   877  C  CZ  . PHE A 1 118 ? 5.403   -8.619  -7.137  1.00 37.05 ? 118  PHE A CZ  1 
ATOM   878  N  N   . LEU A 1 119 ? 0.554   -10.468 -1.861  1.00 33.22 ? 119  LEU A N   1 
ATOM   879  C  CA  . LEU A 1 119 ? 0.194   -10.933 -0.524  1.00 34.00 ? 119  LEU A CA  1 
ATOM   880  C  C   . LEU A 1 119 ? -0.273  -12.385 -0.556  1.00 34.93 ? 119  LEU A C   1 
ATOM   881  O  O   . LEU A 1 119 ? 0.037   -13.176 0.341   1.00 34.23 ? 119  LEU A O   1 
ATOM   882  C  CB  . LEU A 1 119 ? -0.912  -10.060 0.072   1.00 33.74 ? 119  LEU A CB  1 
ATOM   883  C  CG  . LEU A 1 119 ? -0.581  -8.598  0.361   1.00 33.81 ? 119  LEU A CG  1 
ATOM   884  C  CD1 . LEU A 1 119 ? -1.796  -7.945  0.984   1.00 34.01 ? 119  LEU A CD1 1 
ATOM   885  C  CD2 . LEU A 1 119 ? 0.631   -8.499  1.299   1.00 34.09 ? 119  LEU A CD2 1 
ATOM   886  N  N   . HIS A 1 120 ? -1.023  -12.726 -1.595  1.00 34.72 ? 120  HIS A N   1 
ATOM   887  C  CA  . HIS A 1 120 ? -1.547  -14.072 -1.744  1.00 35.87 ? 120  HIS A CA  1 
ATOM   888  C  C   . HIS A 1 120 ? -0.433  -15.117 -1.709  1.00 35.27 ? 120  HIS A C   1 
ATOM   889  O  O   . HIS A 1 120 ? -0.606  -16.219 -1.178  1.00 34.81 ? 120  HIS A O   1 
ATOM   890  C  CB  . HIS A 1 120 ? -2.318  -14.186 -3.063  1.00 35.71 ? 120  HIS A CB  1 
ATOM   891  C  CG  . HIS A 1 120 ? -2.807  -15.569 -3.357  1.00 38.01 ? 120  HIS A CG  1 
ATOM   892  N  ND1 . HIS A 1 120 ? -3.725  -16.221 -2.560  1.00 38.77 ? 120  HIS A ND1 1 
ATOM   893  C  CD2 . HIS A 1 120 ? -2.507  -16.427 -4.363  1.00 37.40 ? 120  HIS A CD2 1 
ATOM   894  C  CE1 . HIS A 1 120 ? -3.972  -17.418 -3.063  1.00 38.19 ? 120  HIS A CE1 1 
ATOM   895  N  NE2 . HIS A 1 120 ? -3.245  -17.567 -4.157  1.00 38.88 ? 120  HIS A NE2 1 
ATOM   896  N  N   . ARG A 1 121 ? 0.713   -14.769 -2.274  1.00 36.03 ? 121  ARG A N   1 
ATOM   897  C  CA  . ARG A 1 121 ? 1.820   -15.706 -2.316  1.00 36.33 ? 121  ARG A CA  1 
ATOM   898  C  C   . ARG A 1 121 ? 2.745   -15.674 -1.098  1.00 36.03 ? 121  ARG A C   1 
ATOM   899  O  O   . ARG A 1 121 ? 3.103   -16.730 -0.572  1.00 36.32 ? 121  ARG A O   1 
ATOM   900  C  CB  . ARG A 1 121 ? 2.633   -15.499 -3.602  1.00 37.39 ? 121  ARG A CB  1 
ATOM   901  C  CG  . ARG A 1 121 ? 3.812   -16.465 -3.737  1.00 39.60 ? 121  ARG A CG  1 
ATOM   902  C  CD  . ARG A 1 121 ? 4.342   -16.495 -5.158  1.00 40.62 ? 121  ARG A CD  1 
ATOM   903  N  NE  . ARG A 1 121 ? 4.729   -15.162 -5.596  1.00 44.47 ? 121  ARG A NE  1 
ATOM   904  C  CZ  . ARG A 1 121 ? 5.884   -14.575 -5.301  1.00 44.48 ? 121  ARG A CZ  1 
ATOM   905  N  NH1 . ARG A 1 121 ? 6.792   -15.210 -4.568  1.00 46.05 ? 121  ARG A NH1 1 
ATOM   906  N  NH2 . ARG A 1 121 ? 6.113   -13.337 -5.718  1.00 45.01 ? 121  ARG A NH2 1 
ATOM   907  N  N   . GLN A 1 122 ? 3.116   -14.479 -0.637  1.00 34.89 ? 122  GLN A N   1 
ATOM   908  C  CA  . GLN A 1 122 ? 4.034   -14.356 0.503   1.00 33.76 ? 122  GLN A CA  1 
ATOM   909  C  C   . GLN A 1 122 ? 3.437   -14.061 1.885   1.00 32.97 ? 122  GLN A C   1 
ATOM   910  O  O   . GLN A 1 122 ? 4.104   -14.268 2.890   1.00 33.03 ? 122  GLN A O   1 
ATOM   911  C  CB  . GLN A 1 122 ? 5.114   -13.312 0.193   1.00 34.14 ? 122  GLN A CB  1 
ATOM   912  C  CG  . GLN A 1 122 ? 5.920   -13.595 -1.069  1.00 33.97 ? 122  GLN A CG  1 
ATOM   913  C  CD  . GLN A 1 122 ? 7.064   -12.605 -1.255  1.00 36.01 ? 122  GLN A CD  1 
ATOM   914  O  OE1 . GLN A 1 122 ? 6.851   -11.385 -1.307  1.00 37.62 ? 122  GLN A OE1 1 
ATOM   915  N  NE2 . GLN A 1 122 ? 8.282   -13.122 -1.354  1.00 33.91 ? 122  GLN A NE2 1 
ATOM   916  N  N   . MET A 1 123 ? 2.204   -13.574 1.946   1.00 32.97 ? 123  MET A N   1 
ATOM   917  C  CA  . MET A 1 123 ? 1.558   -13.283 3.231   1.00 34.67 ? 123  MET A CA  1 
ATOM   918  C  C   . MET A 1 123 ? 0.069   -13.631 3.132   1.00 35.89 ? 123  MET A C   1 
ATOM   919  O  O   . MET A 1 123 ? -0.794  -12.745 3.167   1.00 35.23 ? 123  MET A O   1 
ATOM   920  C  CB  . MET A 1 123 ? 1.715   -11.800 3.609   1.00 35.07 ? 123  MET A CB  1 
ATOM   921  C  CG  . MET A 1 123 ? 3.145   -11.337 3.851   1.00 35.22 ? 123  MET A CG  1 
ATOM   922  S  SD  . MET A 1 123 ? 3.255   -9.567  4.274   1.00 39.12 ? 123  MET A SD  1 
ATOM   923  C  CE  . MET A 1 123 ? 4.992   -9.307  4.198   1.00 37.63 ? 123  MET A CE  1 
ATOM   924  N  N   . SER A 1 124 ? -0.211  -14.928 3.008   1.00 36.04 ? 124  SER A N   1 
ATOM   925  C  CA  . SER A 1 124 ? -1.576  -15.446 2.868   1.00 37.10 ? 124  SER A CA  1 
ATOM   926  C  C   . SER A 1 124 ? -2.531  -15.096 3.992   1.00 36.53 ? 124  SER A C   1 
ATOM   927  O  O   . SER A 1 124 ? -3.688  -14.752 3.745   1.00 34.40 ? 124  SER A O   1 
ATOM   928  C  CB  . SER A 1 124 ? -1.547  -16.971 2.727   1.00 38.85 ? 124  SER A CB  1 
ATOM   929  O  OG  . SER A 1 124 ? -0.926  -17.351 1.518   1.00 44.25 ? 124  SER A OG  1 
ATOM   930  N  N   . ARG A 1 125 ? -2.051  -15.205 5.224   1.00 36.01 ? 125  ARG A N   1 
ATOM   931  C  CA  . ARG A 1 125 ? -2.876  -14.915 6.377   1.00 37.57 ? 125  ARG A CA  1 
ATOM   932  C  C   . ARG A 1 125 ? -3.365  -13.468 6.319   1.00 37.88 ? 125  ARG A C   1 
ATOM   933  O  O   . ARG A 1 125 ? -4.533  -13.178 6.619   1.00 37.23 ? 125  ARG A O   1 
ATOM   934  C  CB  . ARG A 1 125 ? -2.078  -15.187 7.659   1.00 40.38 ? 125  ARG A CB  1 
ATOM   935  C  CG  . ARG A 1 125 ? -2.929  -15.277 8.926   1.00 45.94 ? 125  ARG A CG  1 
ATOM   936  C  CD  . ARG A 1 125 ? -2.354  -16.291 9.925   1.00 49.72 ? 125  ARG A CD  1 
ATOM   937  N  NE  . ARG A 1 125 ? -1.072  -15.876 10.496  1.00 54.92 ? 125  ARG A NE  1 
ATOM   938  C  CZ  . ARG A 1 125 ? -0.936  -15.032 11.520  1.00 56.76 ? 125  ARG A CZ  1 
ATOM   939  N  NH1 . ARG A 1 125 ? -2.006  -14.501 12.103  1.00 57.13 ? 125  ARG A NH1 1 
ATOM   940  N  NH2 . ARG A 1 125 ? 0.279   -14.716 11.965  1.00 57.14 ? 125  ARG A NH2 1 
ATOM   941  N  N   . LEU A 1 126 ? -2.480  -12.561 5.910   1.00 36.14 ? 126  LEU A N   1 
ATOM   942  C  CA  . LEU A 1 126 ? -2.845  -11.151 5.814   1.00 36.16 ? 126  LEU A CA  1 
ATOM   943  C  C   . LEU A 1 126 ? -3.792  -10.910 4.640   1.00 36.20 ? 126  LEU A C   1 
ATOM   944  O  O   . LEU A 1 126 ? -4.711  -10.090 4.726   1.00 36.32 ? 126  LEU A O   1 
ATOM   945  C  CB  . LEU A 1 126 ? -1.594  -10.285 5.662   1.00 35.30 ? 126  LEU A CB  1 
ATOM   946  C  CG  . LEU A 1 126 ? -1.816  -8.784  5.458   1.00 34.68 ? 126  LEU A CG  1 
ATOM   947  C  CD1 . LEU A 1 126 ? -2.605  -8.188  6.617   1.00 33.84 ? 126  LEU A CD1 1 
ATOM   948  C  CD2 . LEU A 1 126 ? -0.466  -8.110  5.323   1.00 32.26 ? 126  LEU A CD2 1 
ATOM   949  N  N   . GLU A 1 127 ? -3.570  -11.632 3.546   1.00 35.54 ? 127  GLU A N   1 
ATOM   950  C  CA  . GLU A 1 127 ? -4.414  -11.488 2.372   1.00 36.88 ? 127  GLU A CA  1 
ATOM   951  C  C   . GLU A 1 127 ? -5.846  -11.863 2.749   1.00 37.29 ? 127  GLU A C   1 
ATOM   952  O  O   . GLU A 1 127 ? -6.785  -11.117 2.465   1.00 37.03 ? 127  GLU A O   1 
ATOM   953  C  CB  . GLU A 1 127 ? -3.905  -12.387 1.234   1.00 36.23 ? 127  GLU A CB  1 
ATOM   954  C  CG  . GLU A 1 127 ? -4.432  -11.994 -0.156  1.00 37.29 ? 127  GLU A CG  1 
ATOM   955  C  CD  . GLU A 1 127 ? -5.764  -12.641 -0.503  1.00 36.79 ? 127  GLU A CD  1 
ATOM   956  O  OE1 . GLU A 1 127 ? -6.435  -12.163 -1.445  1.00 34.62 ? 127  GLU A OE1 1 
ATOM   957  O  OE2 . GLU A 1 127 ? -6.134  -13.635 0.157   1.00 38.06 ? 127  GLU A OE2 1 
ATOM   958  N  N   . ARG A 1 128 ? -5.998  -13.008 3.411   1.00 38.31 ? 128  ARG A N   1 
ATOM   959  C  CA  . ARG A 1 128 ? -7.307  -13.495 3.835   1.00 39.12 ? 128  ARG A CA  1 
ATOM   960  C  C   . ARG A 1 128 ? -7.974  -12.600 4.872   1.00 38.07 ? 128  ARG A C   1 
ATOM   961  O  O   . ARG A 1 128 ? -9.189  -12.681 5.075   1.00 37.73 ? 128  ARG A O   1 
ATOM   962  C  CB  . ARG A 1 128 ? -7.201  -14.907 4.415   1.00 41.07 ? 128  ARG A CB  1 
ATOM   963  C  CG  . ARG A 1 128 ? -6.745  -15.963 3.430   1.00 45.82 ? 128  ARG A CG  1 
ATOM   964  C  CD  . ARG A 1 128 ? -7.105  -17.354 3.942   1.00 49.70 ? 128  ARG A CD  1 
ATOM   965  N  NE  . ARG A 1 128 ? -6.533  -17.641 5.259   1.00 52.02 ? 128  ARG A NE  1 
ATOM   966  C  CZ  . ARG A 1 128 ? -5.269  -17.998 5.468   1.00 52.86 ? 128  ARG A CZ  1 
ATOM   967  N  NH1 . ARG A 1 128 ? -4.430  -18.118 4.443   1.00 51.98 ? 128  ARG A NH1 1 
ATOM   968  N  NH2 . ARG A 1 128 ? -4.842  -18.236 6.704   1.00 52.63 ? 128  ARG A NH2 1 
ATOM   969  N  N   . TYR A 1 129 ? -7.192  -11.759 5.542   1.00 36.81 ? 129  TYR A N   1 
ATOM   970  C  CA  . TYR A 1 129 ? -7.761  -10.874 6.548   1.00 36.88 ? 129  TYR A CA  1 
ATOM   971  C  C   . TYR A 1 129 ? -8.650  -9.841  5.858   1.00 36.86 ? 129  TYR A C   1 
ATOM   972  O  O   . TYR A 1 129 ? -9.518  -9.237  6.479   1.00 37.63 ? 129  TYR A O   1 
ATOM   973  C  CB  . TYR A 1 129 ? -6.664  -10.148 7.319   1.00 37.64 ? 129  TYR A CB  1 
ATOM   974  C  CG  . TYR A 1 129 ? -7.132  -9.632  8.658   1.00 37.63 ? 129  TYR A CG  1 
ATOM   975  C  CD1 . TYR A 1 129 ? -7.053  -10.435 9.790   1.00 39.10 ? 129  TYR A CD1 1 
ATOM   976  C  CD2 . TYR A 1 129 ? -7.691  -8.352  8.790   1.00 37.97 ? 129  TYR A CD2 1 
ATOM   977  C  CE1 . TYR A 1 129 ? -7.518  -9.991  11.030  1.00 39.76 ? 129  TYR A CE1 1 
ATOM   978  C  CE2 . TYR A 1 129 ? -8.160  -7.893  10.028  1.00 36.54 ? 129  TYR A CE2 1 
ATOM   979  C  CZ  . TYR A 1 129 ? -8.066  -8.725  11.142  1.00 38.16 ? 129  TYR A CZ  1 
ATOM   980  O  OH  . TYR A 1 129 ? -8.497  -8.310  12.376  1.00 38.41 ? 129  TYR A OH  1 
ATOM   981  N  N   . PHE A 1 130 ? -8.418  -9.640  4.569   1.00 35.81 ? 130  PHE A N   1 
ATOM   982  C  CA  . PHE A 1 130 ? -9.185  -8.684  3.793   1.00 35.67 ? 130  PHE A CA  1 
ATOM   983  C  C   . PHE A 1 130 ? -10.445 -9.307  3.205   1.00 37.19 ? 130  PHE A C   1 
ATOM   984  O  O   . PHE A 1 130 ? -10.551 -10.525 3.050   1.00 35.88 ? 130  PHE A O   1 
ATOM   985  C  CB  . PHE A 1 130 ? -8.337  -8.134  2.637   1.00 33.83 ? 130  PHE A CB  1 
ATOM   986  C  CG  . PHE A 1 130 ? -7.256  -7.179  3.064   1.00 34.72 ? 130  PHE A CG  1 
ATOM   987  C  CD1 . PHE A 1 130 ? -7.537  -5.826  3.256   1.00 34.23 ? 130  PHE A CD1 1 
ATOM   988  C  CD2 . PHE A 1 130 ? -5.956  -7.631  3.282   1.00 34.00 ? 130  PHE A CD2 1 
ATOM   989  C  CE1 . PHE A 1 130 ? -6.536  -4.933  3.661   1.00 34.01 ? 130  PHE A CE1 1 
ATOM   990  C  CE2 . PHE A 1 130 ? -4.949  -6.750  3.687   1.00 34.41 ? 130  PHE A CE2 1 
ATOM   991  C  CZ  . PHE A 1 130 ? -5.239  -5.397  3.878   1.00 33.80 ? 130  PHE A CZ  1 
ATOM   992  N  N   . HIS A 1 131 ? -11.401 -8.441  2.895   1.00 38.78 ? 131  HIS A N   1 
ATOM   993  C  CA  . HIS A 1 131 ? -12.636 -8.836  2.246   1.00 39.87 ? 131  HIS A CA  1 
ATOM   994  C  C   . HIS A 1 131 ? -12.095 -9.072  0.836   1.00 40.22 ? 131  HIS A C   1 
ATOM   995  O  O   . HIS A 1 131 ? -11.021 -8.565  0.504   1.00 38.81 ? 131  HIS A O   1 
ATOM   996  C  CB  . HIS A 1 131 ? -13.613 -7.649  2.278   1.00 41.99 ? 131  HIS A CB  1 
ATOM   997  C  CG  . HIS A 1 131 ? -14.956 -7.940  1.684   1.00 44.44 ? 131  HIS A CG  1 
ATOM   998  N  ND1 . HIS A 1 131 ? -15.188 -7.935  0.326   1.00 45.98 ? 131  HIS A ND1 1 
ATOM   999  C  CD2 . HIS A 1 131 ? -16.143 -8.237  2.268   1.00 46.06 ? 131  HIS A CD2 1 
ATOM   1000 C  CE1 . HIS A 1 131 ? -16.460 -8.213  0.097   1.00 46.19 ? 131  HIS A CE1 1 
ATOM   1001 N  NE2 . HIS A 1 131 ? -17.061 -8.401  1.259   1.00 47.26 ? 131  HIS A NE2 1 
ATOM   1002 N  N   . TYR A 1 132 ? -12.800 -9.835  0.009   1.00 41.88 ? 132  TYR A N   1 
ATOM   1003 C  CA  . TYR A 1 132 ? -12.319 -10.103 -1.346  1.00 43.18 ? 132  TYR A CA  1 
ATOM   1004 C  C   . TYR A 1 132 ? -12.436 -8.873  -2.248  1.00 43.20 ? 132  TYR A C   1 
ATOM   1005 O  O   . TYR A 1 132 ? -11.846 -8.814  -3.332  1.00 41.71 ? 132  TYR A O   1 
ATOM   1006 C  CB  . TYR A 1 132 ? -13.099 -11.272 -1.958  1.00 46.77 ? 132  TYR A CB  1 
ATOM   1007 C  CG  . TYR A 1 132 ? -14.590 -11.029 -2.057  1.00 51.68 ? 132  TYR A CG  1 
ATOM   1008 C  CD1 . TYR A 1 132 ? -15.124 -10.211 -3.057  1.00 53.18 ? 132  TYR A CD1 1 
ATOM   1009 C  CD2 . TYR A 1 132 ? -15.469 -11.603 -1.137  1.00 54.50 ? 132  TYR A CD2 1 
ATOM   1010 C  CE1 . TYR A 1 132 ? -16.498 -9.968  -3.138  1.00 55.95 ? 132  TYR A CE1 1 
ATOM   1011 C  CE2 . TYR A 1 132 ? -16.849 -11.368 -1.208  1.00 57.31 ? 132  TYR A CE2 1 
ATOM   1012 C  CZ  . TYR A 1 132 ? -17.358 -10.550 -2.211  1.00 57.04 ? 132  TYR A CZ  1 
ATOM   1013 O  OH  . TYR A 1 132 ? -18.719 -10.321 -2.283  1.00 57.72 ? 132  TYR A OH  1 
ATOM   1014 N  N   . ARG A 1 133 ? -13.196 -7.888  -1.789  1.00 42.99 ? 133  ARG A N   1 
ATOM   1015 C  CA  . ARG A 1 133 ? -13.406 -6.672  -2.559  1.00 43.14 ? 133  ARG A CA  1 
ATOM   1016 C  C   . ARG A 1 133 ? -12.234 -5.694  -2.446  1.00 40.44 ? 133  ARG A C   1 
ATOM   1017 O  O   . ARG A 1 133 ? -11.598 -5.589  -1.398  1.00 37.67 ? 133  ARG A O   1 
ATOM   1018 C  CB  . ARG A 1 133 ? -14.708 -6.006  -2.102  1.00 47.54 ? 133  ARG A CB  1 
ATOM   1019 C  CG  . ARG A 1 133 ? -15.313 -5.018  -3.105  1.00 54.24 ? 133  ARG A CG  1 
ATOM   1020 C  CD  . ARG A 1 133 ? -16.754 -4.666  -2.732  1.00 57.94 ? 133  ARG A CD  1 
ATOM   1021 N  NE  . ARG A 1 133 ? -17.624 -5.842  -2.743  1.00 61.66 ? 133  ARG A NE  1 
ATOM   1022 C  CZ  . ARG A 1 133 ? -18.889 -5.846  -2.326  1.00 63.79 ? 133  ARG A CZ  1 
ATOM   1023 N  NH1 . ARG A 1 133 ? -19.445 -4.734  -1.856  1.00 64.54 ? 133  ARG A NH1 1 
ATOM   1024 N  NH2 . ARG A 1 133 ? -19.602 -6.966  -2.379  1.00 64.37 ? 133  ARG A NH2 1 
ATOM   1025 N  N   . ASN A 1 134 ? -11.940 -5.007  -3.547  1.00 39.11 ? 134  ASN A N   1 
ATOM   1026 C  CA  . ASN A 1 134 ? -10.865 -4.018  -3.583  1.00 38.23 ? 134  ASN A CA  1 
ATOM   1027 C  C   . ASN A 1 134 ? -11.454 -2.622  -3.713  1.00 37.07 ? 134  ASN A C   1 
ATOM   1028 O  O   . ASN A 1 134 ? -12.538 -2.446  -4.277  1.00 36.67 ? 134  ASN A O   1 
ATOM   1029 C  CB  . ASN A 1 134 ? -9.935  -4.222  -4.785  1.00 36.53 ? 134  ASN A CB  1 
ATOM   1030 C  CG  . ASN A 1 134 ? -9.088  -5.476  -4.685  1.00 36.59 ? 134  ASN A CG  1 
ATOM   1031 O  OD1 . ASN A 1 134 ? -8.772  -5.963  -3.593  1.00 33.76 ? 134  ASN A OD1 1 
ATOM   1032 N  ND2 . ASN A 1 134 ? -8.689  -5.994  -5.840  1.00 35.93 ? 134  ASN A ND2 1 
ATOM   1033 N  N   . LEU A 1 135 ? -10.731 -1.639  -3.189  1.00 35.78 ? 135  LEU A N   1 
ATOM   1034 C  CA  . LEU A 1 135 ? -11.137 -0.242  -3.286  1.00 35.89 ? 135  LEU A CA  1 
ATOM   1035 C  C   . LEU A 1 135 ? -9.884  0.428   -3.866  1.00 35.28 ? 135  LEU A C   1 
ATOM   1036 O  O   . LEU A 1 135 ? -8.994  0.865   -3.131  1.00 33.95 ? 135  LEU A O   1 
ATOM   1037 C  CB  . LEU A 1 135 ? -11.489 0.322   -1.904  1.00 36.10 ? 135  LEU A CB  1 
ATOM   1038 C  CG  . LEU A 1 135 ? -12.259 1.656   -1.892  1.00 38.53 ? 135  LEU A CG  1 
ATOM   1039 C  CD1 . LEU A 1 135 ? -12.638 2.024   -0.463  1.00 38.42 ? 135  LEU A CD1 1 
ATOM   1040 C  CD2 . LEU A 1 135 ? -11.410 2.765   -2.517  1.00 39.37 ? 135  LEU A CD2 1 
ATOM   1041 N  N   . ASP A 1 136 ? -9.816  0.485   -5.193  1.00 34.79 ? 136  ASP A N   1 
ATOM   1042 C  CA  . ASP A 1 136 ? -8.652  1.043   -5.868  1.00 34.28 ? 136  ASP A CA  1 
ATOM   1043 C  C   . ASP A 1 136 ? -8.828  2.474   -6.348  1.00 32.95 ? 136  ASP A C   1 
ATOM   1044 O  O   . ASP A 1 136 ? -9.657  2.758   -7.216  1.00 32.40 ? 136  ASP A O   1 
ATOM   1045 C  CB  . ASP A 1 136 ? -8.271  0.143   -7.047  1.00 35.46 ? 136  ASP A CB  1 
ATOM   1046 C  CG  . ASP A 1 136 ? -6.872  0.413   -7.567  1.00 37.87 ? 136  ASP A CG  1 
ATOM   1047 O  OD1 . ASP A 1 136 ? -6.278  -0.522  -8.137  1.00 42.75 ? 136  ASP A OD1 1 
ATOM   1048 O  OD2 . ASP A 1 136 ? -6.360  1.544   -7.424  1.00 40.33 ? 136  ASP A OD2 1 
ATOM   1049 N  N   . VAL A 1 137 ? -8.020  3.365   -5.781  1.00 31.19 ? 137  VAL A N   1 
ATOM   1050 C  CA  . VAL A 1 137 ? -8.049  4.774   -6.137  1.00 30.73 ? 137  VAL A CA  1 
ATOM   1051 C  C   . VAL A 1 137 ? -7.695  4.968   -7.616  1.00 29.04 ? 137  VAL A C   1 
ATOM   1052 O  O   . VAL A 1 137 ? -8.101  5.950   -8.236  1.00 26.97 ? 137  VAL A O   1 
ATOM   1053 C  CB  . VAL A 1 137 ? -7.076  5.566   -5.247  1.00 30.11 ? 137  VAL A CB  1 
ATOM   1054 C  CG1 . VAL A 1 137 ? -7.087  7.042   -5.630  1.00 29.51 ? 137  VAL A CG1 1 
ATOM   1055 C  CG2 . VAL A 1 137 ? -7.472  5.382   -3.794  1.00 27.03 ? 137  VAL A CG2 1 
ATOM   1056 N  N   . SER A 1 138 ? -6.942  4.023   -8.170  1.00 28.89 ? 138  SER A N   1 
ATOM   1057 C  CA  . SER A 1 138 ? -6.567  4.070   -9.580  1.00 32.04 ? 138  SER A CA  1 
ATOM   1058 C  C   . SER A 1 138 ? -7.792  4.101   -10.491 1.00 30.48 ? 138  SER A C   1 
ATOM   1059 O  O   . SER A 1 138 ? -7.767  4.718   -11.550 1.00 30.71 ? 138  SER A O   1 
ATOM   1060 C  CB  . SER A 1 138 ? -5.716  2.851   -9.953  1.00 31.92 ? 138  SER A CB  1 
ATOM   1061 O  OG  . SER A 1 138 ? -4.428  2.964   -9.390  1.00 39.41 ? 138  SER A OG  1 
ATOM   1062 N  N   . THR A 1 139 ? -8.856  3.417   -10.091 1.00 30.33 ? 139  THR A N   1 
ATOM   1063 C  CA  . THR A 1 139 ? -10.066 3.396   -10.901 1.00 30.87 ? 139  THR A CA  1 
ATOM   1064 C  C   . THR A 1 139 ? -10.606 4.808   -11.085 1.00 31.20 ? 139  THR A C   1 
ATOM   1065 O  O   . THR A 1 139 ? -11.038 5.189   -12.174 1.00 30.81 ? 139  THR A O   1 
ATOM   1066 C  CB  . THR A 1 139 ? -11.153 2.514   -10.251 1.00 29.07 ? 139  THR A CB  1 
ATOM   1067 O  OG1 . THR A 1 139 ? -10.817 1.136   -10.456 1.00 29.79 ? 139  THR A OG1 1 
ATOM   1068 C  CG2 . THR A 1 139 ? -12.533 2.796   -10.870 1.00 25.99 ? 139  THR A CG2 1 
ATOM   1069 N  N   . ILE A 1 140 ? -10.577 5.586   -10.012 1.00 32.40 ? 140  ILE A N   1 
ATOM   1070 C  CA  . ILE A 1 140 ? -11.063 6.950   -10.074 1.00 34.64 ? 140  ILE A CA  1 
ATOM   1071 C  C   . ILE A 1 140 ? -10.102 7.815   -10.870 1.00 35.88 ? 140  ILE A C   1 
ATOM   1072 O  O   . ILE A 1 140 ? -10.524 8.708   -11.613 1.00 36.55 ? 140  ILE A O   1 
ATOM   1073 C  CB  . ILE A 1 140 ? -11.237 7.535   -8.666  1.00 35.48 ? 140  ILE A CB  1 
ATOM   1074 C  CG1 . ILE A 1 140 ? -12.269 6.704   -7.899  1.00 36.91 ? 140  ILE A CG1 1 
ATOM   1075 C  CG2 . ILE A 1 140 ? -11.695 8.981   -8.756  1.00 34.86 ? 140  ILE A CG2 1 
ATOM   1076 C  CD1 . ILE A 1 140 ? -12.531 7.197   -6.483  1.00 41.16 ? 140  ILE A CD1 1 
ATOM   1077 N  N   . LYS A 1 141 ? -8.807  7.539   -10.729 1.00 36.08 ? 141  LYS A N   1 
ATOM   1078 C  CA  . LYS A 1 141 ? -7.802  8.303   -11.447 1.00 37.01 ? 141  LYS A CA  1 
ATOM   1079 C  C   . LYS A 1 141 ? -7.997  8.088   -12.943 1.00 35.53 ? 141  LYS A C   1 
ATOM   1080 O  O   . LYS A 1 141 ? -7.854  9.021   -13.738 1.00 34.73 ? 141  LYS A O   1 
ATOM   1081 C  CB  . LYS A 1 141 ? -6.394  7.868   -11.024 1.00 40.02 ? 141  LYS A CB  1 
ATOM   1082 C  CG  . LYS A 1 141 ? -5.271  8.738   -11.581 1.00 43.93 ? 141  LYS A CG  1 
ATOM   1083 C  CD  . LYS A 1 141 ? -3.891  8.128   -11.283 1.00 49.23 ? 141  LYS A CD  1 
ATOM   1084 C  CE  . LYS A 1 141 ? -3.722  6.782   -12.008 1.00 50.96 ? 141  LYS A CE  1 
ATOM   1085 N  NZ  . LYS A 1 141 ? -2.486  6.049   -11.606 1.00 53.71 ? 141  LYS A NZ  1 
ATOM   1086 N  N   . GLU A 1 142 ? -8.332  6.857   -13.322 1.00 35.33 ? 142  GLU A N   1 
ATOM   1087 C  CA  . GLU A 1 142 ? -8.559  6.534   -14.725 1.00 36.20 ? 142  GLU A CA  1 
ATOM   1088 C  C   . GLU A 1 142 ? -9.778  7.253   -15.287 1.00 35.12 ? 142  GLU A C   1 
ATOM   1089 O  O   . GLU A 1 142 ? -9.771  7.675   -16.439 1.00 35.10 ? 142  GLU A O   1 
ATOM   1090 C  CB  . GLU A 1 142 ? -8.730  5.025   -14.913 1.00 39.12 ? 142  GLU A CB  1 
ATOM   1091 C  CG  . GLU A 1 142 ? -7.480  4.334   -15.422 1.00 44.28 ? 142  GLU A CG  1 
ATOM   1092 C  CD  . GLU A 1 142 ? -7.090  4.785   -16.818 1.00 46.85 ? 142  GLU A CD  1 
ATOM   1093 O  OE1 . GLU A 1 142 ? -5.876  4.929   -17.074 1.00 49.09 ? 142  GLU A OE1 1 
ATOM   1094 O  OE2 . GLU A 1 142 ? -7.992  4.986   -17.665 1.00 49.29 ? 142  GLU A OE2 1 
ATOM   1095 N  N   . LEU A 1 143 ? -10.824 7.376   -14.477 1.00 34.15 ? 143  LEU A N   1 
ATOM   1096 C  CA  . LEU A 1 143 ? -12.039 8.062   -14.899 1.00 35.38 ? 143  LEU A CA  1 
ATOM   1097 C  C   . LEU A 1 143 ? -11.804 9.572   -15.036 1.00 35.30 ? 143  LEU A C   1 
ATOM   1098 O  O   . LEU A 1 143 ? -12.271 10.200  -15.990 1.00 34.79 ? 143  LEU A O   1 
ATOM   1099 C  CB  . LEU A 1 143 ? -13.168 7.815   -13.890 1.00 35.97 ? 143  LEU A CB  1 
ATOM   1100 C  CG  . LEU A 1 143 ? -13.700 6.380   -13.771 1.00 37.23 ? 143  LEU A CG  1 
ATOM   1101 C  CD1 . LEU A 1 143 ? -14.849 6.341   -12.759 1.00 36.51 ? 143  LEU A CD1 1 
ATOM   1102 C  CD2 . LEU A 1 143 ? -14.167 5.890   -15.141 1.00 36.31 ? 143  LEU A CD2 1 
ATOM   1103 N  N   . ALA A 1 144 ? -11.087 10.150  -14.078 1.00 35.04 ? 144  ALA A N   1 
ATOM   1104 C  CA  . ALA A 1 144 ? -10.796 11.579  -14.105 1.00 34.87 ? 144  ALA A CA  1 
ATOM   1105 C  C   . ALA A 1 144 ? -10.008 11.902  -15.361 1.00 36.38 ? 144  ALA A C   1 
ATOM   1106 O  O   . ALA A 1 144 ? -10.288 12.866  -16.073 1.00 35.14 ? 144  ALA A O   1 
ATOM   1107 C  CB  . ALA A 1 144 ? -9.991  11.965  -12.885 1.00 35.02 ? 144  ALA A CB  1 
ATOM   1108 N  N   . ARG A 1 145 ? -9.019  11.063  -15.629 1.00 37.15 ? 145  ARG A N   1 
ATOM   1109 C  CA  . ARG A 1 145 ? -8.161  11.228  -16.784 1.00 38.95 ? 145  ARG A CA  1 
ATOM   1110 C  C   . ARG A 1 145 ? -8.943  11.231  -18.101 1.00 39.01 ? 145  ARG A C   1 
ATOM   1111 O  O   . ARG A 1 145 ? -8.616  11.972  -19.022 1.00 38.95 ? 145  ARG A O   1 
ATOM   1112 C  CB  . ARG A 1 145 ? -7.117  10.114  -16.779 1.00 41.77 ? 145  ARG A CB  1 
ATOM   1113 C  CG  . ARG A 1 145 ? -6.208  10.085  -17.978 1.00 48.17 ? 145  ARG A CG  1 
ATOM   1114 C  CD  . ARG A 1 145 ? -5.105  9.057   -17.760 1.00 53.82 ? 145  ARG A CD  1 
ATOM   1115 N  NE  . ARG A 1 145 ? -4.349  8.810   -18.981 1.00 58.51 ? 145  ARG A NE  1 
ATOM   1116 C  CZ  . ARG A 1 145 ? -4.864  8.259   -20.077 1.00 60.92 ? 145  ARG A CZ  1 
ATOM   1117 N  NH1 . ARG A 1 145 ? -6.142  7.893   -20.107 1.00 60.72 ? 145  ARG A NH1 1 
ATOM   1118 N  NH2 . ARG A 1 145 ? -4.096  8.075   -21.148 1.00 63.26 ? 145  ARG A NH2 1 
ATOM   1119 N  N   . ARG A 1 146 ? -9.980  10.409  -18.188 1.00 37.86 ? 146  ARG A N   1 
ATOM   1120 C  CA  . ARG A 1 146 ? -10.761 10.344  -19.406 1.00 36.78 ? 146  ARG A CA  1 
ATOM   1121 C  C   . ARG A 1 146 ? -11.929 11.321  -19.461 1.00 36.21 ? 146  ARG A C   1 
ATOM   1122 O  O   . ARG A 1 146 ? -12.257 11.816  -20.536 1.00 37.40 ? 146  ARG A O   1 
ATOM   1123 C  CB  . ARG A 1 146 ? -11.260 8.914   -19.629 1.00 37.83 ? 146  ARG A CB  1 
ATOM   1124 C  CG  . ARG A 1 146 ? -10.153 7.946   -20.021 1.00 39.60 ? 146  ARG A CG  1 
ATOM   1125 C  CD  . ARG A 1 146 ? -10.623 6.493   -19.987 1.00 40.59 ? 146  ARG A CD  1 
ATOM   1126 N  NE  . ARG A 1 146 ? -9.495  5.565   -20.039 1.00 42.01 ? 146  ARG A NE  1 
ATOM   1127 C  CZ  . ARG A 1 146 ? -8.866  5.198   -21.153 1.00 43.51 ? 146  ARG A CZ  1 
ATOM   1128 N  NH1 . ARG A 1 146 ? -9.253  5.674   -22.336 1.00 45.03 ? 146  ARG A NH1 1 
ATOM   1129 N  NH2 . ARG A 1 146 ? -7.840  4.360   -21.087 1.00 41.48 ? 146  ARG A NH2 1 
ATOM   1130 N  N   . TRP A 1 147 ? -12.542 11.623  -18.319 1.00 35.36 ? 147  TRP A N   1 
ATOM   1131 C  CA  . TRP A 1 147 ? -13.694 12.525  -18.301 1.00 34.39 ? 147  TRP A CA  1 
ATOM   1132 C  C   . TRP A 1 147 ? -13.491 13.932  -17.756 1.00 35.28 ? 147  TRP A C   1 
ATOM   1133 O  O   . TRP A 1 147 ? -14.162 14.863  -18.203 1.00 35.79 ? 147  TRP A O   1 
ATOM   1134 C  CB  . TRP A 1 147 ? -14.853 11.888  -17.535 1.00 32.15 ? 147  TRP A CB  1 
ATOM   1135 C  CG  . TRP A 1 147 ? -15.315 10.582  -18.095 1.00 30.26 ? 147  TRP A CG  1 
ATOM   1136 C  CD1 . TRP A 1 147 ? -15.186 10.144  -19.389 1.00 29.86 ? 147  TRP A CD1 1 
ATOM   1137 C  CD2 . TRP A 1 147 ? -16.029 9.558   -17.393 1.00 29.91 ? 147  TRP A CD2 1 
ATOM   1138 N  NE1 . TRP A 1 147 ? -15.779 8.906   -19.533 1.00 29.29 ? 147  TRP A NE1 1 
ATOM   1139 C  CE2 . TRP A 1 147 ? -16.306 8.525   -18.324 1.00 30.41 ? 147  TRP A CE2 1 
ATOM   1140 C  CE3 . TRP A 1 147 ? -16.464 9.412   -16.070 1.00 29.75 ? 147  TRP A CE3 1 
ATOM   1141 C  CZ2 . TRP A 1 147 ? -17.001 7.361   -17.968 1.00 30.01 ? 147  TRP A CZ2 1 
ATOM   1142 C  CZ3 . TRP A 1 147 ? -17.155 8.254   -15.717 1.00 31.43 ? 147  TRP A CZ3 1 
ATOM   1143 C  CH2 . TRP A 1 147 ? -17.414 7.243   -16.667 1.00 30.07 ? 147  TRP A CH2 1 
ATOM   1144 N  N   . ALA A 1 148 ? -12.597 14.094  -16.786 1.00 35.39 ? 148  ALA A N   1 
ATOM   1145 C  CA  . ALA A 1 148 ? -12.358 15.407  -16.190 1.00 36.56 ? 148  ALA A CA  1 
ATOM   1146 C  C   . ALA A 1 148 ? -10.873 15.594  -15.868 1.00 36.73 ? 148  ALA A C   1 
ATOM   1147 O  O   . ALA A 1 148 ? -10.475 15.637  -14.696 1.00 36.54 ? 148  ALA A O   1 
ATOM   1148 C  CB  . ALA A 1 148 ? -13.199 15.555  -14.922 1.00 36.48 ? 148  ALA A CB  1 
ATOM   1149 N  N   . PRO A 1 149 ? -10.039 15.713  -16.912 1.00 35.68 ? 149  PRO A N   1 
ATOM   1150 C  CA  . PRO A 1 149 ? -8.593  15.888  -16.782 1.00 35.47 ? 149  PRO A CA  1 
ATOM   1151 C  C   . PRO A 1 149 ? -8.176  16.959  -15.779 1.00 34.75 ? 149  PRO A C   1 
ATOM   1152 O  O   . PRO A 1 149 ? -7.268  16.746  -14.977 1.00 35.17 ? 149  PRO A O   1 
ATOM   1153 C  CB  . PRO A 1 149 ? -8.156  16.222  -18.208 1.00 35.55 ? 149  PRO A CB  1 
ATOM   1154 C  CG  . PRO A 1 149 ? -9.122  15.480  -19.039 1.00 35.65 ? 149  PRO A CG  1 
ATOM   1155 C  CD  . PRO A 1 149 ? -10.437 15.753  -18.330 1.00 36.03 ? 149  PRO A CD  1 
ATOM   1156 N  N   . ALA A 1 150 ? -8.841  18.105  -15.821 1.00 34.86 ? 150  ALA A N   1 
ATOM   1157 C  CA  . ALA A 1 150 ? -8.509  19.208  -14.918 1.00 36.15 ? 150  ALA A CA  1 
ATOM   1158 C  C   . ALA A 1 150 ? -8.463  18.816  -13.440 1.00 36.60 ? 150  ALA A C   1 
ATOM   1159 O  O   . ALA A 1 150 ? -7.668  19.362  -12.679 1.00 36.20 ? 150  ALA A O   1 
ATOM   1160 C  CB  . ALA A 1 150 ? -9.494  20.364  -15.118 1.00 34.89 ? 150  ALA A CB  1 
ATOM   1161 N  N   . VAL A 1 151 ? -9.312  17.869  -13.043 1.00 37.23 ? 151  VAL A N   1 
ATOM   1162 C  CA  . VAL A 1 151 ? -9.390  17.414  -11.656 1.00 37.57 ? 151  VAL A CA  1 
ATOM   1163 C  C   . VAL A 1 151 ? -8.085  16.875  -11.072 1.00 38.14 ? 151  VAL A C   1 
ATOM   1164 O  O   . VAL A 1 151 ? -7.895  16.879  -9.857  1.00 39.17 ? 151  VAL A O   1 
ATOM   1165 C  CB  . VAL A 1 151 ? -10.491 16.342  -11.504 1.00 38.38 ? 151  VAL A CB  1 
ATOM   1166 C  CG1 . VAL A 1 151 ? -10.556 15.831  -10.062 1.00 38.03 ? 151  VAL A CG1 1 
ATOM   1167 C  CG2 . VAL A 1 151 ? -11.824 16.940  -11.905 1.00 38.57 ? 151  VAL A CG2 1 
ATOM   1168 N  N   . ALA A 1 152 ? -7.179  16.428  -11.934 1.00 39.12 ? 152  ALA A N   1 
ATOM   1169 C  CA  . ALA A 1 152 ? -5.899  15.889  -11.490 1.00 38.87 ? 152  ALA A CA  1 
ATOM   1170 C  C   . ALA A 1 152 ? -4.884  16.978  -11.137 1.00 39.47 ? 152  ALA A C   1 
ATOM   1171 O  O   . ALA A 1 152 ? -4.034  16.790  -10.269 1.00 39.74 ? 152  ALA A O   1 
ATOM   1172 C  CB  . ALA A 1 152 ? -5.320  14.989  -12.575 1.00 35.95 ? 152  ALA A CB  1 
ATOM   1173 N  N   . SER A 1 153 ? -4.979  18.116  -11.811 1.00 39.87 ? 153  SER A N   1 
ATOM   1174 C  CA  . SER A 1 153 ? -4.040  19.217  -11.607 1.00 40.43 ? 153  SER A CA  1 
ATOM   1175 C  C   . SER A 1 153 ? -3.902  19.716  -10.172 1.00 41.10 ? 153  SER A C   1 
ATOM   1176 O  O   . SER A 1 153 ? -2.892  20.342  -9.829  1.00 41.29 ? 153  SER A O   1 
ATOM   1177 C  CB  . SER A 1 153 ? -4.425  20.400  -12.497 1.00 39.55 ? 153  SER A CB  1 
ATOM   1178 O  OG  . SER A 1 153 ? -5.599  21.032  -12.011 1.00 38.77 ? 153  SER A OG  1 
ATOM   1179 N  N   . GLY A 1 154 ? -4.912  19.453  -9.343  1.00 41.51 ? 154  GLY A N   1 
ATOM   1180 C  CA  . GLY A 1 154 ? -4.878  19.917  -7.965  1.00 41.26 ? 154  GLY A CA  1 
ATOM   1181 C  C   . GLY A 1 154 ? -4.185  19.017  -6.961  1.00 42.38 ? 154  GLY A C   1 
ATOM   1182 O  O   . GLY A 1 154 ? -4.051  19.381  -5.791  1.00 41.51 ? 154  GLY A O   1 
ATOM   1183 N  N   . PHE A 1 155 ? -3.741  17.844  -7.401  1.00 42.94 ? 155  PHE A N   1 
ATOM   1184 C  CA  . PHE A 1 155 ? -3.073  16.920  -6.492  1.00 43.49 ? 155  PHE A CA  1 
ATOM   1185 C  C   . PHE A 1 155 ? -1.672  16.541  -6.959  1.00 45.00 ? 155  PHE A C   1 
ATOM   1186 O  O   . PHE A 1 155 ? -1.422  16.358  -8.149  1.00 44.38 ? 155  PHE A O   1 
ATOM   1187 C  CB  . PHE A 1 155 ? -3.904  15.640  -6.321  1.00 40.88 ? 155  PHE A CB  1 
ATOM   1188 C  CG  . PHE A 1 155 ? -3.336  14.681  -5.304  1.00 37.79 ? 155  PHE A CG  1 
ATOM   1189 C  CD1 . PHE A 1 155 ? -3.494  14.919  -3.937  1.00 37.34 ? 155  PHE A CD1 1 
ATOM   1190 C  CD2 . PHE A 1 155 ? -2.613  13.562  -5.712  1.00 36.11 ? 155  PHE A CD2 1 
ATOM   1191 C  CE1 . PHE A 1 155 ? -2.937  14.054  -2.988  1.00 33.74 ? 155  PHE A CE1 1 
ATOM   1192 C  CE2 . PHE A 1 155 ? -2.052  12.692  -4.773  1.00 35.52 ? 155  PHE A CE2 1 
ATOM   1193 C  CZ  . PHE A 1 155 ? -2.215  12.941  -3.410  1.00 33.75 ? 155  PHE A CZ  1 
ATOM   1194 N  N   . ALA A 1 156 ? -0.764  16.426  -6.001  1.00 48.31 ? 156  ALA A N   1 
ATOM   1195 C  CA  . ALA A 1 156 ? 0.617   16.044  -6.272  1.00 51.42 ? 156  ALA A CA  1 
ATOM   1196 C  C   . ALA A 1 156 ? 1.031   15.098  -5.149  1.00 53.23 ? 156  ALA A C   1 
ATOM   1197 O  O   . ALA A 1 156 ? 0.707   15.341  -3.985  1.00 52.91 ? 156  ALA A O   1 
ATOM   1198 C  CB  . ALA A 1 156 ? 1.513   17.278  -6.287  1.00 50.81 ? 156  ALA A CB  1 
ATOM   1199 N  N   . LYS A 1 157 ? 1.730   14.020  -5.495  1.00 56.23 ? 157  LYS A N   1 
ATOM   1200 C  CA  . LYS A 1 157 ? 2.178   13.050  -4.495  1.00 59.35 ? 157  LYS A CA  1 
ATOM   1201 C  C   . LYS A 1 157 ? 3.389   13.542  -3.705  1.00 60.83 ? 157  LYS A C   1 
ATOM   1202 O  O   . LYS A 1 157 ? 4.250   14.245  -4.241  1.00 62.24 ? 157  LYS A O   1 
ATOM   1203 C  CB  . LYS A 1 157 ? 2.498   11.710  -5.166  1.00 60.30 ? 157  LYS A CB  1 
ATOM   1204 C  CG  . LYS A 1 157 ? 1.262   11.016  -5.706  1.00 61.51 ? 157  LYS A CG  1 
ATOM   1205 C  CD  . LYS A 1 157 ? 1.572   9.690   -6.364  1.00 62.79 ? 157  LYS A CD  1 
ATOM   1206 C  CE  . LYS A 1 157 ? 0.285   9.035   -6.874  1.00 64.11 ? 157  LYS A CE  1 
ATOM   1207 N  NZ  . LYS A 1 157 ? -0.442  9.905   -7.852  1.00 63.88 ? 157  LYS A NZ  1 
ATOM   1208 N  N   . SER A 1 158 ? 3.452   13.162  -2.432  1.00 62.70 ? 158  SER A N   1 
ATOM   1209 C  CA  . SER A 1 158 ? 4.547   13.570  -1.560  1.00 64.92 ? 158  SER A CA  1 
ATOM   1210 C  C   . SER A 1 158 ? 5.908   13.188  -2.127  1.00 66.41 ? 158  SER A C   1 
ATOM   1211 O  O   . SER A 1 158 ? 6.041   12.214  -2.877  1.00 65.22 ? 158  SER A O   1 
ATOM   1212 C  CB  . SER A 1 158 ? 4.398   12.949  -0.167  1.00 65.21 ? 158  SER A CB  1 
ATOM   1213 O  OG  . SER A 1 158 ? 4.827   11.597  -0.154  1.00 64.55 ? 158  SER A OG  1 
ATOM   1214 N  N   . SER A 1 159 ? 6.914   13.974  -1.760  1.00 68.39 ? 159  SER A N   1 
ATOM   1215 C  CA  . SER A 1 159 ? 8.282   13.743  -2.205  1.00 70.85 ? 159  SER A CA  1 
ATOM   1216 C  C   . SER A 1 159 ? 8.715   12.408  -1.619  1.00 71.64 ? 159  SER A C   1 
ATOM   1217 O  O   . SER A 1 159 ? 9.463   11.651  -2.240  1.00 71.59 ? 159  SER A O   1 
ATOM   1218 C  CB  . SER A 1 159 ? 9.204   14.849  -1.677  1.00 71.45 ? 159  SER A CB  1 
ATOM   1219 O  OG  . SER A 1 159 ? 8.604   16.132  -1.786  1.00 72.21 ? 159  SER A OG  1 
ATOM   1220 N  N   . ALA A 1 160 ? 8.218   12.143  -0.410  1.00 73.08 ? 160  ALA A N   1 
ATOM   1221 C  CA  . ALA A 1 160 ? 8.514   10.928  0.345   1.00 74.02 ? 160  ALA A CA  1 
ATOM   1222 C  C   . ALA A 1 160 ? 8.606   9.684   -0.531  1.00 74.22 ? 160  ALA A C   1 
ATOM   1223 O  O   . ALA A 1 160 ? 8.176   9.689   -1.689  1.00 75.18 ? 160  ALA A O   1 
ATOM   1224 C  CB  . ALA A 1 160 ? 7.466   10.732  1.434   1.00 75.15 ? 160  ALA A CB  1 
ATOM   1225 N  N   . HIS A 1 161 ? 9.148   8.610   0.034   1.00 73.41 ? 161  HIS A N   1 
ATOM   1226 C  CA  . HIS A 1 161 ? 9.325   7.381   -0.725  1.00 72.77 ? 161  HIS A CA  1 
ATOM   1227 C  C   . HIS A 1 161 ? 8.836   6.123   -0.002  1.00 70.67 ? 161  HIS A C   1 
ATOM   1228 O  O   . HIS A 1 161 ? 8.310   5.201   -0.637  1.00 70.17 ? 161  HIS A O   1 
ATOM   1229 C  CB  . HIS A 1 161 ? 10.807  7.236   -1.069  1.00 76.16 ? 161  HIS A CB  1 
ATOM   1230 C  CG  . HIS A 1 161 ? 11.565  8.532   -1.040  1.00 78.99 ? 161  HIS A CG  1 
ATOM   1231 N  ND1 . HIS A 1 161 ? 11.384  9.526   -1.979  1.00 79.60 ? 161  HIS A ND1 1 
ATOM   1232 C  CD2 . HIS A 1 161 ? 12.491  9.003   -0.169  1.00 79.63 ? 161  HIS A CD2 1 
ATOM   1233 C  CE1 . HIS A 1 161 ? 12.167  10.552  -1.689  1.00 80.59 ? 161  HIS A CE1 1 
ATOM   1234 N  NE2 . HIS A 1 161 ? 12.849  10.260  -0.595  1.00 80.43 ? 161  HIS A NE2 1 
ATOM   1235 N  N   . THR A 1 162 ? 9.021   6.084   1.318   1.00 67.44 ? 162  THR A N   1 
ATOM   1236 C  CA  . THR A 1 162 ? 8.605   4.938   2.122   1.00 64.35 ? 162  THR A CA  1 
ATOM   1237 C  C   . THR A 1 162 ? 7.158   4.535   1.837   1.00 62.11 ? 162  THR A C   1 
ATOM   1238 O  O   . THR A 1 162 ? 6.374   5.318   1.298   1.00 62.41 ? 162  THR A O   1 
ATOM   1239 C  CB  . THR A 1 162 ? 8.721   5.238   3.623   1.00 64.83 ? 162  THR A CB  1 
ATOM   1240 O  OG1 . THR A 1 162 ? 7.826   6.303   3.962   1.00 65.23 ? 162  THR A OG1 1 
ATOM   1241 C  CG2 . THR A 1 162 ? 10.136  5.639   3.981   1.00 64.32 ? 162  THR A CG2 1 
ATOM   1242 N  N   . ALA A 1 163 ? 6.806   3.310   2.215   1.00 58.38 ? 163  ALA A N   1 
ATOM   1243 C  CA  . ALA A 1 163 ? 5.457   2.809   2.000   1.00 55.09 ? 163  ALA A CA  1 
ATOM   1244 C  C   . ALA A 1 163 ? 4.427   3.565   2.834   1.00 52.89 ? 163  ALA A C   1 
ATOM   1245 O  O   . ALA A 1 163 ? 3.285   3.729   2.406   1.00 52.39 ? 163  ALA A O   1 
ATOM   1246 C  CB  . ALA A 1 163 ? 5.394   1.320   2.323   1.00 55.71 ? 163  ALA A CB  1 
ATOM   1247 N  N   . LEU A 1 164 ? 4.826   4.019   4.020   1.00 50.08 ? 164  LEU A N   1 
ATOM   1248 C  CA  . LEU A 1 164 ? 3.910   4.747   4.899   1.00 47.55 ? 164  LEU A CA  1 
ATOM   1249 C  C   . LEU A 1 164 ? 3.425   6.053   4.275   1.00 45.66 ? 164  LEU A C   1 
ATOM   1250 O  O   . LEU A 1 164 ? 2.275   6.439   4.447   1.00 42.80 ? 164  LEU A O   1 
ATOM   1251 C  CB  . LEU A 1 164 ? 4.578   5.057   6.237   1.00 47.12 ? 164  LEU A CB  1 
ATOM   1252 C  CG  . LEU A 1 164 ? 3.780   4.720   7.501   1.00 47.46 ? 164  LEU A CG  1 
ATOM   1253 C  CD1 . LEU A 1 164 ? 4.497   5.313   8.708   1.00 47.03 ? 164  LEU A CD1 1 
ATOM   1254 C  CD2 . LEU A 1 164 ? 2.367   5.264   7.405   1.00 47.52 ? 164  LEU A CD2 1 
ATOM   1255 N  N   . SER A 1 165 ? 4.305   6.736   3.552   1.00 45.22 ? 165  SER A N   1 
ATOM   1256 C  CA  . SER A 1 165 ? 3.925   7.993   2.916   1.00 44.84 ? 165  SER A CA  1 
ATOM   1257 C  C   . SER A 1 165 ? 3.102   7.702   1.660   1.00 43.13 ? 165  SER A C   1 
ATOM   1258 O  O   . SER A 1 165 ? 2.193   8.456   1.322   1.00 42.07 ? 165  SER A O   1 
ATOM   1259 C  CB  . SER A 1 165 ? 5.168   8.829   2.572   1.00 44.48 ? 165  SER A CB  1 
ATOM   1260 O  OG  . SER A 1 165 ? 5.974   8.191   1.595   1.00 46.64 ? 165  SER A OG  1 
ATOM   1261 N  N   . ASP A 1 166 ? 3.410   6.601   0.981   1.00 41.89 ? 166  ASP A N   1 
ATOM   1262 C  CA  . ASP A 1 166 ? 2.663   6.223   -0.209  1.00 42.45 ? 166  ASP A CA  1 
ATOM   1263 C  C   . ASP A 1 166 ? 1.204   5.967   0.147   1.00 41.53 ? 166  ASP A C   1 
ATOM   1264 O  O   . ASP A 1 166 ? 0.301   6.509   -0.493  1.00 41.03 ? 166  ASP A O   1 
ATOM   1265 C  CB  . ASP A 1 166 ? 3.267   4.974   -0.851  1.00 44.99 ? 166  ASP A CB  1 
ATOM   1266 C  CG  . ASP A 1 166 ? 4.569   5.265   -1.573  1.00 48.31 ? 166  ASP A CG  1 
ATOM   1267 O  OD1 . ASP A 1 166 ? 5.184   4.320   -2.125  1.00 51.66 ? 166  ASP A OD1 1 
ATOM   1268 O  OD2 . ASP A 1 166 ? 4.978   6.446   -1.592  1.00 48.60 ? 166  ASP A OD2 1 
ATOM   1269 N  N   . VAL A 1 167 ? 0.967   5.141   1.162   1.00 41.53 ? 167  VAL A N   1 
ATOM   1270 C  CA  . VAL A 1 167 ? -0.403  4.850   1.579   1.00 41.55 ? 167  VAL A CA  1 
ATOM   1271 C  C   . VAL A 1 167 ? -1.055  6.146   2.045   1.00 40.14 ? 167  VAL A C   1 
ATOM   1272 O  O   . VAL A 1 167 ? -2.223  6.406   1.773   1.00 40.80 ? 167  VAL A O   1 
ATOM   1273 C  CB  . VAL A 1 167 ? -0.454  3.795   2.719   1.00 42.70 ? 167  VAL A CB  1 
ATOM   1274 C  CG1 . VAL A 1 167 ? 0.575   4.109   3.772   1.00 45.06 ? 167  VAL A CG1 1 
ATOM   1275 C  CG2 . VAL A 1 167 ? -1.845  3.772   3.350   1.00 42.67 ? 167  VAL A CG2 1 
ATOM   1276 N  N   . ARG A 1 168 ? -0.276  6.971   2.727   1.00 40.10 ? 168  ARG A N   1 
ATOM   1277 C  CA  . ARG A 1 168 ? -0.759  8.246   3.217   1.00 40.31 ? 168  ARG A CA  1 
ATOM   1278 C  C   . ARG A 1 168 ? -1.196  9.117   2.033   1.00 39.65 ? 168  ARG A C   1 
ATOM   1279 O  O   . ARG A 1 168 ? -2.178  9.858   2.126   1.00 40.07 ? 168  ARG A O   1 
ATOM   1280 C  CB  . ARG A 1 168 ? 0.346   8.938   4.016   1.00 42.69 ? 168  ARG A CB  1 
ATOM   1281 C  CG  . ARG A 1 168 ? -0.162  9.849   5.113   1.00 46.90 ? 168  ARG A CG  1 
ATOM   1282 C  CD  . ARG A 1 168 ? 0.956   10.725  5.657   1.00 50.75 ? 168  ARG A CD  1 
ATOM   1283 N  NE  . ARG A 1 168 ? 1.971   9.972   6.396   1.00 53.91 ? 168  ARG A NE  1 
ATOM   1284 C  CZ  . ARG A 1 168 ? 1.753   9.371   7.563   1.00 55.29 ? 168  ARG A CZ  1 
ATOM   1285 N  NH1 . ARG A 1 168 ? 0.547   9.428   8.125   1.00 56.69 ? 168  ARG A NH1 1 
ATOM   1286 N  NH2 . ARG A 1 168 ? 2.746   8.743   8.181   1.00 53.88 ? 168  ARG A NH2 1 
ATOM   1287 N  N   . ASP A 1 169 ? -0.467  9.021   0.921   1.00 38.53 ? 169  ASP A N   1 
ATOM   1288 C  CA  . ASP A 1 169 ? -0.787  9.780   -0.286  1.00 36.92 ? 169  ASP A CA  1 
ATOM   1289 C  C   . ASP A 1 169 ? -2.042  9.240   -0.970  1.00 36.70 ? 169  ASP A C   1 
ATOM   1290 O  O   . ASP A 1 169 ? -2.802  9.999   -1.585  1.00 35.83 ? 169  ASP A O   1 
ATOM   1291 C  CB  . ASP A 1 169 ? 0.357   9.720   -1.301  1.00 39.30 ? 169  ASP A CB  1 
ATOM   1292 C  CG  . ASP A 1 169 ? 1.504   10.646  -0.955  1.00 40.76 ? 169  ASP A CG  1 
ATOM   1293 O  OD1 . ASP A 1 169 ? 1.261   11.697  -0.323  1.00 41.25 ? 169  ASP A OD1 1 
ATOM   1294 O  OD2 . ASP A 1 169 ? 2.649   10.324  -1.342  1.00 42.55 ? 169  ASP A OD2 1 
ATOM   1295 N  N   . SER A 1 170 ? -2.243  7.926   -0.891  1.00 35.51 ? 170  SER A N   1 
ATOM   1296 C  CA  . SER A 1 170 ? -3.413  7.317   -1.504  1.00 34.32 ? 170  SER A CA  1 
ATOM   1297 C  C   . SER A 1 170 ? -4.689  7.851   -0.856  1.00 33.90 ? 170  SER A C   1 
ATOM   1298 O  O   . SER A 1 170 ? -5.651  8.170   -1.553  1.00 32.44 ? 170  SER A O   1 
ATOM   1299 C  CB  . SER A 1 170 ? -3.358  5.794   -1.381  1.00 34.26 ? 170  SER A CB  1 
ATOM   1300 O  OG  . SER A 1 170 ? -2.485  5.245   -2.350  1.00 35.50 ? 170  SER A OG  1 
ATOM   1301 N  N   . ILE A 1 171 ? -4.681  7.963   0.472   1.00 32.97 ? 171  ILE A N   1 
ATOM   1302 C  CA  . ILE A 1 171 ? -5.834  8.468   1.215   1.00 33.13 ? 171  ILE A CA  1 
ATOM   1303 C  C   . ILE A 1 171 ? -6.120  9.925   0.840   1.00 34.03 ? 171  ILE A C   1 
ATOM   1304 O  O   . ILE A 1 171 ? -7.275  10.315  0.650   1.00 34.42 ? 171  ILE A O   1 
ATOM   1305 C  CB  . ILE A 1 171 ? -5.585  8.373   2.744   1.00 33.69 ? 171  ILE A CB  1 
ATOM   1306 C  CG1 . ILE A 1 171 ? -5.500  6.908   3.161   1.00 31.83 ? 171  ILE A CG1 1 
ATOM   1307 C  CG2 . ILE A 1 171 ? -6.694  9.085   3.520   1.00 33.75 ? 171  ILE A CG2 1 
ATOM   1308 C  CD1 . ILE A 1 171 ? -4.849  6.702   4.532   1.00 33.24 ? 171  ILE A CD1 1 
ATOM   1309 N  N   . ASP A 1 172 ? -5.060  10.726  0.742   1.00 34.18 ? 172  ASP A N   1 
ATOM   1310 C  CA  . ASP A 1 172 ? -5.183  12.131  0.391   1.00 34.08 ? 172  ASP A CA  1 
ATOM   1311 C  C   . ASP A 1 172 ? -5.687  12.283  -1.039  1.00 33.48 ? 172  ASP A C   1 
ATOM   1312 O  O   . ASP A 1 172 ? -6.451  13.198  -1.356  1.00 33.09 ? 172  ASP A O   1 
ATOM   1313 C  CB  . ASP A 1 172 ? -3.827  12.834  0.526   1.00 36.84 ? 172  ASP A CB  1 
ATOM   1314 C  CG  . ASP A 1 172 ? -3.494  13.208  1.961   1.00 40.66 ? 172  ASP A CG  1 
ATOM   1315 O  OD1 . ASP A 1 172 ? -2.319  13.550  2.221   1.00 42.28 ? 172  ASP A OD1 1 
ATOM   1316 O  OD2 . ASP A 1 172 ? -4.402  13.176  2.827   1.00 42.65 ? 172  ASP A OD2 1 
ATOM   1317 N  N   . GLU A 1 173 ? -5.246  11.384  -1.906  1.00 32.44 ? 173  GLU A N   1 
ATOM   1318 C  CA  . GLU A 1 173 ? -5.648  11.428  -3.298  1.00 32.26 ? 173  GLU A CA  1 
ATOM   1319 C  C   . GLU A 1 173 ? -7.150  11.202  -3.428  1.00 31.43 ? 173  GLU A C   1 
ATOM   1320 O  O   . GLU A 1 173 ? -7.838  11.909  -4.170  1.00 32.26 ? 173  GLU A O   1 
ATOM   1321 C  CB  . GLU A 1 173 ? -4.882  10.371  -4.090  1.00 33.01 ? 173  GLU A CB  1 
ATOM   1322 C  CG  . GLU A 1 173 ? -4.811  10.659  -5.568  1.00 36.18 ? 173  GLU A CG  1 
ATOM   1323 C  CD  . GLU A 1 173 ? -4.028  9.611   -6.318  1.00 39.97 ? 173  GLU A CD  1 
ATOM   1324 O  OE1 . GLU A 1 173 ? -3.301  8.832   -5.667  1.00 41.63 ? 173  GLU A OE1 1 
ATOM   1325 O  OE2 . GLU A 1 173 ? -4.129  9.571   -7.562  1.00 43.89 ? 173  GLU A OE2 1 
ATOM   1326 N  N   . LEU A 1 174 ? -7.664  10.216  -2.704  1.00 30.23 ? 174  LEU A N   1 
ATOM   1327 C  CA  . LEU A 1 174 ? -9.090  9.934   -2.759  1.00 31.51 ? 174  LEU A CA  1 
ATOM   1328 C  C   . LEU A 1 174 ? -9.838  11.129  -2.153  1.00 32.62 ? 174  LEU A C   1 
ATOM   1329 O  O   . LEU A 1 174 ? -10.856 11.585  -2.680  1.00 32.35 ? 174  LEU A O   1 
ATOM   1330 C  CB  . LEU A 1 174 ? -9.404  8.648   -1.981  1.00 30.65 ? 174  LEU A CB  1 
ATOM   1331 C  CG  . LEU A 1 174 ? -10.873 8.214   -1.986  1.00 28.31 ? 174  LEU A CG  1 
ATOM   1332 C  CD1 . LEU A 1 174 ? -11.380 8.192   -3.423  1.00 28.41 ? 174  LEU A CD1 1 
ATOM   1333 C  CD2 . LEU A 1 174 ? -11.010 6.845   -1.341  1.00 26.84 ? 174  LEU A CD2 1 
ATOM   1334 N  N   . ARG A 1 175 ? -9.295  11.640  -1.053  1.00 32.77 ? 175  ARG A N   1 
ATOM   1335 C  CA  . ARG A 1 175 ? -9.870  12.777  -0.350  1.00 35.01 ? 175  ARG A CA  1 
ATOM   1336 C  C   . ARG A 1 175 ? -9.995  13.965  -1.308  1.00 33.71 ? 175  ARG A C   1 
ATOM   1337 O  O   . ARG A 1 175 ? -10.969 14.721  -1.271  1.00 35.11 ? 175  ARG A O   1 
ATOM   1338 C  CB  . ARG A 1 175 ? -8.970  13.116  0.837   1.00 36.71 ? 175  ARG A CB  1 
ATOM   1339 C  CG  . ARG A 1 175 ? -9.538  14.107  1.816   1.00 42.45 ? 175  ARG A CG  1 
ATOM   1340 C  CD  . ARG A 1 175 ? -9.281  13.639  3.243   1.00 45.77 ? 175  ARG A CD  1 
ATOM   1341 N  NE  . ARG A 1 175 ? -7.911  13.179  3.437   1.00 47.06 ? 175  ARG A NE  1 
ATOM   1342 C  CZ  . ARG A 1 175 ? -7.476  12.587  4.546   1.00 49.22 ? 175  ARG A CZ  1 
ATOM   1343 N  NH1 . ARG A 1 175 ? -8.305  12.386  5.560   1.00 50.99 ? 175  ARG A NH1 1 
ATOM   1344 N  NH2 . ARG A 1 175 ? -6.215  12.186  4.640   1.00 50.57 ? 175  ARG A NH2 1 
ATOM   1345 N  N   . HIS A 1 176 ? -9.007  14.107  -2.181  1.00 33.10 ? 176  HIS A N   1 
ATOM   1346 C  CA  . HIS A 1 176 ? -8.992  15.173  -3.167  1.00 31.51 ? 176  HIS A CA  1 
ATOM   1347 C  C   . HIS A 1 176 ? -10.105 14.943  -4.213  1.00 31.61 ? 176  HIS A C   1 
ATOM   1348 O  O   . HIS A 1 176 ? -10.902 15.840  -4.496  1.00 28.16 ? 176  HIS A O   1 
ATOM   1349 C  CB  . HIS A 1 176 ? -7.621  15.211  -3.853  1.00 30.96 ? 176  HIS A CB  1 
ATOM   1350 C  CG  . HIS A 1 176 ? -7.574  16.103  -5.053  1.00 31.73 ? 176  HIS A CG  1 
ATOM   1351 N  ND1 . HIS A 1 176 ? -7.603  17.480  -4.961  1.00 33.26 ? 176  HIS A ND1 1 
ATOM   1352 C  CD2 . HIS A 1 176 ? -7.562  15.815  -6.376  1.00 31.67 ? 176  HIS A CD2 1 
ATOM   1353 C  CE1 . HIS A 1 176 ? -7.615  18.001  -6.177  1.00 32.00 ? 176  HIS A CE1 1 
ATOM   1354 N  NE2 . HIS A 1 176 ? -7.591  17.011  -7.053  1.00 32.84 ? 176  HIS A NE2 1 
ATOM   1355 N  N   . TYR A 1 177 ? -10.148 13.741  -4.783  1.00 30.79 ? 177  TYR A N   1 
ATOM   1356 C  CA  . TYR A 1 177 ? -11.155 13.405  -5.791  1.00 31.95 ? 177  TYR A CA  1 
ATOM   1357 C  C   . TYR A 1 177 ? -12.595 13.482  -5.266  1.00 30.53 ? 177  TYR A C   1 
ATOM   1358 O  O   . TYR A 1 177 ? -13.524 13.845  -5.994  1.00 28.34 ? 177  TYR A O   1 
ATOM   1359 C  CB  . TYR A 1 177 ? -10.866 12.011  -6.369  1.00 33.82 ? 177  TYR A CB  1 
ATOM   1360 C  CG  . TYR A 1 177 ? -9.712  12.016  -7.341  1.00 36.63 ? 177  TYR A CG  1 
ATOM   1361 C  CD1 . TYR A 1 177 ? -9.696  12.909  -8.409  1.00 39.89 ? 177  TYR A CD1 1 
ATOM   1362 C  CD2 . TYR A 1 177 ? -8.634  11.150  -7.194  1.00 39.66 ? 177  TYR A CD2 1 
ATOM   1363 C  CE1 . TYR A 1 177 ? -8.641  12.951  -9.306  1.00 41.04 ? 177  TYR A CE1 1 
ATOM   1364 C  CE2 . TYR A 1 177 ? -7.557  11.182  -8.095  1.00 41.31 ? 177  TYR A CE2 1 
ATOM   1365 C  CZ  . TYR A 1 177 ? -7.575  12.089  -9.147  1.00 42.20 ? 177  TYR A CZ  1 
ATOM   1366 O  OH  . TYR A 1 177 ? -6.535  12.155  -10.051 1.00 45.43 ? 177  TYR A OH  1 
ATOM   1367 N  N   . ARG A 1 178 ? -12.770 13.145  -3.997  1.00 30.03 ? 178  ARG A N   1 
ATOM   1368 C  CA  . ARG A 1 178 ? -14.083 13.189  -3.383  1.00 30.94 ? 178  ARG A CA  1 
ATOM   1369 C  C   . ARG A 1 178 ? -14.748 14.563  -3.524  1.00 32.39 ? 178  ARG A C   1 
ATOM   1370 O  O   . ARG A 1 178 ? -15.968 14.659  -3.652  1.00 33.14 ? 178  ARG A O   1 
ATOM   1371 C  CB  . ARG A 1 178 ? -13.964 12.818  -1.908  1.00 31.67 ? 178  ARG A CB  1 
ATOM   1372 C  CG  . ARG A 1 178 ? -15.287 12.713  -1.206  1.00 33.06 ? 178  ARG A CG  1 
ATOM   1373 C  CD  . ARG A 1 178 ? -15.118 12.355  0.250   1.00 32.27 ? 178  ARG A CD  1 
ATOM   1374 N  NE  . ARG A 1 178 ? -16.416 12.061  0.843   1.00 33.68 ? 178  ARG A NE  1 
ATOM   1375 C  CZ  . ARG A 1 178 ? -16.619 11.849  2.138   1.00 33.61 ? 178  ARG A CZ  1 
ATOM   1376 N  NH1 . ARG A 1 178 ? -15.599 11.901  2.989   1.00 34.14 ? 178  ARG A NH1 1 
ATOM   1377 N  NH2 . ARG A 1 178 ? -17.846 11.596  2.581   1.00 30.85 ? 178  ARG A NH2 1 
ATOM   1378 N  N   . GLN A 1 179 ? -13.950 15.625  -3.497  1.00 33.89 ? 179  GLN A N   1 
ATOM   1379 C  CA  . GLN A 1 179 ? -14.477 16.983  -3.622  1.00 35.83 ? 179  GLN A CA  1 
ATOM   1380 C  C   . GLN A 1 179 ? -15.166 17.243  -4.959  1.00 35.17 ? 179  GLN A C   1 
ATOM   1381 O  O   . GLN A 1 179 ? -16.047 18.090  -5.053  1.00 33.76 ? 179  GLN A O   1 
ATOM   1382 C  CB  . GLN A 1 179 ? -13.352 18.007  -3.470  1.00 38.63 ? 179  GLN A CB  1 
ATOM   1383 C  CG  . GLN A 1 179 ? -12.760 18.102  -2.086  1.00 45.46 ? 179  GLN A CG  1 
ATOM   1384 C  CD  . GLN A 1 179 ? -11.556 19.025  -2.047  1.00 49.55 ? 179  GLN A CD  1 
ATOM   1385 O  OE1 . GLN A 1 179 ? -10.927 19.202  -0.999  1.00 52.76 ? 179  GLN A OE1 1 
ATOM   1386 N  NE2 . GLN A 1 179 ? -11.225 19.619  -3.193  1.00 50.74 ? 179  GLN A NE2 1 
ATOM   1387 N  N   . PHE A 1 180 ? -14.751 16.522  -5.991  1.00 35.15 ? 180  PHE A N   1 
ATOM   1388 C  CA  . PHE A 1 180 ? -15.299 16.708  -7.324  1.00 36.49 ? 180  PHE A CA  1 
ATOM   1389 C  C   . PHE A 1 180 ? -16.224 15.569  -7.760  1.00 36.40 ? 180  PHE A C   1 
ATOM   1390 O  O   . PHE A 1 180 ? -16.525 15.435  -8.946  1.00 36.21 ? 180  PHE A O   1 
ATOM   1391 C  CB  . PHE A 1 180 ? -14.143 16.842  -8.324  1.00 37.29 ? 180  PHE A CB  1 
ATOM   1392 C  CG  . PHE A 1 180 ? -13.185 17.974  -8.013  1.00 39.15 ? 180  PHE A CG  1 
ATOM   1393 C  CD1 . PHE A 1 180 ? -13.524 19.294  -8.305  1.00 40.72 ? 180  PHE A CD1 1 
ATOM   1394 C  CD2 . PHE A 1 180 ? -11.938 17.715  -7.446  1.00 40.85 ? 180  PHE A CD2 1 
ATOM   1395 C  CE1 . PHE A 1 180 ? -12.633 20.342  -8.042  1.00 41.82 ? 180  PHE A CE1 1 
ATOM   1396 C  CE2 . PHE A 1 180 ? -11.032 18.757  -7.176  1.00 41.32 ? 180  PHE A CE2 1 
ATOM   1397 C  CZ  . PHE A 1 180 ? -11.382 20.070  -7.476  1.00 41.26 ? 180  PHE A CZ  1 
ATOM   1398 N  N   . MET A 1 181 ? -16.685 14.764  -6.806  1.00 36.72 ? 181  MET A N   1 
ATOM   1399 C  CA  . MET A 1 181 ? -17.554 13.629  -7.120  1.00 37.77 ? 181  MET A CA  1 
ATOM   1400 C  C   . MET A 1 181 ? -19.052 13.871  -6.952  1.00 36.91 ? 181  MET A C   1 
ATOM   1401 O  O   . MET A 1 181 ? -19.846 12.941  -7.065  1.00 36.73 ? 181  MET A O   1 
ATOM   1402 C  CB  . MET A 1 181 ? -17.142 12.409  -6.288  1.00 39.64 ? 181  MET A CB  1 
ATOM   1403 C  CG  . MET A 1 181 ? -15.900 11.707  -6.799  1.00 43.96 ? 181  MET A CG  1 
ATOM   1404 S  SD  . MET A 1 181 ? -15.448 10.286  -5.780  1.00 48.89 ? 181  MET A SD  1 
ATOM   1405 C  CE  . MET A 1 181 ? -16.643 9.092   -6.350  1.00 49.35 ? 181  MET A CE  1 
ATOM   1406 N  N   . GLY A 1 182 ? -19.433 15.113  -6.675  1.00 36.30 ? 182  GLY A N   1 
ATOM   1407 C  CA  . GLY A 1 182 ? -20.837 15.449  -6.516  1.00 34.91 ? 182  GLY A CA  1 
ATOM   1408 C  C   . GLY A 1 182 ? -21.594 14.623  -5.497  1.00 34.61 ? 182  GLY A C   1 
ATOM   1409 O  O   . GLY A 1 182 ? -21.099 14.341  -4.403  1.00 35.43 ? 182  GLY A O   1 
ATOM   1410 N  N   . THR A 1 183 ? -22.809 14.231  -5.865  1.00 34.24 ? 183  THR A N   1 
ATOM   1411 C  CA  . THR A 1 183 ? -23.669 13.436  -4.994  1.00 34.36 ? 183  THR A CA  1 
ATOM   1412 C  C   . THR A 1 183 ? -22.973 12.185  -4.452  1.00 35.50 ? 183  THR A C   1 
ATOM   1413 O  O   . THR A 1 183 ? -23.063 11.881  -3.263  1.00 34.95 ? 183  THR A O   1 
ATOM   1414 C  CB  . THR A 1 183 ? -24.934 13.004  -5.747  1.00 34.04 ? 183  THR A CB  1 
ATOM   1415 O  OG1 . THR A 1 183 ? -25.491 14.143  -6.409  1.00 35.28 ? 183  THR A OG1 1 
ATOM   1416 C  CG2 . THR A 1 183 ? -25.968 12.418  -4.783  1.00 30.57 ? 183  THR A CG2 1 
ATOM   1417 N  N   . LEU A 1 184 ? -22.281 11.462  -5.328  1.00 37.40 ? 184  LEU A N   1 
ATOM   1418 C  CA  . LEU A 1 184 ? -21.585 10.245  -4.922  1.00 40.24 ? 184  LEU A CA  1 
ATOM   1419 C  C   . LEU A 1 184 ? -20.524 10.531  -3.860  1.00 41.03 ? 184  LEU A C   1 
ATOM   1420 O  O   . LEU A 1 184 ? -20.251 9.691   -3.003  1.00 41.05 ? 184  LEU A O   1 
ATOM   1421 C  CB  . LEU A 1 184 ? -20.949 9.571   -6.141  1.00 41.88 ? 184  LEU A CB  1 
ATOM   1422 C  CG  . LEU A 1 184 ? -20.308 8.197   -5.904  1.00 44.60 ? 184  LEU A CG  1 
ATOM   1423 C  CD1 . LEU A 1 184 ? -21.251 7.309   -5.124  1.00 44.67 ? 184  LEU A CD1 1 
ATOM   1424 C  CD2 . LEU A 1 184 ? -19.970 7.557   -7.237  1.00 46.23 ? 184  LEU A CD2 1 
ATOM   1425 N  N   . GLY A 1 185 ? -19.937 11.723  -3.918  1.00 42.54 ? 185  GLY A N   1 
ATOM   1426 C  CA  . GLY A 1 185 ? -18.929 12.102  -2.948  1.00 44.11 ? 185  GLY A CA  1 
ATOM   1427 C  C   . GLY A 1 185 ? -19.526 12.301  -1.567  1.00 46.64 ? 185  GLY A C   1 
ATOM   1428 O  O   . GLY A 1 185 ? -18.803 12.340  -0.571  1.00 46.81 ? 185  GLY A O   1 
ATOM   1429 N  N   . GLY A 1 186 ? -20.848 12.425  -1.502  1.00 48.68 ? 186  GLY A N   1 
ATOM   1430 C  CA  . GLY A 1 186 ? -21.500 12.615  -0.219  1.00 50.49 ? 186  GLY A CA  1 
ATOM   1431 C  C   . GLY A 1 186 ? -21.833 14.071  0.049   1.00 52.66 ? 186  GLY A C   1 
ATOM   1432 O  O   . GLY A 1 186 ? -21.877 14.866  -0.924  1.00 53.08 ? 186  GLY A O   1 
HETATM 1433 MG MG  . MG  B 2 .   ? 1.800   0.610   -4.294  1.00 33.28 ? 5082 MG  A MG  1 
HETATM 1434 O  O   . HOH C 3 .   ? -17.916 15.658  -0.186  1.00 51.15 ? 198  HOH A O   1 
HETATM 1435 O  O   . HOH C 3 .   ? -3.734  -12.718 15.519  1.00 56.73 ? 210  HOH A O   1 
HETATM 1436 O  O   . HOH C 3 .   ? -6.041  22.456  -0.263  1.00 67.42 ? 212  HOH A O   1 
HETATM 1437 O  O   . HOH C 3 .   ? -13.886 22.061  -4.959  1.00 63.94 ? 213  HOH A O   1 
HETATM 1438 O  O   . HOH C 3 .   ? -11.418 10.859  -23.540 1.00 48.43 ? 214  HOH A O   1 
HETATM 1439 O  O   . HOH C 3 .   ? -1.034  -3.116  17.735  1.00 62.43 ? 217  HOH A O   1 
HETATM 1440 O  O   . HOH C 3 .   ? -20.376 -9.363  2.499   1.00 58.26 ? 218  HOH A O   1 
HETATM 1441 O  O   . HOH C 3 .   ? -9.216  -11.416 1.029   1.00 39.85 ? 219  HOH A O   1 
HETATM 1442 O  O   . HOH C 3 .   ? -20.340 1.295   21.092  1.00 61.56 ? 222  HOH A O   1 
HETATM 1443 O  O   . HOH C 3 .   ? 20.525  -14.717 -2.053  1.00 45.52 ? 225  HOH A O   1 
HETATM 1444 O  O   . HOH C 3 .   ? 7.371   3.955   10.431  1.00 61.58 ? 226  HOH A O   1 
HETATM 1445 O  O   . HOH C 3 .   ? 7.173   3.405   -4.757  1.00 49.01 ? 228  HOH A O   1 
HETATM 1446 O  O   . HOH C 3 .   ? 1.523   -1.851  19.091  1.00 55.94 ? 231  HOH A O   1 
HETATM 1447 O  O   . HOH C 3 .   ? 7.082   0.058   12.699  1.00 48.45 ? 234  HOH A O   1 
HETATM 1448 O  O   . HOH C 3 .   ? -1.879  -15.363 17.135  1.00 61.45 ? 235  HOH A O   1 
HETATM 1449 O  O   . HOH C 3 .   ? -23.417 17.682  -4.561  1.00 67.13 ? 236  HOH A O   1 
HETATM 1450 O  O   . HOH C 3 .   ? 23.404  -9.740  2.302   1.00 47.83 ? 237  HOH A O   1 
HETATM 1451 O  O   . HOH C 3 .   ? -20.716 3.572   17.752  1.00 49.62 ? 238  HOH A O   1 
HETATM 1452 O  O   . HOH C 3 .   ? -24.219 20.184  -2.825  1.00 57.76 ? 239  HOH A O   1 
HETATM 1453 O  O   . HOH C 3 .   ? -17.679 -1.075  13.886  1.00 65.80 ? 240  HOH A O   1 
HETATM 1454 O  O   . HOH C 3 .   ? -18.539 17.877  -6.348  1.00 33.17 ? 242  HOH A O   1 
HETATM 1455 O  O   . HOH C 3 .   ? -5.367  3.952   -19.724 1.00 57.68 ? 243  HOH A O   1 
HETATM 1456 O  O   . HOH C 3 .   ? -1.594  1.009   -1.998  1.00 30.04 ? 244  HOH A O   1 
HETATM 1457 O  O   . HOH C 3 .   ? 11.368  -8.179  -12.332 1.00 57.41 ? 246  HOH A O   1 
HETATM 1458 O  O   . HOH C 3 .   ? 15.055  -5.472  12.090  1.00 33.58 ? 247  HOH A O   1 
HETATM 1459 O  O   . HOH C 3 .   ? 11.047  -14.009 4.709   1.00 28.43 ? 248  HOH A O   1 
HETATM 1460 O  O   . HOH C 3 .   ? 2.223   -17.138 2.675   1.00 34.61 ? 249  HOH A O   1 
HETATM 1461 O  O   . HOH C 3 .   ? -2.525  0.157   17.595  1.00 51.39 ? 250  HOH A O   1 
HETATM 1462 O  O   . HOH C 3 .   ? -3.232  -3.270  -10.068 1.00 30.29 ? 251  HOH A O   1 
HETATM 1463 O  O   . HOH C 3 .   ? -5.332  -0.562  -11.278 1.00 36.89 ? 252  HOH A O   1 
HETATM 1464 O  O   . HOH C 3 .   ? -2.012  -13.795 -10.241 1.00 41.44 ? 253  HOH A O   1 
HETATM 1465 O  O   . HOH C 3 .   ? -4.335  -15.843 -0.085  1.00 33.46 ? 254  HOH A O   1 
HETATM 1466 O  O   . HOH C 3 .   ? -5.866  15.728  -0.301  1.00 37.79 ? 257  HOH A O   1 
HETATM 1467 O  O   . HOH C 3 .   ? -12.757 12.973  2.871   1.00 48.22 ? 258  HOH A O   1 
HETATM 1468 O  O   . HOH C 3 .   ? -7.160  18.344  -2.288  1.00 59.51 ? 259  HOH A O   1 
HETATM 1469 O  O   . HOH C 3 .   ? -12.553 15.449  0.879   1.00 56.49 ? 260  HOH A O   1 
HETATM 1470 O  O   . HOH C 3 .   ? 0.694   -1.972  -6.670  1.00 40.01 ? 261  HOH A O   1 
HETATM 1471 O  O   . HOH C 3 .   ? 0.443   6.654   -3.343  1.00 39.13 ? 262  HOH A O   1 
HETATM 1472 O  O   . HOH C 3 .   ? 24.671  -1.090  -1.031  1.00 56.26 ? 263  HOH A O   1 
HETATM 1473 O  O   . HOH C 3 .   ? 9.397   -15.641 6.107   1.00 28.54 ? 264  HOH A O   1 
HETATM 1474 O  O   . HOH C 3 .   ? 8.685   -15.516 1.926   1.00 44.49 ? 265  HOH A O   1 
HETATM 1475 O  O   . HOH C 3 .   ? -15.337 -1.531  6.453   1.00 43.55 ? 266  HOH A O   1 
HETATM 1476 O  O   . HOH C 3 .   ? -10.871 -6.977  7.437   1.00 30.23 ? 267  HOH A O   1 
HETATM 1477 O  O   . HOH C 3 .   ? 1.795   -3.010  8.420   1.00 24.74 ? 268  HOH A O   1 
HETATM 1478 O  O   . HOH C 3 .   ? -22.476 9.653   5.976   1.00 68.39 ? 270  HOH A O   1 
HETATM 1479 O  O   . HOH C 3 .   ? 1.721   10.760  12.117  1.00 51.94 ? 271  HOH A O   1 
HETATM 1480 O  O   . HOH C 3 .   ? 6.930   -1.597  14.885  1.00 67.45 ? 272  HOH A O   1 
HETATM 1481 O  O   . HOH C 3 .   ? 11.207  -1.809  17.484  1.00 68.34 ? 273  HOH A O   1 
HETATM 1482 O  O   . HOH C 3 .   ? 21.943  -7.946  8.822   1.00 81.40 ? 274  HOH A O   1 
HETATM 1483 O  O   . HOH C 3 .   ? 23.822  -5.376  7.445   1.00 71.51 ? 275  HOH A O   1 
HETATM 1484 O  O   . HOH C 3 .   ? -14.616 17.604  -18.666 1.00 43.84 ? 276  HOH A O   1 
HETATM 1485 O  O   . HOH C 3 .   ? -29.572 19.370  -2.674  1.00 63.70 ? 277  HOH A O   1 
HETATM 1486 O  O   . HOH C 3 .   ? -4.821  22.889  -10.038 1.00 71.30 ? 278  HOH A O   1 
HETATM 1487 O  O   . HOH C 3 .   ? 5.744   8.728   -0.825  1.00 48.80 ? 279  HOH A O   1 
HETATM 1488 O  O   . HOH C 3 .   ? -1.024  3.475   -1.339  1.00 41.65 ? 280  HOH A O   1 
HETATM 1489 O  O   . HOH C 3 .   ? 2.964   8.335   -3.630  1.00 41.65 ? 281  HOH A O   1 
HETATM 1490 O  O   . HOH C 3 .   ? 4.362   -8.377  -14.510 1.00 59.87 ? 284  HOH A O   1 
HETATM 1491 O  O   . HOH C 3 .   ? 0.895   -14.392 -9.516  1.00 52.80 ? 285  HOH A O   1 
HETATM 1492 O  O   . HOH C 3 .   ? 17.360  -12.429 -0.406  1.00 33.82 ? 286  HOH A O   1 
HETATM 1493 O  O   . HOH C 3 .   ? -1.834  -7.104  -11.091 1.00 26.06 ? 287  HOH A O   1 
HETATM 1494 O  O   . HOH C 3 .   ? -14.532 -11.389 1.878   1.00 75.28 ? 288  HOH A O   1 
HETATM 1495 O  O   . HOH C 3 .   ? -24.357 14.055  3.752   1.00 72.74 ? 289  HOH A O   1 
HETATM 1496 O  O   . HOH C 3 .   ? -20.752 -9.128  5.326   1.00 61.32 ? 290  HOH A O   1 
HETATM 1497 O  O   . HOH C 3 .   ? -17.933 -9.558  5.643   1.00 50.50 ? 291  HOH A O   1 
HETATM 1498 O  O   . HOH C 3 .   ? 3.134   6.400   12.282  1.00 43.59 ? 292  HOH A O   1 
HETATM 1499 O  O   . HOH C 3 .   ? 5.974   10.306  -4.669  1.00 60.32 ? 5081 HOH A O   1 
HETATM 1500 O  O   . HOH C 3 .   ? 3.787   1.272   -4.642  1.00 37.29 ? 5083 HOH A O   1 
HETATM 1501 O  O   . HOH C 3 .   ? 2.558   -1.137  -4.112  1.00 27.65 ? 5084 HOH A O   1 
HETATM 1502 O  O   . HOH C 3 .   ? 2.028   0.305   -6.194  1.00 27.09 ? 5085 HOH A O   1 
HETATM 1503 O  O   . HOH C 3 .   ? 0.122   -0.418  -4.537  1.00 34.70 ? 5086 HOH A O   1 
# 
